data_2DAF
#
_entry.id   2DAF
#
_entity_poly.entity_id   1
_entity_poly.type   'polypeptide(L)'
_entity_poly.pdbx_seq_one_letter_code
;GSSGSSGQESVEDSLATVKVVLIPVGQEIVIPFKVDTILKYLKDHFSHLLGIPHSVLQIRYSGKILKNNETLVQHGVKPQ
EIVQVEIFSTNPDLYPVRRIDGLTDVSQIITVSGPSSG
;
_entity_poly.pdbx_strand_id   A
#
# COMPACT_ATOMS: atom_id res chain seq x y z
N GLY A 1 -14.06 -6.79 8.03
CA GLY A 1 -15.10 -6.81 7.02
C GLY A 1 -15.10 -8.10 6.22
N SER A 2 -15.37 -8.00 4.92
CA SER A 2 -15.42 -9.16 4.06
C SER A 2 -14.32 -9.10 3.00
N SER A 3 -13.59 -10.20 2.84
CA SER A 3 -12.50 -10.27 1.87
C SER A 3 -12.41 -11.66 1.26
N GLY A 4 -12.74 -11.76 -0.02
CA GLY A 4 -12.69 -13.04 -0.71
C GLY A 4 -13.25 -12.96 -2.11
N SER A 5 -14.53 -12.60 -2.22
CA SER A 5 -15.18 -12.50 -3.53
C SER A 5 -14.27 -11.83 -4.54
N SER A 6 -14.09 -12.48 -5.69
CA SER A 6 -13.24 -11.94 -6.75
C SER A 6 -13.53 -12.64 -8.08
N GLY A 7 -13.80 -11.85 -9.11
CA GLY A 7 -14.09 -12.40 -10.42
C GLY A 7 -12.87 -13.04 -11.05
N GLN A 8 -12.80 -12.99 -12.38
CA GLN A 8 -11.68 -13.57 -13.11
C GLN A 8 -11.07 -12.56 -14.08
N GLU A 9 -9.78 -12.31 -13.94
CA GLU A 9 -9.08 -11.37 -14.81
C GLU A 9 -7.58 -11.42 -14.57
N SER A 10 -6.84 -11.78 -15.62
CA SER A 10 -5.38 -11.87 -15.52
C SER A 10 -4.72 -11.04 -16.61
N VAL A 11 -4.56 -9.75 -16.34
CA VAL A 11 -3.93 -8.84 -17.29
C VAL A 11 -3.26 -7.67 -16.58
N GLU A 12 -2.39 -6.97 -17.30
CA GLU A 12 -1.67 -5.83 -16.73
C GLU A 12 -1.73 -4.63 -17.67
N ASP A 13 -2.88 -4.40 -18.28
CA ASP A 13 -3.06 -3.30 -19.20
C ASP A 13 -3.33 -2.00 -18.44
N SER A 14 -3.99 -2.11 -17.29
CA SER A 14 -4.31 -0.94 -16.48
C SER A 14 -3.49 -0.94 -15.20
N LEU A 15 -3.39 -2.11 -14.56
CA LEU A 15 -2.64 -2.24 -13.32
C LEU A 15 -1.30 -1.52 -13.42
N ALA A 16 -0.97 -0.75 -12.38
CA ALA A 16 0.28 -0.01 -12.35
C ALA A 16 1.12 -0.40 -11.14
N THR A 17 2.40 -0.07 -11.18
CA THR A 17 3.32 -0.38 -10.09
C THR A 17 3.30 0.71 -9.03
N VAL A 18 2.77 0.36 -7.86
CA VAL A 18 2.69 1.31 -6.75
C VAL A 18 3.55 0.86 -5.57
N LYS A 19 4.65 1.57 -5.34
CA LYS A 19 5.55 1.23 -4.25
C LYS A 19 5.04 1.79 -2.92
N VAL A 20 5.11 0.99 -1.87
CA VAL A 20 4.66 1.41 -0.55
C VAL A 20 5.82 1.44 0.44
N VAL A 21 5.93 2.54 1.18
CA VAL A 21 6.99 2.70 2.17
C VAL A 21 6.41 3.07 3.53
N LEU A 22 6.79 2.31 4.56
CA LEU A 22 6.31 2.55 5.91
C LEU A 22 7.06 3.73 6.54
N ILE A 23 6.31 4.69 7.06
CA ILE A 23 6.90 5.86 7.69
C ILE A 23 7.54 5.51 9.02
N PRO A 24 6.73 4.95 9.94
CA PRO A 24 7.20 4.55 11.27
C PRO A 24 8.12 3.34 11.21
N VAL A 25 7.86 2.44 10.27
CA VAL A 25 8.67 1.24 10.11
C VAL A 25 9.88 1.50 9.21
N GLY A 26 9.63 2.15 8.07
CA GLY A 26 10.70 2.46 7.14
C GLY A 26 10.93 1.35 6.15
N GLN A 27 10.17 0.27 6.28
CA GLN A 27 10.30 -0.87 5.37
C GLN A 27 9.80 -0.52 3.97
N GLU A 28 9.98 -1.45 3.04
CA GLU A 28 9.54 -1.23 1.66
C GLU A 28 8.72 -2.42 1.17
N ILE A 29 7.55 -2.12 0.61
CA ILE A 29 6.66 -3.15 0.10
C ILE A 29 6.08 -2.76 -1.26
N VAL A 30 6.13 -3.69 -2.21
CA VAL A 30 5.61 -3.44 -3.56
C VAL A 30 4.40 -4.31 -3.84
N ILE A 31 3.33 -3.69 -4.34
CA ILE A 31 2.10 -4.42 -4.66
C ILE A 31 1.34 -3.73 -5.79
N PRO A 32 0.84 -4.53 -6.74
CA PRO A 32 0.09 -4.02 -7.89
C PRO A 32 -1.28 -3.48 -7.48
N PHE A 33 -1.64 -2.32 -8.02
CA PHE A 33 -2.92 -1.70 -7.72
C PHE A 33 -3.52 -1.05 -8.96
N LYS A 34 -4.84 -1.12 -9.09
CA LYS A 34 -5.54 -0.54 -10.23
C LYS A 34 -5.58 0.98 -10.12
N VAL A 35 -5.43 1.65 -11.26
CA VAL A 35 -5.46 3.11 -11.29
C VAL A 35 -6.88 3.64 -11.25
N ASP A 36 -7.83 2.77 -11.55
CA ASP A 36 -9.25 3.16 -11.54
C ASP A 36 -9.88 2.86 -10.18
N THR A 37 -9.26 1.96 -9.43
CA THR A 37 -9.76 1.58 -8.12
C THR A 37 -9.29 2.56 -7.05
N ILE A 38 -10.22 3.00 -6.20
CA ILE A 38 -9.91 3.93 -5.14
C ILE A 38 -8.74 3.44 -4.30
N LEU A 39 -8.17 4.33 -3.48
CA LEU A 39 -7.06 3.98 -2.63
C LEU A 39 -7.51 3.11 -1.45
N LYS A 40 -8.63 3.48 -0.85
CA LYS A 40 -9.17 2.74 0.28
C LYS A 40 -8.93 1.24 0.11
N TYR A 41 -9.48 0.68 -0.96
CA TYR A 41 -9.32 -0.74 -1.24
C TYR A 41 -7.93 -1.23 -0.82
N LEU A 42 -6.91 -0.50 -1.24
CA LEU A 42 -5.53 -0.85 -0.90
C LEU A 42 -5.24 -0.61 0.58
N LYS A 43 -5.83 0.45 1.12
CA LYS A 43 -5.64 0.80 2.52
C LYS A 43 -6.29 -0.24 3.43
N ASP A 44 -7.62 -0.32 3.38
CA ASP A 44 -8.36 -1.28 4.19
C ASP A 44 -7.58 -2.58 4.36
N HIS A 45 -6.81 -2.93 3.33
CA HIS A 45 -6.01 -4.15 3.36
C HIS A 45 -5.00 -4.11 4.51
N PHE A 46 -4.02 -3.22 4.40
CA PHE A 46 -2.99 -3.08 5.42
C PHE A 46 -3.62 -2.94 6.81
N SER A 47 -4.77 -2.27 6.86
CA SER A 47 -5.47 -2.06 8.12
C SER A 47 -5.75 -3.39 8.82
N HIS A 48 -6.64 -4.18 8.21
CA HIS A 48 -7.00 -5.48 8.77
C HIS A 48 -5.75 -6.28 9.14
N LEU A 49 -4.87 -6.46 8.16
CA LEU A 49 -3.64 -7.21 8.37
C LEU A 49 -2.91 -6.72 9.62
N LEU A 50 -2.66 -5.42 9.68
CA LEU A 50 -1.97 -4.83 10.82
C LEU A 50 -2.81 -4.96 12.09
N GLY A 51 -4.12 -5.04 11.92
CA GLY A 51 -5.02 -5.17 13.05
C GLY A 51 -5.49 -3.83 13.57
N ILE A 52 -5.26 -2.78 12.79
CA ILE A 52 -5.67 -1.43 13.18
C ILE A 52 -6.67 -0.85 12.18
N PRO A 53 -7.57 0.02 12.68
CA PRO A 53 -8.59 0.66 11.85
C PRO A 53 -7.99 1.68 10.88
N HIS A 54 -8.74 2.00 9.84
CA HIS A 54 -8.29 2.98 8.85
C HIS A 54 -8.61 4.40 9.28
N SER A 55 -9.51 4.53 10.26
CA SER A 55 -9.90 5.84 10.76
C SER A 55 -8.68 6.63 11.23
N VAL A 56 -7.61 5.91 11.57
CA VAL A 56 -6.39 6.54 12.04
C VAL A 56 -5.29 6.48 10.97
N LEU A 57 -5.33 5.40 10.18
CA LEU A 57 -4.34 5.22 9.12
C LEU A 57 -4.68 6.05 7.89
N GLN A 58 -3.68 6.70 7.31
CA GLN A 58 -3.87 7.53 6.13
C GLN A 58 -2.75 7.33 5.13
N ILE A 59 -2.84 8.03 4.01
CA ILE A 59 -1.83 7.93 2.96
C ILE A 59 -1.34 9.31 2.53
N ARG A 60 -0.15 9.35 1.92
CA ARG A 60 0.43 10.60 1.46
C ARG A 60 1.04 10.44 0.07
N TYR A 61 0.83 11.43 -0.78
CA TYR A 61 1.36 11.41 -2.15
C TYR A 61 1.66 12.81 -2.64
N SER A 62 2.88 13.04 -3.09
CA SER A 62 3.29 14.33 -3.59
C SER A 62 3.05 15.42 -2.55
N GLY A 63 3.31 15.10 -1.29
CA GLY A 63 3.12 16.06 -0.21
C GLY A 63 1.65 16.42 -0.02
N LYS A 64 0.76 15.56 -0.50
CA LYS A 64 -0.67 15.80 -0.38
C LYS A 64 -1.35 14.68 0.39
N ILE A 65 -2.56 14.93 0.87
CA ILE A 65 -3.31 13.94 1.63
C ILE A 65 -4.40 13.31 0.77
N LEU A 66 -4.14 12.09 0.30
CA LEU A 66 -5.11 11.37 -0.53
C LEU A 66 -6.27 10.86 0.31
N LYS A 67 -7.48 10.92 -0.26
CA LYS A 67 -8.67 10.45 0.43
C LYS A 67 -9.02 9.03 0.01
N ASN A 68 -9.84 8.37 0.82
CA ASN A 68 -10.26 6.99 0.53
C ASN A 68 -11.04 6.93 -0.77
N ASN A 69 -12.12 7.72 -0.86
CA ASN A 69 -12.95 7.75 -2.04
C ASN A 69 -12.18 8.31 -3.25
N GLU A 70 -10.96 8.78 -2.98
CA GLU A 70 -10.11 9.33 -4.04
C GLU A 70 -9.50 8.23 -4.88
N THR A 71 -9.12 8.57 -6.11
CA THR A 71 -8.52 7.60 -7.02
C THR A 71 -7.20 8.13 -7.57
N LEU A 72 -6.35 7.21 -8.04
CA LEU A 72 -5.06 7.58 -8.60
C LEU A 72 -5.23 8.40 -9.88
N VAL A 73 -6.15 7.97 -10.73
CA VAL A 73 -6.40 8.66 -11.99
C VAL A 73 -6.94 10.07 -11.74
N GLN A 74 -7.45 10.29 -10.53
CA GLN A 74 -8.00 11.59 -10.16
C GLN A 74 -6.88 12.59 -9.87
N HIS A 75 -5.77 12.08 -9.33
CA HIS A 75 -4.63 12.92 -9.00
C HIS A 75 -3.71 13.10 -10.21
N GLY A 76 -3.84 12.19 -11.17
CA GLY A 76 -3.02 12.26 -12.37
C GLY A 76 -2.08 11.07 -12.49
N VAL A 77 -2.66 9.87 -12.57
CA VAL A 77 -1.87 8.65 -12.68
C VAL A 77 -2.38 7.79 -13.83
N LYS A 78 -1.47 7.42 -14.74
CA LYS A 78 -1.83 6.60 -15.88
C LYS A 78 -1.53 5.13 -15.60
N PRO A 79 -2.17 4.23 -16.38
CA PRO A 79 -1.99 2.78 -16.23
C PRO A 79 -0.60 2.32 -16.66
N GLN A 80 -0.15 1.21 -16.09
CA GLN A 80 1.16 0.66 -16.42
C GLN A 80 2.27 1.67 -16.10
N GLU A 81 2.16 2.32 -14.94
CA GLU A 81 3.14 3.30 -14.53
C GLU A 81 3.69 2.98 -13.14
N ILE A 82 4.82 3.59 -12.80
CA ILE A 82 5.44 3.36 -11.50
C ILE A 82 5.40 4.62 -10.64
N VAL A 83 5.04 4.45 -9.38
CA VAL A 83 4.96 5.58 -8.45
C VAL A 83 5.46 5.18 -7.06
N GLN A 84 5.47 6.14 -6.15
CA GLN A 84 5.92 5.90 -4.78
C GLN A 84 5.04 6.63 -3.78
N VAL A 85 4.49 5.88 -2.83
CA VAL A 85 3.63 6.46 -1.80
C VAL A 85 4.08 6.05 -0.41
N GLU A 86 3.77 6.88 0.57
CA GLU A 86 4.15 6.60 1.96
C GLU A 86 2.91 6.35 2.82
N ILE A 87 3.05 5.48 3.80
CA ILE A 87 1.95 5.14 4.70
C ILE A 87 2.30 5.48 6.14
N PHE A 88 1.29 5.89 6.91
CA PHE A 88 1.49 6.23 8.31
C PHE A 88 0.16 6.35 9.04
N SER A 89 0.20 6.34 10.37
CA SER A 89 -1.00 6.44 11.19
C SER A 89 -0.98 7.71 12.01
N THR A 90 -2.11 8.42 12.02
CA THR A 90 -2.24 9.66 12.77
C THR A 90 -2.05 9.42 14.27
N ASN A 91 -2.61 8.32 14.76
CA ASN A 91 -2.49 7.97 16.18
C ASN A 91 -1.62 6.73 16.36
N PRO A 92 -0.29 6.93 16.36
CA PRO A 92 0.67 5.84 16.53
C PRO A 92 0.66 5.28 17.95
N ASP A 93 0.46 6.16 18.93
CA ASP A 93 0.43 5.74 20.33
C ASP A 93 -0.72 4.76 20.58
N LEU A 94 -1.84 4.99 19.91
CA LEU A 94 -3.01 4.13 20.06
C LEU A 94 -2.97 2.98 19.06
N TYR A 95 -2.81 3.33 17.78
CA TYR A 95 -2.76 2.32 16.72
C TYR A 95 -1.49 2.47 15.90
N PRO A 96 -0.37 1.93 16.42
CA PRO A 96 0.93 1.99 15.75
C PRO A 96 0.97 1.11 14.50
N VAL A 97 1.89 1.43 13.59
CA VAL A 97 2.03 0.66 12.35
C VAL A 97 3.16 -0.37 12.47
N ARG A 98 2.83 -1.62 12.19
CA ARG A 98 3.80 -2.70 12.27
C ARG A 98 4.09 -3.27 10.89
N ARG A 99 5.05 -4.19 10.82
CA ARG A 99 5.43 -4.82 9.55
C ARG A 99 4.40 -5.86 9.13
N ILE A 100 4.32 -6.10 7.83
CA ILE A 100 3.37 -7.08 7.29
C ILE A 100 3.92 -8.50 7.44
N ASP A 101 3.00 -9.45 7.57
CA ASP A 101 3.39 -10.86 7.72
C ASP A 101 2.69 -11.72 6.67
N GLY A 102 3.41 -12.71 6.15
CA GLY A 102 2.84 -13.59 5.14
C GLY A 102 3.80 -13.84 3.99
N LEU A 103 4.41 -12.78 3.49
CA LEU A 103 5.36 -12.89 2.39
C LEU A 103 6.66 -12.15 2.70
N THR A 104 7.73 -12.54 2.01
CA THR A 104 9.03 -11.92 2.21
C THR A 104 9.58 -11.36 0.91
N ASP A 105 9.51 -10.04 0.77
CA ASP A 105 9.99 -9.37 -0.43
C ASP A 105 11.35 -8.71 -0.18
N VAL A 106 12.04 -8.35 -1.25
CA VAL A 106 13.35 -7.71 -1.14
C VAL A 106 13.48 -6.55 -2.11
N SER A 107 14.36 -5.61 -1.80
CA SER A 107 14.57 -4.44 -2.64
C SER A 107 16.05 -4.04 -2.63
N GLN A 108 16.38 -3.03 -3.44
CA GLN A 108 17.75 -2.55 -3.53
C GLN A 108 17.79 -1.02 -3.58
N ILE A 109 18.99 -0.46 -3.46
CA ILE A 109 19.16 0.98 -3.50
C ILE A 109 20.64 1.36 -3.48
N ILE A 110 20.94 2.59 -3.92
CA ILE A 110 22.30 3.07 -3.94
C ILE A 110 22.35 4.60 -4.01
N THR A 111 23.39 5.17 -3.43
CA THR A 111 23.55 6.62 -3.42
C THR A 111 25.03 7.02 -3.45
N VAL A 112 25.32 8.15 -4.09
CA VAL A 112 26.69 8.63 -4.19
C VAL A 112 26.99 9.68 -3.13
N SER A 113 28.14 9.54 -2.47
CA SER A 113 28.54 10.47 -1.42
C SER A 113 29.30 11.66 -2.00
N GLY A 114 29.57 12.64 -1.17
CA GLY A 114 30.29 13.82 -1.62
C GLY A 114 31.79 13.58 -1.70
N PRO A 115 32.44 14.22 -2.69
CA PRO A 115 33.88 14.09 -2.90
C PRO A 115 34.69 14.77 -1.80
N SER A 116 36.02 14.78 -1.96
CA SER A 116 36.90 15.39 -0.98
C SER A 116 36.65 16.90 -0.90
N SER A 117 37.42 17.57 -0.05
CA SER A 117 37.28 19.01 0.14
C SER A 117 38.18 19.78 -0.84
N GLY A 118 39.48 19.52 -0.76
CA GLY A 118 40.42 20.18 -1.65
C GLY A 118 40.50 19.53 -3.01
N GLY A 1 -21.48 -10.26 12.46
CA GLY A 1 -20.09 -10.42 12.86
C GLY A 1 -19.13 -10.01 11.76
N SER A 2 -17.91 -9.63 12.15
CA SER A 2 -16.90 -9.19 11.19
C SER A 2 -16.34 -10.39 10.43
N SER A 3 -16.84 -10.60 9.22
CA SER A 3 -16.39 -11.70 8.39
C SER A 3 -16.97 -11.59 6.98
N GLY A 4 -16.15 -11.90 5.98
CA GLY A 4 -16.59 -11.83 4.60
C GLY A 4 -15.67 -12.58 3.66
N SER A 5 -16.25 -13.16 2.60
CA SER A 5 -15.48 -13.92 1.62
C SER A 5 -14.40 -13.04 1.01
N SER A 6 -13.23 -13.64 0.77
CA SER A 6 -12.10 -12.92 0.19
C SER A 6 -12.48 -12.32 -1.16
N GLY A 7 -13.12 -13.12 -2.01
CA GLY A 7 -13.53 -12.64 -3.31
C GLY A 7 -12.36 -12.27 -4.19
N GLN A 8 -11.56 -13.26 -4.58
CA GLN A 8 -10.40 -13.03 -5.43
C GLN A 8 -10.82 -12.67 -6.85
N GLU A 9 -10.57 -11.41 -7.22
CA GLU A 9 -10.93 -10.93 -8.55
C GLU A 9 -9.87 -11.33 -9.58
N SER A 10 -8.62 -11.02 -9.27
CA SER A 10 -7.51 -11.35 -10.17
C SER A 10 -7.74 -10.75 -11.55
N VAL A 11 -7.97 -9.44 -11.59
CA VAL A 11 -8.21 -8.74 -12.85
C VAL A 11 -6.98 -7.93 -13.27
N GLU A 12 -6.38 -8.30 -14.39
CA GLU A 12 -5.20 -7.60 -14.89
C GLU A 12 -5.59 -6.59 -15.98
N ASP A 13 -5.91 -5.37 -15.56
CA ASP A 13 -6.30 -4.32 -16.49
C ASP A 13 -5.98 -2.95 -15.92
N SER A 14 -5.08 -2.23 -16.59
CA SER A 14 -4.68 -0.89 -16.15
C SER A 14 -3.99 -0.96 -14.79
N LEU A 15 -3.10 -1.93 -14.63
CA LEU A 15 -2.38 -2.12 -13.38
C LEU A 15 -1.09 -1.29 -13.38
N ALA A 16 -0.74 -0.75 -12.23
CA ALA A 16 0.47 0.05 -12.09
C ALA A 16 1.29 -0.38 -10.87
N THR A 17 2.60 -0.22 -10.96
CA THR A 17 3.49 -0.59 -9.86
C THR A 17 3.50 0.47 -8.78
N VAL A 18 2.73 0.24 -7.72
CA VAL A 18 2.65 1.19 -6.62
C VAL A 18 3.56 0.76 -5.47
N LYS A 19 4.58 1.56 -5.20
CA LYS A 19 5.52 1.27 -4.12
C LYS A 19 5.03 1.84 -2.80
N VAL A 20 5.17 1.07 -1.72
CA VAL A 20 4.75 1.51 -0.40
C VAL A 20 5.92 1.49 0.58
N VAL A 21 6.09 2.60 1.30
CA VAL A 21 7.17 2.72 2.28
C VAL A 21 6.62 3.06 3.66
N LEU A 22 7.04 2.28 4.66
CA LEU A 22 6.59 2.50 6.02
C LEU A 22 7.34 3.65 6.67
N ILE A 23 6.61 4.62 7.21
CA ILE A 23 7.21 5.78 7.85
C ILE A 23 7.84 5.40 9.19
N PRO A 24 7.01 4.85 10.10
CA PRO A 24 7.45 4.43 11.42
C PRO A 24 8.36 3.20 11.37
N VAL A 25 8.26 2.45 10.27
CA VAL A 25 9.07 1.25 10.10
C VAL A 25 10.23 1.51 9.14
N GLY A 26 9.90 1.92 7.92
CA GLY A 26 10.92 2.19 6.92
C GLY A 26 11.04 1.09 5.90
N GLN A 27 10.29 0.01 6.10
CA GLN A 27 10.32 -1.14 5.19
C GLN A 27 9.67 -0.78 3.86
N GLU A 28 10.05 -1.49 2.81
CA GLU A 28 9.49 -1.25 1.48
C GLU A 28 8.62 -2.42 1.03
N ILE A 29 7.46 -2.10 0.44
CA ILE A 29 6.54 -3.12 -0.03
C ILE A 29 6.04 -2.79 -1.44
N VAL A 30 5.94 -3.83 -2.27
CA VAL A 30 5.47 -3.66 -3.64
C VAL A 30 4.20 -4.46 -3.89
N ILE A 31 3.17 -3.78 -4.37
CA ILE A 31 1.89 -4.43 -4.65
C ILE A 31 1.16 -3.74 -5.81
N PRO A 32 0.66 -4.55 -6.75
CA PRO A 32 -0.06 -4.05 -7.92
C PRO A 32 -1.42 -3.46 -7.56
N PHE A 33 -1.66 -2.23 -7.99
CA PHE A 33 -2.93 -1.55 -7.70
C PHE A 33 -3.55 -1.01 -9.00
N LYS A 34 -4.87 -1.12 -9.08
CA LYS A 34 -5.60 -0.64 -10.25
C LYS A 34 -5.81 0.87 -10.19
N VAL A 35 -5.32 1.57 -11.20
CA VAL A 35 -5.45 3.03 -11.26
C VAL A 35 -6.92 3.44 -11.22
N ASP A 36 -7.80 2.52 -11.62
CA ASP A 36 -9.23 2.80 -11.63
C ASP A 36 -9.86 2.43 -10.30
N THR A 37 -9.09 1.77 -9.44
CA THR A 37 -9.58 1.37 -8.13
C THR A 37 -9.23 2.40 -7.07
N ILE A 38 -10.25 2.87 -6.35
CA ILE A 38 -10.05 3.86 -5.30
C ILE A 38 -8.88 3.48 -4.40
N LEU A 39 -8.43 4.43 -3.58
CA LEU A 39 -7.33 4.19 -2.66
C LEU A 39 -7.76 3.34 -1.48
N LYS A 40 -8.96 3.60 -0.97
CA LYS A 40 -9.50 2.86 0.16
C LYS A 40 -9.11 1.38 0.07
N TYR A 41 -9.47 0.74 -1.03
CA TYR A 41 -9.15 -0.66 -1.23
C TYR A 41 -7.79 -1.01 -0.65
N LEU A 42 -6.75 -0.33 -1.13
CA LEU A 42 -5.40 -0.56 -0.65
C LEU A 42 -5.29 -0.32 0.85
N LYS A 43 -5.95 0.74 1.32
CA LYS A 43 -5.94 1.07 2.74
C LYS A 43 -6.45 -0.11 3.58
N ASP A 44 -7.62 -0.61 3.22
CA ASP A 44 -8.21 -1.74 3.94
C ASP A 44 -7.27 -2.94 3.95
N HIS A 45 -6.66 -3.20 2.79
CA HIS A 45 -5.74 -4.33 2.67
C HIS A 45 -4.71 -4.32 3.80
N PHE A 46 -4.32 -3.13 4.23
CA PHE A 46 -3.35 -2.99 5.31
C PHE A 46 -4.05 -2.91 6.66
N SER A 47 -4.82 -1.85 6.86
CA SER A 47 -5.55 -1.64 8.12
C SER A 47 -5.99 -2.98 8.70
N HIS A 48 -6.66 -3.78 7.88
CA HIS A 48 -7.14 -5.09 8.32
C HIS A 48 -5.99 -5.99 8.74
N LEU A 49 -4.99 -6.12 7.86
CA LEU A 49 -3.83 -6.95 8.15
C LEU A 49 -3.09 -6.45 9.39
N LEU A 50 -2.58 -5.23 9.30
CA LEU A 50 -1.84 -4.63 10.42
C LEU A 50 -2.63 -4.77 11.72
N GLY A 51 -3.95 -4.91 11.59
CA GLY A 51 -4.78 -5.05 12.77
C GLY A 51 -5.42 -3.74 13.20
N ILE A 52 -4.77 -2.63 12.85
CA ILE A 52 -5.27 -1.30 13.21
C ILE A 52 -6.30 -0.83 12.19
N PRO A 53 -7.24 0.01 12.65
CA PRO A 53 -8.30 0.55 11.79
C PRO A 53 -7.76 1.56 10.79
N HIS A 54 -8.41 1.64 9.63
CA HIS A 54 -7.99 2.56 8.57
C HIS A 54 -8.28 4.00 8.98
N SER A 55 -9.13 4.18 9.99
CA SER A 55 -9.48 5.51 10.47
C SER A 55 -8.24 6.33 10.80
N VAL A 56 -7.45 5.82 11.74
CA VAL A 56 -6.23 6.50 12.15
C VAL A 56 -5.18 6.44 11.05
N LEU A 57 -5.06 5.29 10.40
CA LEU A 57 -4.09 5.10 9.33
C LEU A 57 -4.43 5.98 8.12
N GLN A 58 -3.41 6.58 7.53
CA GLN A 58 -3.61 7.44 6.37
C GLN A 58 -2.45 7.30 5.38
N ILE A 59 -2.64 7.82 4.18
CA ILE A 59 -1.61 7.75 3.14
C ILE A 59 -1.22 9.15 2.67
N ARG A 60 -0.03 9.25 2.07
CA ARG A 60 0.46 10.52 1.57
C ARG A 60 1.06 10.37 0.18
N TYR A 61 0.60 11.19 -0.76
CA TYR A 61 1.09 11.14 -2.13
C TYR A 61 1.19 12.55 -2.73
N SER A 62 2.37 12.88 -3.22
CA SER A 62 2.59 14.20 -3.82
C SER A 62 2.55 15.30 -2.75
N GLY A 63 2.93 14.94 -1.52
CA GLY A 63 2.92 15.90 -0.44
C GLY A 63 1.53 16.31 -0.03
N LYS A 64 0.52 15.72 -0.68
CA LYS A 64 -0.87 16.03 -0.39
C LYS A 64 -1.59 14.81 0.18
N ILE A 65 -2.52 15.05 1.10
CA ILE A 65 -3.28 13.97 1.72
C ILE A 65 -4.41 13.51 0.81
N LEU A 66 -4.42 12.22 0.49
CA LEU A 66 -5.45 11.66 -0.38
C LEU A 66 -6.66 11.19 0.45
N LYS A 67 -7.68 10.68 -0.24
CA LYS A 67 -8.88 10.19 0.42
C LYS A 67 -9.28 8.82 -0.11
N ASN A 68 -10.36 8.27 0.44
CA ASN A 68 -10.85 6.97 0.02
C ASN A 68 -11.57 7.07 -1.33
N ASN A 69 -12.62 7.86 -1.37
CA ASN A 69 -13.40 8.04 -2.59
C ASN A 69 -12.51 8.53 -3.73
N GLU A 70 -11.30 8.97 -3.39
CA GLU A 70 -10.36 9.47 -4.37
C GLU A 70 -9.73 8.31 -5.15
N THR A 71 -9.58 8.50 -6.47
CA THR A 71 -9.00 7.48 -7.32
C THR A 71 -7.66 7.94 -7.89
N LEU A 72 -6.77 6.98 -8.12
CA LEU A 72 -5.45 7.29 -8.66
C LEU A 72 -5.55 8.07 -9.97
N VAL A 73 -6.41 7.58 -10.87
CA VAL A 73 -6.61 8.24 -12.16
C VAL A 73 -7.14 9.66 -11.98
N GLN A 74 -7.96 9.85 -10.95
CA GLN A 74 -8.52 11.16 -10.67
C GLN A 74 -7.43 12.16 -10.29
N HIS A 75 -6.34 11.64 -9.74
CA HIS A 75 -5.22 12.49 -9.32
C HIS A 75 -4.26 12.72 -10.48
N GLY A 76 -4.21 11.76 -11.41
CA GLY A 76 -3.32 11.88 -12.55
C GLY A 76 -2.34 10.73 -12.66
N VAL A 77 -2.87 9.51 -12.61
CA VAL A 77 -2.03 8.31 -12.70
C VAL A 77 -2.47 7.42 -13.85
N LYS A 78 -1.54 7.06 -14.71
CA LYS A 78 -1.81 6.20 -15.85
C LYS A 78 -1.38 4.76 -15.58
N PRO A 79 -1.94 3.83 -16.36
CA PRO A 79 -1.62 2.40 -16.22
C PRO A 79 -0.20 2.08 -16.68
N GLN A 80 0.40 1.07 -16.06
CA GLN A 80 1.76 0.66 -16.40
C GLN A 80 2.76 1.75 -16.04
N GLU A 81 2.60 2.30 -14.84
CA GLU A 81 3.50 3.36 -14.37
C GLU A 81 4.03 3.04 -12.97
N ILE A 82 5.13 3.68 -12.61
CA ILE A 82 5.75 3.46 -11.31
C ILE A 82 5.61 4.70 -10.43
N VAL A 83 5.04 4.52 -9.23
CA VAL A 83 4.85 5.61 -8.30
C VAL A 83 5.42 5.28 -6.92
N GLN A 84 5.38 6.24 -6.02
CA GLN A 84 5.90 6.04 -4.66
C GLN A 84 5.00 6.71 -3.64
N VAL A 85 4.59 5.94 -2.63
CA VAL A 85 3.72 6.46 -1.57
C VAL A 85 4.21 6.03 -0.20
N GLU A 86 3.98 6.88 0.79
CA GLU A 86 4.40 6.57 2.17
C GLU A 86 3.19 6.34 3.06
N ILE A 87 3.28 5.34 3.93
CA ILE A 87 2.20 5.01 4.84
C ILE A 87 2.58 5.32 6.28
N PHE A 88 1.61 5.82 7.05
CA PHE A 88 1.85 6.17 8.45
C PHE A 88 0.54 6.22 9.22
N SER A 89 0.64 6.40 10.54
CA SER A 89 -0.54 6.46 11.39
C SER A 89 -0.53 7.73 12.24
N THR A 90 -1.69 8.39 12.31
CA THR A 90 -1.80 9.62 13.08
C THR A 90 -1.70 9.34 14.57
N ASN A 91 -2.30 8.24 15.01
CA ASN A 91 -2.28 7.86 16.42
C ASN A 91 -1.41 6.63 16.64
N PRO A 92 -0.08 6.85 16.70
CA PRO A 92 0.89 5.76 16.91
C PRO A 92 0.81 5.17 18.31
N ASP A 93 0.40 5.99 19.28
CA ASP A 93 0.28 5.55 20.66
C ASP A 93 -0.89 4.58 20.82
N LEU A 94 -2.00 4.87 20.15
CA LEU A 94 -3.18 4.02 20.21
C LEU A 94 -3.11 2.91 19.18
N TYR A 95 -2.83 3.27 17.94
CA TYR A 95 -2.74 2.30 16.85
C TYR A 95 -1.42 2.45 16.10
N PRO A 96 -0.34 1.91 16.68
CA PRO A 96 0.99 1.97 16.08
C PRO A 96 1.10 1.10 14.83
N VAL A 97 2.04 1.46 13.95
CA VAL A 97 2.25 0.71 12.72
C VAL A 97 3.34 -0.34 12.89
N ARG A 98 3.11 -1.51 12.30
CA ARG A 98 4.08 -2.60 12.39
C ARG A 98 4.50 -3.07 11.00
N ARG A 99 5.37 -4.07 10.96
CA ARG A 99 5.86 -4.61 9.69
C ARG A 99 5.09 -5.86 9.30
N ILE A 100 5.06 -6.15 8.00
CA ILE A 100 4.35 -7.32 7.50
C ILE A 100 5.25 -8.13 6.56
N ASP A 101 5.26 -9.44 6.76
CA ASP A 101 6.06 -10.33 5.93
C ASP A 101 5.20 -11.41 5.29
N GLY A 102 4.67 -11.13 4.11
CA GLY A 102 3.83 -12.09 3.42
C GLY A 102 4.56 -12.78 2.28
N LEU A 103 5.69 -12.23 1.89
CA LEU A 103 6.48 -12.80 0.80
C LEU A 103 7.98 -12.77 1.13
N THR A 104 8.74 -13.62 0.47
CA THR A 104 10.19 -13.68 0.69
C THR A 104 10.87 -12.42 0.17
N ASP A 105 11.94 -12.01 0.85
CA ASP A 105 12.68 -10.82 0.45
C ASP A 105 13.78 -11.18 -0.55
N VAL A 106 14.42 -10.17 -1.12
CA VAL A 106 15.48 -10.38 -2.09
C VAL A 106 16.86 -10.20 -1.45
N SER A 107 17.66 -11.27 -1.49
CA SER A 107 19.00 -11.23 -0.91
C SER A 107 19.81 -12.43 -1.38
N GLN A 108 21.08 -12.45 -1.00
CA GLN A 108 21.98 -13.54 -1.37
C GLN A 108 22.24 -14.46 -0.18
N ILE A 109 22.33 -13.87 1.01
CA ILE A 109 22.58 -14.64 2.22
C ILE A 109 22.39 -13.78 3.46
N ILE A 110 21.93 -14.39 4.54
CA ILE A 110 21.70 -13.69 5.79
C ILE A 110 22.21 -14.49 6.98
N THR A 111 22.86 -13.81 7.92
CA THR A 111 23.39 -14.47 9.11
C THR A 111 22.48 -15.61 9.57
N VAL A 112 21.33 -15.26 10.11
CA VAL A 112 20.37 -16.26 10.58
C VAL A 112 19.96 -17.20 9.44
N SER A 113 19.29 -18.29 9.81
CA SER A 113 18.84 -19.27 8.82
C SER A 113 17.32 -19.33 8.78
N GLY A 114 16.78 -19.44 7.56
CA GLY A 114 15.33 -19.51 7.41
C GLY A 114 14.89 -19.17 6.00
N PRO A 115 14.70 -17.87 5.72
CA PRO A 115 14.28 -17.38 4.41
C PRO A 115 15.37 -17.55 3.35
N SER A 116 16.56 -17.92 3.79
CA SER A 116 17.69 -18.10 2.89
C SER A 116 17.72 -19.53 2.35
N SER A 117 18.01 -19.67 1.06
CA SER A 117 18.07 -20.99 0.42
C SER A 117 19.40 -21.67 0.73
N GLY A 118 19.32 -22.95 1.09
CA GLY A 118 20.52 -23.70 1.39
C GLY A 118 21.44 -23.84 0.20
N GLY A 1 -19.37 -6.46 -0.47
CA GLY A 1 -19.76 -7.79 -0.88
C GLY A 1 -18.68 -8.50 -1.67
N SER A 2 -18.81 -9.82 -1.81
CA SER A 2 -17.83 -10.61 -2.54
C SER A 2 -17.94 -10.34 -4.05
N SER A 3 -17.05 -10.97 -4.81
CA SER A 3 -17.05 -10.80 -6.26
C SER A 3 -16.11 -11.81 -6.92
N GLY A 4 -16.31 -12.04 -8.21
CA GLY A 4 -15.47 -12.98 -8.95
C GLY A 4 -15.16 -12.51 -10.35
N SER A 5 -14.11 -13.07 -10.93
CA SER A 5 -13.70 -12.71 -12.29
C SER A 5 -13.69 -13.92 -13.21
N SER A 6 -14.44 -13.83 -14.30
CA SER A 6 -14.54 -14.92 -15.26
C SER A 6 -14.04 -14.48 -16.63
N GLY A 7 -12.79 -14.84 -16.95
CA GLY A 7 -12.22 -14.47 -18.23
C GLY A 7 -10.95 -13.66 -18.09
N GLN A 8 -11.08 -12.46 -17.52
CA GLN A 8 -9.93 -11.57 -17.33
C GLN A 8 -9.37 -11.72 -15.92
N GLU A 9 -8.92 -12.92 -15.58
CA GLU A 9 -8.36 -13.19 -14.26
C GLU A 9 -6.93 -12.65 -14.16
N SER A 10 -6.05 -13.18 -14.99
CA SER A 10 -4.66 -12.76 -15.00
C SER A 10 -4.42 -11.65 -16.01
N VAL A 11 -4.94 -10.46 -15.71
CA VAL A 11 -4.77 -9.32 -16.60
C VAL A 11 -4.09 -8.15 -15.89
N GLU A 12 -3.05 -7.62 -16.52
CA GLU A 12 -2.30 -6.51 -15.94
C GLU A 12 -2.31 -5.30 -16.87
N ASP A 13 -3.44 -5.10 -17.55
CA ASP A 13 -3.59 -3.98 -18.48
C ASP A 13 -3.78 -2.67 -17.72
N SER A 14 -4.67 -2.69 -16.74
CA SER A 14 -4.95 -1.50 -15.93
C SER A 14 -4.34 -1.62 -14.54
N LEU A 15 -3.08 -2.05 -14.49
CA LEU A 15 -2.39 -2.21 -13.22
C LEU A 15 -1.13 -1.35 -13.17
N ALA A 16 -1.01 -0.55 -12.12
CA ALA A 16 0.14 0.33 -11.96
C ALA A 16 0.97 -0.08 -10.73
N THR A 17 2.28 -0.17 -10.93
CA THR A 17 3.18 -0.55 -9.85
C THR A 17 3.28 0.56 -8.80
N VAL A 18 2.59 0.35 -7.68
CA VAL A 18 2.60 1.33 -6.59
C VAL A 18 3.52 0.88 -5.46
N LYS A 19 4.63 1.57 -5.29
CA LYS A 19 5.59 1.26 -4.24
C LYS A 19 5.19 1.91 -2.92
N VAL A 20 4.99 1.09 -1.89
CA VAL A 20 4.60 1.59 -0.58
C VAL A 20 5.80 1.60 0.37
N VAL A 21 5.88 2.64 1.20
CA VAL A 21 6.96 2.77 2.16
C VAL A 21 6.43 3.10 3.55
N LEU A 22 6.91 2.36 4.54
CA LEU A 22 6.49 2.56 5.92
C LEU A 22 7.27 3.71 6.57
N ILE A 23 6.53 4.69 7.08
CA ILE A 23 7.14 5.85 7.73
C ILE A 23 7.76 5.47 9.07
N PRO A 24 6.92 4.93 9.96
CA PRO A 24 7.36 4.51 11.30
C PRO A 24 8.25 3.27 11.25
N VAL A 25 8.05 2.44 10.24
CA VAL A 25 8.84 1.23 10.08
C VAL A 25 10.03 1.46 9.16
N GLY A 26 9.74 1.92 7.94
CA GLY A 26 10.80 2.18 6.98
C GLY A 26 10.90 1.09 5.91
N GLN A 27 10.15 0.01 6.11
CA GLN A 27 10.15 -1.09 5.16
C GLN A 27 9.30 -0.78 3.94
N GLU A 28 9.80 -1.15 2.76
CA GLU A 28 9.08 -0.90 1.51
C GLU A 28 8.35 -2.15 1.05
N ILE A 29 7.28 -1.95 0.29
CA ILE A 29 6.49 -3.06 -0.23
C ILE A 29 5.91 -2.74 -1.60
N VAL A 30 6.09 -3.65 -2.55
CA VAL A 30 5.59 -3.47 -3.91
C VAL A 30 4.37 -4.34 -4.16
N ILE A 31 3.26 -3.70 -4.53
CA ILE A 31 2.02 -4.43 -4.81
C ILE A 31 1.26 -3.79 -5.96
N PRO A 32 0.75 -4.63 -6.88
CA PRO A 32 0.00 -4.18 -8.04
C PRO A 32 -1.37 -3.61 -7.66
N PHE A 33 -1.58 -2.33 -7.97
CA PHE A 33 -2.85 -1.67 -7.65
C PHE A 33 -3.52 -1.17 -8.92
N LYS A 34 -4.85 -1.05 -8.87
CA LYS A 34 -5.62 -0.57 -10.02
C LYS A 34 -5.75 0.95 -10.00
N VAL A 35 -5.56 1.57 -11.16
CA VAL A 35 -5.66 3.01 -11.27
C VAL A 35 -7.11 3.46 -11.39
N ASP A 36 -7.98 2.53 -11.77
CA ASP A 36 -9.41 2.83 -11.91
C ASP A 36 -10.19 2.36 -10.69
N THR A 37 -9.50 2.25 -9.56
CA THR A 37 -10.12 1.80 -8.32
C THR A 37 -9.73 2.70 -7.15
N ILE A 38 -10.71 3.01 -6.30
CA ILE A 38 -10.47 3.85 -5.14
C ILE A 38 -9.28 3.35 -4.32
N LEU A 39 -8.67 4.24 -3.55
CA LEU A 39 -7.52 3.87 -2.71
C LEU A 39 -7.96 2.98 -1.56
N LYS A 40 -9.16 3.23 -1.05
CA LYS A 40 -9.70 2.45 0.06
C LYS A 40 -9.29 0.99 -0.05
N TYR A 41 -9.62 0.37 -1.18
CA TYR A 41 -9.29 -1.03 -1.42
C TYR A 41 -7.94 -1.39 -0.79
N LEU A 42 -6.90 -0.69 -1.22
CA LEU A 42 -5.55 -0.92 -0.69
C LEU A 42 -5.46 -0.52 0.78
N LYS A 43 -6.12 0.58 1.13
CA LYS A 43 -6.11 1.06 2.50
C LYS A 43 -6.50 -0.05 3.47
N ASP A 44 -7.70 -0.60 3.30
CA ASP A 44 -8.20 -1.67 4.15
C ASP A 44 -7.23 -2.85 4.15
N HIS A 45 -6.87 -3.32 2.96
CA HIS A 45 -5.96 -4.44 2.81
C HIS A 45 -4.88 -4.40 3.89
N PHE A 46 -4.41 -3.19 4.20
CA PHE A 46 -3.37 -3.02 5.23
C PHE A 46 -3.99 -2.87 6.61
N SER A 47 -4.90 -1.91 6.75
CA SER A 47 -5.56 -1.66 8.03
C SER A 47 -5.89 -2.98 8.73
N HIS A 48 -6.70 -3.81 8.07
CA HIS A 48 -7.09 -5.09 8.62
C HIS A 48 -5.86 -5.92 9.00
N LEU A 49 -4.98 -6.13 8.03
CA LEU A 49 -3.76 -6.90 8.26
C LEU A 49 -3.04 -6.42 9.52
N LEU A 50 -2.59 -5.17 9.50
CA LEU A 50 -1.88 -4.59 10.63
C LEU A 50 -2.68 -4.77 11.91
N GLY A 51 -4.00 -4.90 11.77
CA GLY A 51 -4.85 -5.08 12.94
C GLY A 51 -5.33 -3.76 13.51
N ILE A 52 -5.01 -2.66 12.82
CA ILE A 52 -5.41 -1.34 13.27
C ILE A 52 -6.42 -0.72 12.30
N PRO A 53 -7.30 0.15 12.84
CA PRO A 53 -8.32 0.84 12.04
C PRO A 53 -7.72 1.86 11.08
N HIS A 54 -8.42 2.11 9.98
CA HIS A 54 -7.96 3.07 8.98
C HIS A 54 -8.22 4.50 9.44
N SER A 55 -9.06 4.64 10.46
CA SER A 55 -9.41 5.95 10.99
C SER A 55 -8.15 6.70 11.42
N VAL A 56 -7.10 5.95 11.76
CA VAL A 56 -5.84 6.56 12.18
C VAL A 56 -4.79 6.46 11.07
N LEU A 57 -4.86 5.40 10.30
CA LEU A 57 -3.91 5.19 9.20
C LEU A 57 -4.23 6.10 8.03
N GLN A 58 -3.20 6.70 7.43
CA GLN A 58 -3.37 7.59 6.30
C GLN A 58 -2.31 7.34 5.24
N ILE A 59 -2.54 7.84 4.03
CA ILE A 59 -1.60 7.67 2.93
C ILE A 59 -1.22 9.01 2.33
N ARG A 60 0.09 9.25 2.21
CA ARG A 60 0.58 10.50 1.64
C ARG A 60 1.22 10.26 0.28
N TYR A 61 0.82 11.06 -0.69
CA TYR A 61 1.35 10.93 -2.06
C TYR A 61 1.68 12.31 -2.64
N SER A 62 2.91 12.45 -3.13
CA SER A 62 3.36 13.70 -3.72
C SER A 62 3.15 14.86 -2.74
N GLY A 63 3.38 14.60 -1.46
CA GLY A 63 3.22 15.63 -0.45
C GLY A 63 1.76 16.01 -0.25
N LYS A 64 0.86 15.08 -0.55
CA LYS A 64 -0.57 15.33 -0.40
C LYS A 64 -1.23 14.23 0.44
N ILE A 65 -2.38 14.55 1.02
CA ILE A 65 -3.10 13.60 1.84
C ILE A 65 -4.23 12.94 1.06
N LEU A 66 -3.92 11.81 0.44
CA LEU A 66 -4.91 11.07 -0.34
C LEU A 66 -6.08 10.63 0.52
N LYS A 67 -7.21 10.32 -0.12
CA LYS A 67 -8.40 9.89 0.60
C LYS A 67 -8.90 8.54 0.07
N ASN A 68 -10.03 8.09 0.60
CA ASN A 68 -10.61 6.81 0.18
C ASN A 68 -11.34 6.96 -1.15
N ASN A 69 -12.37 7.81 -1.17
CA ASN A 69 -13.15 8.03 -2.37
C ASN A 69 -12.27 8.52 -3.51
N GLU A 70 -11.11 9.08 -3.16
CA GLU A 70 -10.17 9.58 -4.16
C GLU A 70 -9.58 8.44 -4.98
N THR A 71 -9.57 8.60 -6.30
CA THR A 71 -9.04 7.58 -7.19
C THR A 71 -7.63 7.94 -7.65
N LEU A 72 -6.89 6.94 -8.12
CA LEU A 72 -5.53 7.16 -8.58
C LEU A 72 -5.52 8.02 -9.84
N VAL A 73 -6.32 7.65 -10.82
CA VAL A 73 -6.40 8.40 -12.07
C VAL A 73 -6.80 9.85 -11.82
N GLN A 74 -7.52 10.07 -10.72
CA GLN A 74 -7.97 11.41 -10.36
C GLN A 74 -6.79 12.30 -10.01
N HIS A 75 -5.78 11.71 -9.37
CA HIS A 75 -4.59 12.45 -8.95
C HIS A 75 -3.59 12.54 -10.11
N GLY A 76 -3.69 11.60 -11.05
CA GLY A 76 -2.78 11.60 -12.18
C GLY A 76 -1.85 10.41 -12.17
N VAL A 77 -2.41 9.21 -12.35
CA VAL A 77 -1.62 7.99 -12.36
C VAL A 77 -1.98 7.11 -13.55
N LYS A 78 -0.99 6.82 -14.40
CA LYS A 78 -1.20 6.00 -15.58
C LYS A 78 -1.00 4.53 -15.25
N PRO A 79 -1.65 3.65 -16.02
CA PRO A 79 -1.56 2.20 -15.84
C PRO A 79 -0.19 1.66 -16.21
N GLN A 80 0.27 0.64 -15.49
CA GLN A 80 1.56 0.03 -15.75
C GLN A 80 2.69 1.03 -15.55
N GLU A 81 2.55 1.87 -14.52
CA GLU A 81 3.56 2.88 -14.22
C GLU A 81 4.16 2.65 -12.83
N ILE A 82 5.14 3.48 -12.48
CA ILE A 82 5.79 3.37 -11.19
C ILE A 82 5.68 4.67 -10.39
N VAL A 83 5.33 4.56 -9.12
CA VAL A 83 5.19 5.72 -8.27
C VAL A 83 5.77 5.46 -6.88
N GLN A 84 5.64 6.44 -5.99
CA GLN A 84 6.16 6.32 -4.63
C GLN A 84 5.23 6.99 -3.63
N VAL A 85 4.67 6.18 -2.73
CA VAL A 85 3.75 6.70 -1.71
C VAL A 85 4.30 6.46 -0.32
N GLU A 86 3.65 7.06 0.68
CA GLU A 86 4.07 6.91 2.06
C GLU A 86 2.88 6.57 2.96
N ILE A 87 3.09 5.65 3.90
CA ILE A 87 2.04 5.25 4.82
C ILE A 87 2.43 5.54 6.26
N PHE A 88 1.47 6.01 7.05
CA PHE A 88 1.71 6.32 8.45
C PHE A 88 0.40 6.49 9.21
N SER A 89 0.48 6.53 10.53
CA SER A 89 -0.70 6.68 11.38
C SER A 89 -0.66 8.00 12.13
N THR A 90 -1.78 8.71 12.13
CA THR A 90 -1.88 10.00 12.81
C THR A 90 -1.67 9.84 14.31
N ASN A 91 -2.18 8.74 14.87
CA ASN A 91 -2.05 8.47 16.30
C ASN A 91 -1.28 7.17 16.54
N PRO A 92 0.05 7.24 16.46
CA PRO A 92 0.92 6.08 16.66
C PRO A 92 0.92 5.61 18.11
N ASP A 93 0.45 6.46 19.01
CA ASP A 93 0.40 6.14 20.42
C ASP A 93 -0.72 5.15 20.72
N LEU A 94 -1.84 5.30 20.02
CA LEU A 94 -2.98 4.42 20.20
C LEU A 94 -2.93 3.24 19.23
N TYR A 95 -2.66 3.54 17.96
CA TYR A 95 -2.59 2.51 16.94
C TYR A 95 -1.28 2.62 16.15
N PRO A 96 -0.19 2.09 16.73
CA PRO A 96 1.13 2.13 16.09
C PRO A 96 1.21 1.22 14.87
N VAL A 97 1.93 1.66 13.86
CA VAL A 97 2.09 0.88 12.63
C VAL A 97 3.25 -0.10 12.75
N ARG A 98 2.94 -1.38 12.65
CA ARG A 98 3.95 -2.42 12.75
C ARG A 98 4.19 -3.08 11.40
N ARG A 99 5.43 -3.52 11.17
CA ARG A 99 5.79 -4.17 9.91
C ARG A 99 4.84 -5.31 9.59
N ILE A 100 4.56 -5.51 8.31
CA ILE A 100 3.66 -6.57 7.88
C ILE A 100 4.34 -7.94 7.98
N ASP A 101 3.86 -8.75 8.92
CA ASP A 101 4.42 -10.08 9.12
C ASP A 101 4.27 -10.94 7.87
N GLY A 102 5.26 -11.76 7.60
CA GLY A 102 5.22 -12.62 6.42
C GLY A 102 6.38 -12.37 5.48
N LEU A 103 6.20 -12.74 4.21
CA LEU A 103 7.24 -12.56 3.21
C LEU A 103 7.91 -11.20 3.36
N THR A 104 9.24 -11.18 3.28
CA THR A 104 10.00 -9.95 3.40
C THR A 104 11.07 -9.84 2.32
N ASP A 105 11.56 -8.63 2.09
CA ASP A 105 12.58 -8.39 1.08
C ASP A 105 13.81 -7.74 1.70
N VAL A 106 14.99 -8.22 1.32
CA VAL A 106 16.25 -7.68 1.84
C VAL A 106 16.24 -6.15 1.80
N SER A 107 16.37 -5.54 2.97
CA SER A 107 16.38 -4.09 3.07
C SER A 107 16.97 -3.64 4.40
N GLN A 108 17.82 -2.62 4.36
CA GLN A 108 18.46 -2.10 5.56
C GLN A 108 18.65 -0.59 5.46
N ILE A 109 18.17 0.14 6.46
CA ILE A 109 18.30 1.59 6.49
C ILE A 109 18.27 2.12 7.92
N ILE A 110 18.48 3.43 8.06
CA ILE A 110 18.47 4.06 9.38
C ILE A 110 18.38 5.57 9.25
N THR A 111 17.70 6.20 10.21
CA THR A 111 17.54 7.64 10.21
C THR A 111 17.70 8.21 11.62
N VAL A 112 18.27 9.41 11.70
CA VAL A 112 18.49 10.07 12.98
C VAL A 112 17.31 10.97 13.35
N SER A 113 16.38 10.41 14.13
CA SER A 113 15.20 11.15 14.54
C SER A 113 15.00 11.04 16.05
N GLY A 114 14.95 12.19 16.73
CA GLY A 114 14.77 12.21 18.16
C GLY A 114 13.38 12.66 18.56
N PRO A 115 12.42 11.73 18.53
CA PRO A 115 11.02 12.03 18.89
C PRO A 115 10.85 12.28 20.38
N SER A 116 9.69 12.82 20.75
CA SER A 116 9.41 13.12 22.15
C SER A 116 7.93 13.44 22.35
N SER A 117 7.41 13.14 23.53
CA SER A 117 6.01 13.38 23.85
C SER A 117 5.52 14.67 23.19
N GLY A 118 4.48 14.55 22.37
CA GLY A 118 3.93 15.71 21.69
C GLY A 118 2.43 15.82 21.84
N GLY A 1 -17.47 -9.82 19.73
CA GLY A 1 -16.49 -9.95 18.68
C GLY A 1 -17.11 -10.29 17.33
N SER A 2 -16.27 -10.59 16.35
CA SER A 2 -16.74 -10.94 15.01
C SER A 2 -15.65 -11.63 14.21
N SER A 3 -16.01 -12.10 13.02
CA SER A 3 -15.06 -12.79 12.16
C SER A 3 -15.26 -12.39 10.70
N GLY A 4 -14.39 -12.89 9.82
CA GLY A 4 -14.50 -12.58 8.41
C GLY A 4 -14.34 -13.80 7.53
N SER A 5 -14.31 -13.58 6.22
CA SER A 5 -14.17 -14.68 5.26
C SER A 5 -13.52 -14.19 3.97
N SER A 6 -12.83 -15.10 3.29
CA SER A 6 -12.16 -14.76 2.03
C SER A 6 -12.60 -15.69 0.91
N GLY A 7 -12.29 -15.31 -0.32
CA GLY A 7 -12.67 -16.12 -1.46
C GLY A 7 -13.21 -15.29 -2.61
N GLN A 8 -12.32 -14.85 -3.49
CA GLN A 8 -12.72 -14.04 -4.64
C GLN A 8 -11.75 -14.23 -5.80
N GLU A 9 -12.25 -14.01 -7.02
CA GLU A 9 -11.42 -14.17 -8.21
C GLU A 9 -10.46 -13.00 -8.36
N SER A 10 -9.31 -13.26 -8.99
CA SER A 10 -8.30 -12.24 -9.19
C SER A 10 -8.40 -11.64 -10.59
N VAL A 11 -8.21 -10.33 -10.68
CA VAL A 11 -8.28 -9.64 -11.96
C VAL A 11 -7.16 -8.61 -12.09
N GLU A 12 -6.56 -8.54 -13.28
CA GLU A 12 -5.48 -7.60 -13.54
C GLU A 12 -5.85 -6.62 -14.65
N ASP A 13 -6.62 -5.60 -14.30
CA ASP A 13 -7.04 -4.59 -15.26
C ASP A 13 -6.63 -3.20 -14.82
N SER A 14 -5.85 -2.52 -15.65
CA SER A 14 -5.37 -1.18 -15.34
C SER A 14 -4.54 -1.17 -14.05
N LEU A 15 -3.61 -2.11 -13.96
CA LEU A 15 -2.75 -2.22 -12.79
C LEU A 15 -1.49 -1.37 -12.95
N ALA A 16 -1.13 -0.65 -11.90
CA ALA A 16 0.06 0.20 -11.93
C ALA A 16 0.98 -0.11 -10.76
N THR A 17 2.28 -0.17 -11.03
CA THR A 17 3.27 -0.46 -10.00
C THR A 17 3.29 0.62 -8.93
N VAL A 18 2.76 0.29 -7.76
CA VAL A 18 2.72 1.24 -6.65
C VAL A 18 3.59 0.77 -5.49
N LYS A 19 4.60 1.56 -5.16
CA LYS A 19 5.52 1.22 -4.07
C LYS A 19 5.07 1.89 -2.78
N VAL A 20 4.89 1.08 -1.74
CA VAL A 20 4.47 1.59 -0.43
C VAL A 20 5.64 1.62 0.55
N VAL A 21 5.81 2.74 1.23
CA VAL A 21 6.89 2.90 2.19
C VAL A 21 6.34 3.21 3.59
N LEU A 22 6.80 2.46 4.58
CA LEU A 22 6.35 2.66 5.96
C LEU A 22 7.10 3.81 6.62
N ILE A 23 6.36 4.78 7.14
CA ILE A 23 6.97 5.93 7.81
C ILE A 23 7.61 5.53 9.13
N PRO A 24 6.80 4.96 10.03
CA PRO A 24 7.27 4.51 11.35
C PRO A 24 8.19 3.30 11.26
N VAL A 25 7.93 2.44 10.28
CA VAL A 25 8.73 1.24 10.09
C VAL A 25 9.93 1.52 9.18
N GLY A 26 9.66 2.09 8.02
CA GLY A 26 10.73 2.40 7.08
C GLY A 26 10.95 1.30 6.06
N GLN A 27 10.12 0.27 6.11
CA GLN A 27 10.22 -0.85 5.20
C GLN A 27 9.56 -0.52 3.86
N GLU A 28 9.99 -1.21 2.81
CA GLU A 28 9.44 -0.99 1.47
C GLU A 28 8.64 -2.21 1.01
N ILE A 29 7.47 -1.95 0.43
CA ILE A 29 6.61 -3.03 -0.06
C ILE A 29 6.11 -2.73 -1.47
N VAL A 30 6.06 -3.77 -2.30
CA VAL A 30 5.60 -3.61 -3.67
C VAL A 30 4.33 -4.43 -3.92
N ILE A 31 3.29 -3.77 -4.41
CA ILE A 31 2.03 -4.44 -4.70
C ILE A 31 1.27 -3.73 -5.81
N PRO A 32 0.75 -4.51 -6.77
CA PRO A 32 0.00 -3.98 -7.90
C PRO A 32 -1.37 -3.43 -7.49
N PHE A 33 -1.57 -2.13 -7.74
CA PHE A 33 -2.82 -1.48 -7.39
C PHE A 33 -3.48 -0.87 -8.62
N LYS A 34 -4.81 -0.84 -8.62
CA LYS A 34 -5.56 -0.28 -9.75
C LYS A 34 -5.63 1.25 -9.65
N VAL A 35 -5.46 1.91 -10.78
CA VAL A 35 -5.51 3.37 -10.83
C VAL A 35 -6.94 3.87 -10.92
N ASP A 36 -7.88 2.94 -11.08
CA ASP A 36 -9.29 3.29 -11.19
C ASP A 36 -10.06 2.81 -9.96
N THR A 37 -9.36 2.17 -9.04
CA THR A 37 -9.98 1.65 -7.83
C THR A 37 -9.64 2.54 -6.63
N ILE A 38 -10.68 3.00 -5.94
CA ILE A 38 -10.51 3.86 -4.77
C ILE A 38 -9.35 3.38 -3.92
N LEU A 39 -8.60 4.32 -3.35
CA LEU A 39 -7.46 3.99 -2.50
C LEU A 39 -7.91 3.21 -1.27
N LYS A 40 -9.21 3.24 -1.00
CA LYS A 40 -9.76 2.52 0.14
C LYS A 40 -9.32 1.07 0.16
N TYR A 41 -9.42 0.41 -1.00
CA TYR A 41 -9.03 -0.98 -1.12
C TYR A 41 -7.67 -1.23 -0.47
N LEU A 42 -6.63 -0.63 -1.04
CA LEU A 42 -5.28 -0.78 -0.52
C LEU A 42 -5.22 -0.40 0.95
N LYS A 43 -6.01 0.60 1.33
CA LYS A 43 -6.06 1.06 2.71
C LYS A 43 -6.55 -0.04 3.64
N ASP A 44 -7.57 -0.76 3.21
CA ASP A 44 -8.14 -1.85 4.01
C ASP A 44 -7.16 -3.01 4.09
N HIS A 45 -6.63 -3.43 2.95
CA HIS A 45 -5.68 -4.54 2.90
C HIS A 45 -4.65 -4.42 4.02
N PHE A 46 -4.26 -3.19 4.32
CA PHE A 46 -3.27 -2.94 5.37
C PHE A 46 -3.95 -2.76 6.72
N SER A 47 -5.21 -2.31 6.69
CA SER A 47 -5.96 -2.07 7.92
C SER A 47 -6.24 -3.40 8.63
N HIS A 48 -6.52 -4.44 7.85
CA HIS A 48 -6.80 -5.76 8.41
C HIS A 48 -5.52 -6.44 8.87
N LEU A 49 -4.56 -6.56 7.95
CA LEU A 49 -3.28 -7.19 8.26
C LEU A 49 -2.68 -6.61 9.54
N LEU A 50 -2.49 -5.30 9.56
CA LEU A 50 -1.93 -4.62 10.72
C LEU A 50 -2.82 -4.81 11.95
N GLY A 51 -4.12 -4.71 11.74
CA GLY A 51 -5.08 -4.87 12.84
C GLY A 51 -5.64 -3.55 13.30
N ILE A 52 -5.21 -2.47 12.67
CA ILE A 52 -5.70 -1.13 13.03
C ILE A 52 -6.71 -0.62 12.00
N PRO A 53 -7.64 0.23 12.47
CA PRO A 53 -8.68 0.80 11.62
C PRO A 53 -8.11 1.82 10.63
N HIS A 54 -8.62 1.78 9.39
CA HIS A 54 -8.17 2.70 8.36
C HIS A 54 -8.39 4.15 8.78
N SER A 55 -9.16 4.34 9.84
CA SER A 55 -9.46 5.68 10.34
C SER A 55 -8.17 6.41 10.71
N VAL A 56 -7.38 5.81 11.58
CA VAL A 56 -6.12 6.41 12.02
C VAL A 56 -5.07 6.31 10.93
N LEU A 57 -5.18 5.29 10.09
CA LEU A 57 -4.23 5.09 9.00
C LEU A 57 -4.56 6.00 7.81
N GLN A 58 -3.52 6.61 7.24
CA GLN A 58 -3.71 7.51 6.10
C GLN A 58 -2.64 7.26 5.04
N ILE A 59 -2.80 7.88 3.88
CA ILE A 59 -1.85 7.72 2.79
C ILE A 59 -1.36 9.08 2.28
N ARG A 60 -0.08 9.15 1.95
CA ARG A 60 0.51 10.40 1.46
C ARG A 60 1.17 10.18 0.10
N TYR A 61 0.90 11.09 -0.83
CA TYR A 61 1.46 10.99 -2.18
C TYR A 61 1.63 12.37 -2.80
N SER A 62 2.75 12.58 -3.48
CA SER A 62 3.03 13.86 -4.11
C SER A 62 2.95 15.00 -3.10
N GLY A 63 3.29 14.70 -1.85
CA GLY A 63 3.26 15.71 -0.81
C GLY A 63 1.85 16.16 -0.48
N LYS A 64 0.87 15.49 -1.08
CA LYS A 64 -0.54 15.84 -0.85
C LYS A 64 -1.31 14.62 -0.34
N ILE A 65 -2.16 14.85 0.66
CA ILE A 65 -2.96 13.78 1.23
C ILE A 65 -4.08 13.35 0.29
N LEU A 66 -4.26 12.04 0.15
CA LEU A 66 -5.29 11.50 -0.73
C LEU A 66 -6.46 10.93 0.08
N LYS A 67 -7.61 10.82 -0.56
CA LYS A 67 -8.80 10.28 0.11
C LYS A 67 -9.22 8.95 -0.53
N ASN A 68 -9.96 8.15 0.23
CA ASN A 68 -10.43 6.86 -0.26
C ASN A 68 -11.29 7.03 -1.51
N ASN A 69 -12.40 7.74 -1.37
CA ASN A 69 -13.30 7.98 -2.48
C ASN A 69 -12.53 8.47 -3.71
N GLU A 70 -11.34 9.02 -3.48
CA GLU A 70 -10.51 9.53 -4.56
C GLU A 70 -9.70 8.41 -5.20
N THR A 71 -9.28 8.61 -6.44
CA THR A 71 -8.49 7.62 -7.15
C THR A 71 -7.18 8.21 -7.65
N LEU A 72 -6.31 7.35 -8.16
CA LEU A 72 -5.01 7.78 -8.67
C LEU A 72 -5.17 8.58 -9.96
N VAL A 73 -6.13 8.18 -10.79
CA VAL A 73 -6.39 8.87 -12.04
C VAL A 73 -6.78 10.32 -11.80
N GLN A 74 -7.61 10.55 -10.79
CA GLN A 74 -8.06 11.89 -10.46
C GLN A 74 -6.89 12.77 -9.99
N HIS A 75 -5.75 12.13 -9.76
CA HIS A 75 -4.55 12.84 -9.32
C HIS A 75 -3.53 12.96 -10.45
N GLY A 76 -3.74 12.17 -11.51
CA GLY A 76 -2.84 12.19 -12.64
C GLY A 76 -1.92 10.99 -12.68
N VAL A 77 -2.51 9.81 -12.85
CA VAL A 77 -1.73 8.56 -12.89
C VAL A 77 -2.27 7.64 -13.98
N LYS A 78 -1.34 7.04 -14.74
CA LYS A 78 -1.72 6.12 -15.81
C LYS A 78 -1.42 4.68 -15.41
N PRO A 79 -2.14 3.73 -16.04
CA PRO A 79 -1.97 2.31 -15.78
C PRO A 79 -0.64 1.77 -16.28
N GLN A 80 -0.03 0.89 -15.49
CA GLN A 80 1.25 0.29 -15.86
C GLN A 80 2.38 1.31 -15.68
N GLU A 81 2.36 2.02 -14.57
CA GLU A 81 3.39 3.02 -14.28
C GLU A 81 4.02 2.77 -12.91
N ILE A 82 5.13 3.47 -12.65
CA ILE A 82 5.82 3.32 -11.38
C ILE A 82 5.69 4.58 -10.53
N VAL A 83 5.33 4.40 -9.27
CA VAL A 83 5.17 5.53 -8.35
C VAL A 83 5.67 5.18 -6.96
N GLN A 84 5.52 6.12 -6.03
CA GLN A 84 5.97 5.91 -4.65
C GLN A 84 5.05 6.62 -3.67
N VAL A 85 4.41 5.85 -2.80
CA VAL A 85 3.50 6.39 -1.81
C VAL A 85 3.92 5.99 -0.39
N GLU A 86 3.73 6.90 0.56
CA GLU A 86 4.08 6.63 1.95
C GLU A 86 2.84 6.32 2.78
N ILE A 87 3.04 5.66 3.92
CA ILE A 87 1.94 5.31 4.79
C ILE A 87 2.30 5.56 6.26
N PHE A 88 1.34 6.05 7.03
CA PHE A 88 1.55 6.34 8.44
C PHE A 88 0.23 6.45 9.18
N SER A 89 0.30 6.48 10.51
CA SER A 89 -0.90 6.57 11.34
C SER A 89 -0.86 7.83 12.20
N THR A 90 -1.97 8.58 12.20
CA THR A 90 -2.06 9.80 12.97
C THR A 90 -1.91 9.52 14.47
N ASN A 91 -2.31 8.32 14.88
CA ASN A 91 -2.21 7.92 16.28
C ASN A 91 -1.39 6.65 16.44
N PRO A 92 -0.06 6.82 16.45
CA PRO A 92 0.88 5.69 16.60
C PRO A 92 0.84 5.08 17.99
N ASP A 93 0.49 5.90 18.98
CA ASP A 93 0.42 5.44 20.36
C ASP A 93 -0.76 4.49 20.55
N LEU A 94 -1.92 4.90 20.06
CA LEU A 94 -3.13 4.09 20.17
C LEU A 94 -3.14 2.98 19.13
N TYR A 95 -2.81 3.33 17.89
CA TYR A 95 -2.78 2.36 16.80
C TYR A 95 -1.50 2.51 15.97
N PRO A 96 -0.41 1.91 16.47
CA PRO A 96 0.89 1.95 15.79
C PRO A 96 0.90 1.15 14.49
N VAL A 97 1.89 1.41 13.64
CA VAL A 97 2.01 0.72 12.37
C VAL A 97 3.11 -0.35 12.43
N ARG A 98 2.78 -1.55 12.01
CA ARG A 98 3.74 -2.66 12.02
C ARG A 98 4.10 -3.08 10.60
N ARG A 99 5.24 -3.74 10.45
CA ARG A 99 5.70 -4.19 9.14
C ARG A 99 4.81 -5.34 8.63
N ILE A 100 4.81 -5.53 7.31
CA ILE A 100 4.02 -6.57 6.69
C ILE A 100 4.85 -7.83 6.47
N ASP A 101 4.44 -8.92 7.14
CA ASP A 101 5.15 -10.18 7.02
C ASP A 101 5.22 -10.63 5.56
N GLY A 102 6.38 -11.14 5.16
CA GLY A 102 6.57 -11.60 3.79
C GLY A 102 7.99 -11.43 3.31
N LEU A 103 8.50 -12.43 2.60
CA LEU A 103 9.85 -12.40 2.08
C LEU A 103 10.04 -11.24 1.10
N THR A 104 11.06 -10.42 1.35
CA THR A 104 11.33 -9.28 0.49
C THR A 104 12.76 -9.33 -0.04
N ASP A 105 12.99 -8.65 -1.16
CA ASP A 105 14.32 -8.62 -1.78
C ASP A 105 14.96 -7.25 -1.61
N VAL A 106 15.23 -6.87 -0.36
CA VAL A 106 15.84 -5.58 -0.06
C VAL A 106 17.32 -5.74 0.28
N SER A 107 18.07 -4.65 0.17
CA SER A 107 19.50 -4.67 0.46
C SER A 107 19.99 -3.28 0.86
N GLN A 108 20.76 -3.21 1.93
CA GLN A 108 21.30 -1.95 2.42
C GLN A 108 22.82 -1.92 2.31
N ILE A 109 23.32 -1.36 1.22
CA ILE A 109 24.75 -1.28 0.99
C ILE A 109 25.22 0.17 0.94
N ILE A 110 24.65 1.00 1.79
CA ILE A 110 25.00 2.42 1.85
C ILE A 110 24.53 3.06 3.15
N THR A 111 25.12 4.19 3.50
CA THR A 111 24.77 4.90 4.72
C THR A 111 23.63 5.89 4.46
N VAL A 112 22.56 5.40 3.85
CA VAL A 112 21.41 6.24 3.55
C VAL A 112 20.94 7.00 4.79
N SER A 113 20.81 8.31 4.67
CA SER A 113 20.38 9.15 5.77
C SER A 113 18.99 9.73 5.52
N GLY A 114 18.33 10.18 6.58
CA GLY A 114 17.01 10.76 6.44
C GLY A 114 16.24 10.77 7.74
N PRO A 115 16.51 11.78 8.58
CA PRO A 115 15.86 11.93 9.88
C PRO A 115 14.39 12.31 9.75
N SER A 116 13.64 12.14 10.83
CA SER A 116 12.21 12.48 10.84
C SER A 116 11.90 13.50 11.92
N SER A 117 10.90 14.34 11.65
CA SER A 117 10.50 15.38 12.59
C SER A 117 9.08 15.13 13.11
N GLY A 118 8.12 15.14 12.18
CA GLY A 118 6.74 14.92 12.55
C GLY A 118 6.21 15.98 13.50
N GLY A 1 -17.86 -8.11 2.46
CA GLY A 1 -17.70 -7.45 1.18
C GLY A 1 -19.01 -6.96 0.61
N SER A 2 -18.97 -5.83 -0.08
CA SER A 2 -20.18 -5.25 -0.66
C SER A 2 -20.07 -5.20 -2.18
N SER A 3 -20.77 -6.12 -2.85
CA SER A 3 -20.75 -6.19 -4.30
C SER A 3 -19.33 -6.03 -4.84
N GLY A 4 -18.38 -6.68 -4.18
CA GLY A 4 -16.99 -6.60 -4.59
C GLY A 4 -16.72 -7.37 -5.88
N SER A 5 -15.61 -7.06 -6.52
CA SER A 5 -15.24 -7.72 -7.77
C SER A 5 -14.89 -9.19 -7.52
N SER A 6 -15.10 -10.01 -8.54
CA SER A 6 -14.80 -11.44 -8.44
C SER A 6 -14.52 -12.04 -9.82
N GLY A 7 -13.56 -12.96 -9.86
CA GLY A 7 -13.20 -13.60 -11.11
C GLY A 7 -11.77 -14.08 -11.13
N GLN A 8 -11.57 -15.33 -11.54
CA GLN A 8 -10.24 -15.92 -11.59
C GLN A 8 -9.34 -15.15 -12.56
N GLU A 9 -9.86 -14.90 -13.76
CA GLU A 9 -9.12 -14.18 -14.78
C GLU A 9 -9.08 -12.69 -14.47
N SER A 10 -7.89 -12.10 -14.57
CA SER A 10 -7.72 -10.68 -14.29
C SER A 10 -7.47 -9.90 -15.58
N VAL A 11 -7.89 -8.64 -15.60
CA VAL A 11 -7.72 -7.80 -16.77
C VAL A 11 -6.24 -7.46 -16.99
N GLU A 12 -5.52 -7.24 -15.89
CA GLU A 12 -4.10 -6.90 -15.96
C GLU A 12 -3.82 -5.98 -17.15
N ASP A 13 -4.67 -4.98 -17.32
CA ASP A 13 -4.51 -4.02 -18.41
C ASP A 13 -4.38 -2.60 -17.88
N SER A 14 -4.89 -2.37 -16.67
CA SER A 14 -4.84 -1.06 -16.06
C SER A 14 -4.20 -1.13 -14.67
N LEU A 15 -3.09 -1.87 -14.58
CA LEU A 15 -2.39 -2.03 -13.31
C LEU A 15 -1.16 -1.13 -13.26
N ALA A 16 -0.96 -0.47 -12.12
CA ALA A 16 0.17 0.43 -11.94
C ALA A 16 1.00 0.02 -10.72
N THR A 17 2.31 -0.10 -10.93
CA THR A 17 3.21 -0.48 -9.85
C THR A 17 3.26 0.58 -8.76
N VAL A 18 2.55 0.33 -7.66
CA VAL A 18 2.51 1.28 -6.54
C VAL A 18 3.36 0.79 -5.38
N LYS A 19 4.44 1.52 -5.10
CA LYS A 19 5.34 1.16 -4.02
C LYS A 19 4.86 1.74 -2.70
N VAL A 20 4.97 0.95 -1.63
CA VAL A 20 4.54 1.39 -0.31
C VAL A 20 5.70 1.36 0.68
N VAL A 21 6.03 2.52 1.23
CA VAL A 21 7.12 2.64 2.20
C VAL A 21 6.60 3.01 3.57
N LEU A 22 6.97 2.22 4.58
CA LEU A 22 6.55 2.47 5.94
C LEU A 22 7.31 3.64 6.56
N ILE A 23 6.58 4.62 7.07
CA ILE A 23 7.19 5.80 7.68
C ILE A 23 7.84 5.44 9.01
N PRO A 24 7.05 4.92 9.94
CA PRO A 24 7.54 4.52 11.27
C PRO A 24 8.44 3.30 11.22
N VAL A 25 8.16 2.40 10.28
CA VAL A 25 8.95 1.18 10.12
C VAL A 25 10.13 1.41 9.19
N GLY A 26 9.84 1.95 8.00
CA GLY A 26 10.90 2.21 7.03
C GLY A 26 11.01 1.12 5.99
N GLN A 27 10.24 0.05 6.17
CA GLN A 27 10.26 -1.06 5.23
C GLN A 27 9.50 -0.73 3.96
N GLU A 28 9.99 -1.23 2.82
CA GLU A 28 9.35 -0.98 1.54
C GLU A 28 8.61 -2.22 1.05
N ILE A 29 7.48 -2.02 0.38
CA ILE A 29 6.69 -3.12 -0.15
C ILE A 29 6.18 -2.81 -1.54
N VAL A 30 6.05 -3.84 -2.36
CA VAL A 30 5.56 -3.68 -3.73
C VAL A 30 4.31 -4.53 -3.97
N ILE A 31 3.25 -3.88 -4.42
CA ILE A 31 1.99 -4.56 -4.69
C ILE A 31 1.23 -3.89 -5.83
N PRO A 32 0.67 -4.70 -6.73
CA PRO A 32 -0.10 -4.20 -7.88
C PRO A 32 -1.43 -3.59 -7.46
N PHE A 33 -1.82 -2.50 -8.13
CA PHE A 33 -3.07 -1.83 -7.83
C PHE A 33 -3.68 -1.23 -9.09
N LYS A 34 -5.00 -1.12 -9.11
CA LYS A 34 -5.71 -0.56 -10.25
C LYS A 34 -5.79 0.96 -10.16
N VAL A 35 -5.36 1.63 -11.23
CA VAL A 35 -5.39 3.09 -11.26
C VAL A 35 -6.82 3.61 -11.32
N ASP A 36 -7.76 2.72 -11.58
CA ASP A 36 -9.16 3.09 -11.67
C ASP A 36 -9.91 2.67 -10.41
N THR A 37 -9.18 2.15 -9.43
CA THR A 37 -9.77 1.69 -8.18
C THR A 37 -9.44 2.66 -7.04
N ILE A 38 -10.45 3.05 -6.28
CA ILE A 38 -10.26 3.96 -5.16
C ILE A 38 -9.16 3.46 -4.23
N LEU A 39 -8.40 4.40 -3.67
CA LEU A 39 -7.31 4.06 -2.76
C LEU A 39 -7.84 3.33 -1.52
N LYS A 40 -9.11 3.54 -1.22
CA LYS A 40 -9.74 2.89 -0.07
C LYS A 40 -9.38 1.40 -0.03
N TYR A 41 -9.83 0.66 -1.03
CA TYR A 41 -9.57 -0.77 -1.10
C TYR A 41 -8.18 -1.10 -0.53
N LEU A 42 -7.14 -0.68 -1.23
CA LEU A 42 -5.77 -0.93 -0.79
C LEU A 42 -5.61 -0.64 0.69
N LYS A 43 -6.22 0.46 1.15
CA LYS A 43 -6.16 0.84 2.55
C LYS A 43 -6.39 -0.37 3.46
N ASP A 44 -7.61 -0.86 3.47
CA ASP A 44 -7.97 -2.01 4.29
C ASP A 44 -6.86 -3.07 4.25
N HIS A 45 -6.38 -3.36 3.05
CA HIS A 45 -5.32 -4.35 2.86
C HIS A 45 -4.33 -4.30 4.02
N PHE A 46 -3.90 -3.10 4.38
CA PHE A 46 -2.95 -2.93 5.47
C PHE A 46 -3.68 -2.71 6.80
N SER A 47 -4.82 -2.04 6.73
CA SER A 47 -5.61 -1.77 7.94
C SER A 47 -5.97 -3.06 8.65
N HIS A 48 -6.65 -3.95 7.95
CA HIS A 48 -7.06 -5.23 8.52
C HIS A 48 -5.84 -6.06 8.92
N LEU A 49 -4.93 -6.26 7.98
CA LEU A 49 -3.71 -7.03 8.24
C LEU A 49 -3.00 -6.52 9.48
N LEU A 50 -2.62 -5.25 9.46
CA LEU A 50 -1.92 -4.63 10.58
C LEU A 50 -2.71 -4.82 11.88
N GLY A 51 -4.04 -4.86 11.75
CA GLY A 51 -4.89 -5.03 12.92
C GLY A 51 -5.40 -3.72 13.46
N ILE A 52 -5.25 -2.66 12.68
CA ILE A 52 -5.70 -1.33 13.09
C ILE A 52 -6.68 -0.74 12.08
N PRO A 53 -7.62 0.07 12.58
CA PRO A 53 -8.64 0.72 11.74
C PRO A 53 -8.05 1.79 10.84
N HIS A 54 -8.37 1.73 9.55
CA HIS A 54 -7.88 2.70 8.58
C HIS A 54 -8.13 4.12 9.07
N SER A 55 -9.06 4.27 10.01
CA SER A 55 -9.40 5.59 10.55
C SER A 55 -8.14 6.29 11.06
N VAL A 56 -7.22 5.52 11.60
CA VAL A 56 -5.97 6.08 12.14
C VAL A 56 -4.87 6.04 11.10
N LEU A 57 -5.00 5.13 10.13
CA LEU A 57 -4.01 5.00 9.07
C LEU A 57 -4.38 5.85 7.86
N GLN A 58 -3.41 6.59 7.34
CA GLN A 58 -3.64 7.45 6.19
C GLN A 58 -2.53 7.26 5.14
N ILE A 59 -2.73 7.85 3.97
CA ILE A 59 -1.75 7.76 2.89
C ILE A 59 -1.41 9.13 2.34
N ARG A 60 -0.12 9.39 2.15
CA ARG A 60 0.34 10.66 1.61
C ARG A 60 1.09 10.47 0.29
N TYR A 61 0.64 11.18 -0.73
CA TYR A 61 1.27 11.08 -2.05
C TYR A 61 1.45 12.47 -2.67
N SER A 62 2.56 12.66 -3.37
CA SER A 62 2.86 13.93 -4.01
C SER A 62 2.90 15.06 -2.98
N GLY A 63 3.29 14.71 -1.75
CA GLY A 63 3.36 15.70 -0.71
C GLY A 63 2.00 16.21 -0.27
N LYS A 64 0.95 15.59 -0.79
CA LYS A 64 -0.41 15.98 -0.46
C LYS A 64 -1.20 14.81 0.11
N ILE A 65 -2.11 15.10 1.02
CA ILE A 65 -2.93 14.07 1.65
C ILE A 65 -4.07 13.65 0.74
N LEU A 66 -4.16 12.34 0.48
CA LEU A 66 -5.21 11.80 -0.38
C LEU A 66 -6.40 11.34 0.45
N LYS A 67 -7.47 10.95 -0.25
CA LYS A 67 -8.68 10.48 0.43
C LYS A 67 -8.99 9.03 0.05
N ASN A 68 -10.09 8.51 0.58
CA ASN A 68 -10.49 7.13 0.30
C ASN A 68 -11.33 7.07 -0.97
N ASN A 69 -12.31 7.94 -1.07
CA ASN A 69 -13.19 7.98 -2.23
C ASN A 69 -12.45 8.49 -3.46
N GLU A 70 -11.22 8.97 -3.25
CA GLU A 70 -10.41 9.49 -4.34
C GLU A 70 -9.90 8.35 -5.23
N THR A 71 -9.37 8.71 -6.39
CA THR A 71 -8.87 7.72 -7.33
C THR A 71 -7.52 8.16 -7.91
N LEU A 72 -6.66 7.19 -8.21
CA LEU A 72 -5.35 7.46 -8.76
C LEU A 72 -5.47 8.19 -10.10
N VAL A 73 -6.40 7.73 -10.93
CA VAL A 73 -6.61 8.33 -12.24
C VAL A 73 -7.13 9.75 -12.11
N GLN A 74 -7.87 10.02 -11.04
CA GLN A 74 -8.43 11.35 -10.80
C GLN A 74 -7.34 12.32 -10.38
N HIS A 75 -6.29 11.80 -9.75
CA HIS A 75 -5.18 12.64 -9.30
C HIS A 75 -4.19 12.87 -10.43
N GLY A 76 -4.02 11.86 -11.29
CA GLY A 76 -3.10 11.99 -12.40
C GLY A 76 -2.14 10.81 -12.50
N VAL A 77 -2.69 9.61 -12.55
CA VAL A 77 -1.88 8.40 -12.64
C VAL A 77 -2.33 7.52 -13.80
N LYS A 78 -1.37 7.07 -14.61
CA LYS A 78 -1.68 6.22 -15.76
C LYS A 78 -1.30 4.78 -15.47
N PRO A 79 -1.87 3.85 -16.25
CA PRO A 79 -1.61 2.42 -16.10
C PRO A 79 -0.20 2.04 -16.52
N GLN A 80 0.37 1.05 -15.83
CA GLN A 80 1.72 0.59 -16.13
C GLN A 80 2.74 1.68 -15.81
N GLU A 81 2.68 2.21 -14.59
CA GLU A 81 3.60 3.26 -14.17
C GLU A 81 4.17 2.96 -12.79
N ILE A 82 5.22 3.68 -12.41
CA ILE A 82 5.85 3.49 -11.11
C ILE A 82 5.74 4.75 -10.25
N VAL A 83 5.23 4.58 -9.04
CA VAL A 83 5.07 5.70 -8.12
C VAL A 83 5.68 5.40 -6.76
N GLN A 84 5.57 6.34 -5.84
CA GLN A 84 6.11 6.17 -4.49
C GLN A 84 5.23 6.86 -3.45
N VAL A 85 4.63 6.07 -2.58
CA VAL A 85 3.77 6.60 -1.53
C VAL A 85 4.23 6.15 -0.15
N GLU A 86 4.05 7.02 0.84
CA GLU A 86 4.45 6.71 2.20
C GLU A 86 3.22 6.47 3.09
N ILE A 87 3.27 5.43 3.91
CA ILE A 87 2.17 5.09 4.80
C ILE A 87 2.53 5.41 6.24
N PHE A 88 1.54 5.88 7.01
CA PHE A 88 1.74 6.21 8.40
C PHE A 88 0.41 6.36 9.14
N SER A 89 0.47 6.43 10.46
CA SER A 89 -0.74 6.57 11.27
C SER A 89 -0.75 7.90 12.00
N THR A 90 -1.93 8.50 12.13
CA THR A 90 -2.08 9.78 12.80
C THR A 90 -1.92 9.64 14.30
N ASN A 91 -2.34 8.49 14.83
CA ASN A 91 -2.23 8.22 16.26
C ASN A 91 -1.46 6.94 16.52
N PRO A 92 -0.13 7.02 16.48
CA PRO A 92 0.75 5.87 16.71
C PRO A 92 0.73 5.40 18.16
N ASP A 93 0.26 6.27 19.05
CA ASP A 93 0.19 5.95 20.47
C ASP A 93 -0.93 4.95 20.74
N LEU A 94 -2.04 5.10 20.04
CA LEU A 94 -3.18 4.21 20.21
C LEU A 94 -3.11 3.06 19.21
N TYR A 95 -2.86 3.38 17.96
CA TYR A 95 -2.77 2.37 16.90
C TYR A 95 -1.47 2.51 16.12
N PRO A 96 -0.37 1.98 16.69
CA PRO A 96 0.94 2.04 16.06
C PRO A 96 1.04 1.14 14.82
N VAL A 97 1.88 1.55 13.87
CA VAL A 97 2.07 0.79 12.64
C VAL A 97 3.22 -0.19 12.76
N ARG A 98 3.01 -1.41 12.29
CA ARG A 98 4.05 -2.45 12.35
C ARG A 98 4.46 -2.89 10.94
N ARG A 99 5.31 -3.90 10.87
CA ARG A 99 5.78 -4.42 9.59
C ARG A 99 4.95 -5.62 9.16
N ILE A 100 4.88 -5.83 7.85
CA ILE A 100 4.12 -6.95 7.30
C ILE A 100 5.01 -8.18 7.13
N ASP A 101 5.02 -9.03 8.14
CA ASP A 101 5.82 -10.26 8.09
C ASP A 101 7.18 -9.99 7.45
N GLY A 102 7.80 -8.87 7.83
CA GLY A 102 9.10 -8.52 7.28
C GLY A 102 10.15 -9.56 7.58
N LEU A 103 11.41 -9.24 7.28
CA LEU A 103 12.52 -10.16 7.52
C LEU A 103 13.68 -9.45 8.19
N THR A 104 14.31 -10.13 9.14
CA THR A 104 15.44 -9.56 9.86
C THR A 104 16.61 -10.55 9.92
N ASP A 105 16.31 -11.81 10.18
CA ASP A 105 17.32 -12.85 10.27
C ASP A 105 18.09 -12.96 8.95
N VAL A 106 19.40 -13.19 9.06
CA VAL A 106 20.25 -13.32 7.89
C VAL A 106 21.17 -14.53 7.99
N SER A 107 21.47 -15.14 6.85
CA SER A 107 22.34 -16.32 6.82
C SER A 107 23.78 -15.92 6.54
N GLN A 108 23.98 -15.18 5.46
CA GLN A 108 25.32 -14.75 5.08
C GLN A 108 25.28 -13.34 4.47
N ILE A 109 26.07 -12.43 5.03
CA ILE A 109 26.13 -11.06 4.54
C ILE A 109 27.53 -10.48 4.67
N ILE A 110 28.10 -10.06 3.55
CA ILE A 110 29.44 -9.49 3.56
C ILE A 110 29.69 -8.69 2.27
N THR A 111 30.61 -7.73 2.35
CA THR A 111 30.94 -6.91 1.20
C THR A 111 32.26 -7.33 0.58
N VAL A 112 32.36 -7.25 -0.74
CA VAL A 112 33.56 -7.63 -1.46
C VAL A 112 34.35 -6.39 -1.89
N SER A 113 35.66 -6.43 -1.68
CA SER A 113 36.53 -5.32 -2.05
C SER A 113 36.35 -4.95 -3.52
N GLY A 114 36.82 -3.77 -3.90
CA GLY A 114 36.71 -3.33 -5.27
C GLY A 114 38.03 -2.85 -5.84
N PRO A 115 37.99 -2.25 -7.04
CA PRO A 115 39.18 -1.73 -7.71
C PRO A 115 39.75 -0.50 -7.02
N SER A 116 40.71 0.15 -7.67
CA SER A 116 41.35 1.34 -7.12
C SER A 116 41.70 2.33 -8.21
N SER A 117 42.25 3.47 -7.81
CA SER A 117 42.62 4.51 -8.77
C SER A 117 44.06 4.98 -8.52
N GLY A 118 44.53 5.90 -9.37
CA GLY A 118 45.87 6.42 -9.23
C GLY A 118 46.66 6.34 -10.53
N GLY A 1 -12.08 -17.28 7.88
CA GLY A 1 -12.73 -16.20 7.15
C GLY A 1 -12.06 -14.85 7.37
N SER A 2 -11.99 -14.44 8.63
CA SER A 2 -11.38 -13.16 8.98
C SER A 2 -10.19 -12.86 8.07
N SER A 3 -9.35 -13.87 7.85
CA SER A 3 -8.17 -13.72 7.00
C SER A 3 -8.49 -12.88 5.77
N GLY A 4 -7.47 -12.28 5.19
CA GLY A 4 -7.66 -11.46 4.01
C GLY A 4 -7.82 -12.28 2.75
N SER A 5 -8.15 -11.62 1.64
CA SER A 5 -8.34 -12.31 0.36
C SER A 5 -7.49 -11.66 -0.73
N SER A 6 -7.02 -12.48 -1.66
CA SER A 6 -6.19 -11.99 -2.76
C SER A 6 -6.27 -12.93 -3.96
N GLY A 7 -5.68 -12.49 -5.07
CA GLY A 7 -5.70 -13.31 -6.28
C GLY A 7 -4.62 -12.90 -7.27
N GLN A 8 -3.70 -13.81 -7.55
CA GLN A 8 -2.62 -13.54 -8.48
C GLN A 8 -2.94 -14.07 -9.88
N GLU A 9 -3.02 -13.17 -10.84
CA GLU A 9 -3.34 -13.55 -12.22
C GLU A 9 -2.43 -12.82 -13.21
N SER A 10 -2.22 -13.43 -14.37
CA SER A 10 -1.37 -12.84 -15.39
C SER A 10 -2.03 -11.61 -16.01
N VAL A 11 -3.21 -11.81 -16.59
CA VAL A 11 -3.95 -10.72 -17.22
C VAL A 11 -3.94 -9.47 -16.33
N GLU A 12 -3.72 -8.32 -16.95
CA GLU A 12 -3.68 -7.06 -16.22
C GLU A 12 -4.72 -6.08 -16.77
N ASP A 13 -5.50 -5.48 -15.87
CA ASP A 13 -6.54 -4.53 -16.26
C ASP A 13 -6.15 -3.12 -15.84
N SER A 14 -5.21 -2.53 -16.57
CA SER A 14 -4.75 -1.17 -16.27
C SER A 14 -4.12 -1.10 -14.89
N LEU A 15 -3.22 -2.04 -14.61
CA LEU A 15 -2.54 -2.08 -13.31
C LEU A 15 -1.28 -1.22 -13.33
N ALA A 16 -0.99 -0.59 -12.19
CA ALA A 16 0.19 0.26 -12.07
C ALA A 16 1.02 -0.12 -10.85
N THR A 17 2.34 -0.13 -11.01
CA THR A 17 3.23 -0.49 -9.93
C THR A 17 3.23 0.59 -8.84
N VAL A 18 2.59 0.28 -7.72
CA VAL A 18 2.51 1.22 -6.60
C VAL A 18 3.39 0.76 -5.44
N LYS A 19 4.45 1.51 -5.17
CA LYS A 19 5.37 1.17 -4.08
C LYS A 19 4.85 1.73 -2.76
N VAL A 20 5.12 1.01 -1.68
CA VAL A 20 4.69 1.43 -0.35
C VAL A 20 5.86 1.49 0.62
N VAL A 21 6.07 2.65 1.24
CA VAL A 21 7.15 2.84 2.18
C VAL A 21 6.62 3.20 3.57
N LEU A 22 7.04 2.44 4.57
CA LEU A 22 6.62 2.69 5.94
C LEU A 22 7.36 3.87 6.55
N ILE A 23 6.61 4.85 7.05
CA ILE A 23 7.21 6.03 7.66
C ILE A 23 7.84 5.70 9.01
N PRO A 24 7.01 5.18 9.93
CA PRO A 24 7.47 4.80 11.27
C PRO A 24 8.39 3.58 11.25
N VAL A 25 8.29 2.78 10.20
CA VAL A 25 9.10 1.59 10.06
C VAL A 25 10.26 1.82 9.10
N GLY A 26 9.93 2.19 7.86
CA GLY A 26 10.95 2.45 6.87
C GLY A 26 11.10 1.31 5.88
N GLN A 27 10.30 0.26 6.07
CA GLN A 27 10.35 -0.91 5.19
C GLN A 27 9.65 -0.62 3.87
N GLU A 28 10.14 -1.23 2.81
CA GLU A 28 9.56 -1.03 1.48
C GLU A 28 8.71 -2.24 1.07
N ILE A 29 7.58 -1.97 0.44
CA ILE A 29 6.67 -3.03 -0.01
C ILE A 29 6.16 -2.76 -1.41
N VAL A 30 6.14 -3.81 -2.24
CA VAL A 30 5.67 -3.69 -3.61
C VAL A 30 4.42 -4.53 -3.84
N ILE A 31 3.38 -3.91 -4.39
CA ILE A 31 2.13 -4.62 -4.67
C ILE A 31 1.36 -3.94 -5.79
N PRO A 32 0.83 -4.75 -6.72
CA PRO A 32 0.06 -4.25 -7.86
C PRO A 32 -1.29 -3.70 -7.44
N PHE A 33 -1.64 -2.52 -7.97
CA PHE A 33 -2.91 -1.88 -7.65
C PHE A 33 -3.55 -1.30 -8.90
N LYS A 34 -4.88 -1.17 -8.87
CA LYS A 34 -5.61 -0.62 -10.00
C LYS A 34 -5.69 0.91 -9.91
N VAL A 35 -5.38 1.57 -11.02
CA VAL A 35 -5.41 3.03 -11.07
C VAL A 35 -6.86 3.54 -11.10
N ASP A 36 -7.77 2.68 -11.55
CA ASP A 36 -9.18 3.04 -11.63
C ASP A 36 -9.88 2.82 -10.30
N THR A 37 -9.35 1.89 -9.51
CA THR A 37 -9.94 1.57 -8.21
C THR A 37 -9.45 2.56 -7.15
N ILE A 38 -10.39 3.08 -6.37
CA ILE A 38 -10.08 4.03 -5.31
C ILE A 38 -8.91 3.52 -4.46
N LEU A 39 -8.48 4.35 -3.51
CA LEU A 39 -7.38 3.99 -2.63
C LEU A 39 -7.88 3.13 -1.47
N LYS A 40 -9.13 3.35 -1.07
CA LYS A 40 -9.73 2.59 0.02
C LYS A 40 -9.41 1.11 -0.10
N TYR A 41 -9.79 0.52 -1.23
CA TYR A 41 -9.55 -0.90 -1.48
C TYR A 41 -8.22 -1.33 -0.86
N LEU A 42 -7.15 -0.70 -1.31
CA LEU A 42 -5.81 -1.02 -0.81
C LEU A 42 -5.69 -0.70 0.66
N LYS A 43 -6.25 0.44 1.06
CA LYS A 43 -6.21 0.86 2.47
C LYS A 43 -6.59 -0.28 3.40
N ASP A 44 -7.86 -0.66 3.36
CA ASP A 44 -8.36 -1.75 4.20
C ASP A 44 -7.38 -2.92 4.21
N HIS A 45 -6.93 -3.32 3.03
CA HIS A 45 -5.99 -4.43 2.90
C HIS A 45 -4.92 -4.36 3.98
N PHE A 46 -4.47 -3.14 4.29
CA PHE A 46 -3.44 -2.95 5.30
C PHE A 46 -4.07 -2.82 6.68
N SER A 47 -5.11 -1.99 6.78
CA SER A 47 -5.80 -1.78 8.05
C SER A 47 -6.10 -3.11 8.74
N HIS A 48 -6.69 -4.04 7.97
CA HIS A 48 -7.04 -5.35 8.50
C HIS A 48 -5.78 -6.14 8.86
N LEU A 49 -4.88 -6.28 7.91
CA LEU A 49 -3.63 -7.02 8.14
C LEU A 49 -2.92 -6.50 9.37
N LEU A 50 -2.51 -5.23 9.34
CA LEU A 50 -1.81 -4.62 10.46
C LEU A 50 -2.62 -4.77 11.75
N GLY A 51 -3.92 -4.91 11.61
CA GLY A 51 -4.78 -5.06 12.77
C GLY A 51 -5.22 -3.74 13.36
N ILE A 52 -5.29 -2.71 12.51
CA ILE A 52 -5.71 -1.39 12.95
C ILE A 52 -6.68 -0.76 11.96
N PRO A 53 -7.53 0.13 12.46
CA PRO A 53 -8.53 0.83 11.64
C PRO A 53 -7.90 1.84 10.68
N HIS A 54 -8.45 1.95 9.48
CA HIS A 54 -7.94 2.88 8.48
C HIS A 54 -8.24 4.32 8.87
N SER A 55 -9.03 4.48 9.94
CA SER A 55 -9.40 5.82 10.41
C SER A 55 -8.16 6.60 10.83
N VAL A 56 -7.27 5.95 11.56
CA VAL A 56 -6.04 6.59 12.03
C VAL A 56 -4.96 6.54 10.97
N LEU A 57 -4.97 5.47 10.17
CA LEU A 57 -3.98 5.29 9.11
C LEU A 57 -4.31 6.16 7.91
N GLN A 58 -3.29 6.79 7.33
CA GLN A 58 -3.47 7.66 6.17
C GLN A 58 -2.35 7.45 5.16
N ILE A 59 -2.58 7.91 3.93
CA ILE A 59 -1.59 7.77 2.86
C ILE A 59 -1.10 9.15 2.41
N ARG A 60 0.16 9.20 1.99
CA ARG A 60 0.76 10.45 1.52
C ARG A 60 1.25 10.31 0.07
N TYR A 61 0.94 11.31 -0.74
CA TYR A 61 1.35 11.29 -2.15
C TYR A 61 1.56 12.71 -2.66
N SER A 62 2.75 12.96 -3.21
CA SER A 62 3.08 14.28 -3.74
C SER A 62 2.85 15.36 -2.70
N GLY A 63 3.25 15.08 -1.46
CA GLY A 63 3.08 16.04 -0.39
C GLY A 63 1.62 16.36 -0.12
N LYS A 64 0.74 15.48 -0.58
CA LYS A 64 -0.70 15.66 -0.39
C LYS A 64 -1.29 14.52 0.44
N ILE A 65 -2.45 14.77 1.04
CA ILE A 65 -3.12 13.77 1.85
C ILE A 65 -4.29 13.14 1.09
N LEU A 66 -4.00 12.05 0.39
CA LEU A 66 -5.03 11.35 -0.38
C LEU A 66 -6.17 10.91 0.52
N LYS A 67 -7.31 10.59 -0.09
CA LYS A 67 -8.48 10.15 0.65
C LYS A 67 -8.97 8.80 0.15
N ASN A 68 -10.09 8.33 0.70
CA ASN A 68 -10.66 7.05 0.30
C ASN A 68 -11.46 7.19 -0.99
N ASN A 69 -12.20 8.28 -1.11
CA ASN A 69 -13.01 8.53 -2.30
C ASN A 69 -12.14 8.97 -3.47
N GLU A 70 -10.89 9.32 -3.17
CA GLU A 70 -9.95 9.75 -4.19
C GLU A 70 -9.41 8.57 -4.99
N THR A 71 -9.11 8.80 -6.27
CA THR A 71 -8.60 7.75 -7.13
C THR A 71 -7.27 8.17 -7.76
N LEU A 72 -6.39 7.19 -7.96
CA LEU A 72 -5.09 7.45 -8.56
C LEU A 72 -5.23 8.21 -9.88
N VAL A 73 -6.19 7.80 -10.70
CA VAL A 73 -6.43 8.46 -11.97
C VAL A 73 -6.99 9.85 -11.78
N GLN A 74 -7.79 10.02 -10.73
CA GLN A 74 -8.40 11.31 -10.43
C GLN A 74 -7.33 12.36 -10.12
N HIS A 75 -6.22 11.91 -9.54
CA HIS A 75 -5.13 12.81 -9.20
C HIS A 75 -4.20 13.03 -10.39
N GLY A 76 -4.07 12.01 -11.23
CA GLY A 76 -3.22 12.10 -12.40
C GLY A 76 -2.22 10.97 -12.49
N VAL A 77 -2.72 9.74 -12.47
CA VAL A 77 -1.87 8.56 -12.54
C VAL A 77 -2.29 7.64 -13.69
N LYS A 78 -1.35 7.33 -14.57
CA LYS A 78 -1.62 6.46 -15.71
C LYS A 78 -1.25 5.01 -15.39
N PRO A 79 -1.87 4.07 -16.12
CA PRO A 79 -1.61 2.64 -15.93
C PRO A 79 -0.23 2.23 -16.40
N GLN A 80 0.30 1.16 -15.81
CA GLN A 80 1.63 0.67 -16.16
C GLN A 80 2.71 1.70 -15.82
N GLU A 81 2.52 2.39 -14.71
CA GLU A 81 3.47 3.41 -14.28
C GLU A 81 4.02 3.09 -12.89
N ILE A 82 5.12 3.73 -12.52
CA ILE A 82 5.74 3.52 -11.23
C ILE A 82 5.64 4.77 -10.35
N VAL A 83 5.04 4.60 -9.17
CA VAL A 83 4.88 5.71 -8.24
C VAL A 83 5.52 5.40 -6.90
N GLN A 84 5.50 6.38 -6.00
CA GLN A 84 6.09 6.20 -4.68
C GLN A 84 5.28 6.96 -3.62
N VAL A 85 4.67 6.21 -2.71
CA VAL A 85 3.87 6.81 -1.64
C VAL A 85 4.38 6.39 -0.27
N GLU A 86 3.98 7.13 0.75
CA GLU A 86 4.40 6.84 2.12
C GLU A 86 3.19 6.61 3.02
N ILE A 87 3.25 5.55 3.82
CA ILE A 87 2.16 5.22 4.73
C ILE A 87 2.54 5.53 6.18
N PHE A 88 1.56 5.97 6.96
CA PHE A 88 1.79 6.31 8.36
C PHE A 88 0.47 6.36 9.13
N SER A 89 0.57 6.55 10.44
CA SER A 89 -0.62 6.62 11.29
C SER A 89 -0.70 7.97 12.00
N THR A 90 -1.85 8.62 11.89
CA THR A 90 -2.05 9.92 12.51
C THR A 90 -1.74 9.86 14.01
N ASN A 91 -2.15 8.78 14.65
CA ASN A 91 -1.91 8.61 16.08
C ASN A 91 -1.23 7.27 16.36
N PRO A 92 0.10 7.26 16.28
CA PRO A 92 0.90 6.04 16.52
C PRO A 92 0.90 5.64 17.98
N ASP A 93 0.42 6.52 18.85
CA ASP A 93 0.36 6.25 20.27
C ASP A 93 -0.75 5.26 20.59
N LEU A 94 -1.79 5.26 19.76
CA LEU A 94 -2.93 4.36 19.95
C LEU A 94 -2.86 3.19 18.98
N TYR A 95 -2.70 3.50 17.70
CA TYR A 95 -2.62 2.47 16.67
C TYR A 95 -1.34 2.62 15.85
N PRO A 96 -0.22 2.16 16.41
CA PRO A 96 1.09 2.22 15.75
C PRO A 96 1.18 1.28 14.56
N VAL A 97 2.08 1.60 13.63
CA VAL A 97 2.27 0.78 12.44
C VAL A 97 3.37 -0.26 12.65
N ARG A 98 3.25 -1.39 11.96
CA ARG A 98 4.23 -2.46 12.08
C ARG A 98 4.63 -2.98 10.70
N ARG A 99 5.70 -3.77 10.66
CA ARG A 99 6.18 -4.34 9.41
C ARG A 99 5.44 -5.63 9.08
N ILE A 100 5.45 -6.00 7.80
CA ILE A 100 4.76 -7.22 7.35
C ILE A 100 5.73 -8.13 6.60
N ASP A 101 6.39 -9.01 7.33
CA ASP A 101 7.33 -9.95 6.73
C ASP A 101 6.84 -10.41 5.36
N GLY A 102 7.78 -10.53 4.42
CA GLY A 102 7.42 -10.96 3.08
C GLY A 102 8.64 -11.18 2.20
N LEU A 103 8.58 -10.67 0.97
CA LEU A 103 9.69 -10.81 0.03
C LEU A 103 9.88 -9.54 -0.78
N THR A 104 11.02 -8.88 -0.60
CA THR A 104 11.33 -7.66 -1.32
C THR A 104 11.95 -7.95 -2.68
N ASP A 105 11.67 -7.09 -3.65
CA ASP A 105 12.20 -7.26 -5.00
C ASP A 105 12.64 -5.91 -5.58
N VAL A 106 13.94 -5.69 -5.65
CA VAL A 106 14.48 -4.46 -6.19
C VAL A 106 15.30 -4.71 -7.46
N SER A 107 15.08 -3.90 -8.48
CA SER A 107 15.79 -4.04 -9.74
C SER A 107 16.31 -2.69 -10.22
N GLN A 108 17.62 -2.61 -10.40
CA GLN A 108 18.25 -1.37 -10.86
C GLN A 108 19.24 -1.65 -11.99
N ILE A 109 19.90 -2.79 -11.92
CA ILE A 109 20.87 -3.17 -12.95
C ILE A 109 20.17 -3.72 -14.19
N ILE A 110 20.18 -2.93 -15.26
CA ILE A 110 19.55 -3.34 -16.51
C ILE A 110 19.85 -2.34 -17.62
N THR A 111 19.65 -2.77 -18.87
CA THR A 111 19.90 -1.92 -20.02
C THR A 111 18.80 -2.09 -21.07
N VAL A 112 18.69 -1.10 -21.95
CA VAL A 112 17.69 -1.13 -23.01
C VAL A 112 18.32 -0.87 -24.38
N SER A 113 17.82 -1.58 -25.38
CA SER A 113 18.33 -1.43 -26.74
C SER A 113 18.55 0.04 -27.09
N GLY A 114 19.62 0.32 -27.81
CA GLY A 114 19.92 1.69 -28.20
C GLY A 114 20.15 1.84 -29.69
N PRO A 115 20.76 2.96 -30.09
CA PRO A 115 21.04 3.25 -31.50
C PRO A 115 22.13 2.35 -32.06
N SER A 116 22.54 2.61 -33.30
CA SER A 116 23.57 1.82 -33.95
C SER A 116 24.03 2.47 -35.25
N SER A 117 25.03 1.89 -35.90
CA SER A 117 25.56 2.42 -37.14
C SER A 117 24.80 1.85 -38.34
N GLY A 118 24.93 2.51 -39.48
CA GLY A 118 24.25 2.07 -40.69
C GLY A 118 24.16 0.56 -40.77
N GLY A 1 -4.50 -16.13 13.54
CA GLY A 1 -4.34 -17.44 12.94
C GLY A 1 -4.77 -17.48 11.48
N SER A 2 -3.79 -17.48 10.58
CA SER A 2 -4.08 -17.51 9.15
C SER A 2 -4.80 -18.79 8.76
N SER A 3 -6.12 -18.72 8.68
CA SER A 3 -6.93 -19.88 8.32
C SER A 3 -6.59 -20.36 6.91
N GLY A 4 -5.78 -21.41 6.84
CA GLY A 4 -5.39 -21.96 5.56
C GLY A 4 -4.63 -20.97 4.70
N SER A 5 -4.03 -21.45 3.62
CA SER A 5 -3.27 -20.58 2.73
C SER A 5 -4.19 -19.73 1.85
N SER A 6 -4.36 -18.48 2.24
CA SER A 6 -5.22 -17.57 1.49
C SER A 6 -4.39 -16.65 0.59
N GLY A 7 -4.98 -16.24 -0.52
CA GLY A 7 -4.28 -15.37 -1.46
C GLY A 7 -5.04 -15.19 -2.75
N GLN A 8 -5.82 -14.10 -2.83
CA GLN A 8 -6.60 -13.81 -4.02
C GLN A 8 -5.86 -12.83 -4.93
N GLU A 9 -5.31 -13.35 -6.03
CA GLU A 9 -4.58 -12.51 -6.97
C GLU A 9 -5.02 -12.80 -8.41
N SER A 10 -5.02 -11.76 -9.23
CA SER A 10 -5.43 -11.90 -10.63
C SER A 10 -4.62 -10.97 -11.53
N VAL A 11 -4.54 -11.33 -12.80
CA VAL A 11 -3.79 -10.53 -13.77
C VAL A 11 -4.67 -9.46 -14.40
N GLU A 12 -4.18 -8.22 -14.41
CA GLU A 12 -4.92 -7.11 -14.99
C GLU A 12 -3.97 -6.13 -15.67
N ASP A 13 -4.41 -5.62 -16.82
CA ASP A 13 -3.60 -4.67 -17.59
C ASP A 13 -3.71 -3.27 -16.99
N SER A 14 -4.74 -3.05 -16.18
CA SER A 14 -4.95 -1.76 -15.54
C SER A 14 -4.31 -1.72 -14.16
N LEU A 15 -3.08 -2.22 -14.06
CA LEU A 15 -2.36 -2.24 -12.80
C LEU A 15 -1.13 -1.34 -12.86
N ALA A 16 -0.97 -0.50 -11.84
CA ALA A 16 0.16 0.41 -11.78
C ALA A 16 1.08 0.07 -10.61
N THR A 17 2.37 -0.08 -10.89
CA THR A 17 3.35 -0.40 -9.87
C THR A 17 3.39 0.67 -8.79
N VAL A 18 2.75 0.39 -7.65
CA VAL A 18 2.72 1.33 -6.54
C VAL A 18 3.59 0.84 -5.39
N LYS A 19 4.68 1.55 -5.14
CA LYS A 19 5.60 1.21 -4.07
C LYS A 19 5.15 1.80 -2.74
N VAL A 20 5.06 0.97 -1.72
CA VAL A 20 4.64 1.41 -0.40
C VAL A 20 5.79 1.36 0.60
N VAL A 21 6.01 2.47 1.30
CA VAL A 21 7.09 2.55 2.28
C VAL A 21 6.55 2.93 3.65
N LEU A 22 6.95 2.16 4.67
CA LEU A 22 6.50 2.40 6.04
C LEU A 22 7.29 3.56 6.66
N ILE A 23 6.55 4.56 7.15
CA ILE A 23 7.18 5.71 7.78
C ILE A 23 7.78 5.36 9.14
N PRO A 24 6.92 4.85 10.04
CA PRO A 24 7.35 4.44 11.40
C PRO A 24 8.23 3.20 11.37
N VAL A 25 8.19 2.47 10.26
CA VAL A 25 8.99 1.26 10.12
C VAL A 25 10.15 1.47 9.14
N GLY A 26 9.82 1.84 7.91
CA GLY A 26 10.83 2.08 6.90
C GLY A 26 10.89 0.96 5.88
N GLN A 27 10.10 -0.08 6.09
CA GLN A 27 10.08 -1.23 5.19
C GLN A 27 9.37 -0.87 3.88
N GLU A 28 9.83 -1.45 2.78
CA GLU A 28 9.23 -1.20 1.47
C GLU A 28 8.46 -2.42 0.97
N ILE A 29 7.36 -2.16 0.28
CA ILE A 29 6.53 -3.24 -0.24
C ILE A 29 6.00 -2.89 -1.63
N VAL A 30 6.12 -3.83 -2.57
CA VAL A 30 5.65 -3.63 -3.93
C VAL A 30 4.44 -4.50 -4.23
N ILE A 31 3.34 -3.87 -4.62
CA ILE A 31 2.11 -4.59 -4.94
C ILE A 31 1.33 -3.87 -6.04
N PRO A 32 0.81 -4.65 -6.99
CA PRO A 32 0.02 -4.12 -8.11
C PRO A 32 -1.34 -3.59 -7.67
N PHE A 33 -1.63 -2.34 -8.02
CA PHE A 33 -2.89 -1.72 -7.66
C PHE A 33 -3.55 -1.09 -8.88
N LYS A 34 -4.88 -1.04 -8.87
CA LYS A 34 -5.64 -0.46 -9.97
C LYS A 34 -5.68 1.06 -9.86
N VAL A 35 -5.64 1.73 -11.00
CA VAL A 35 -5.68 3.19 -11.04
C VAL A 35 -7.10 3.70 -11.02
N ASP A 36 -8.06 2.80 -11.23
CA ASP A 36 -9.47 3.16 -11.23
C ASP A 36 -10.14 2.77 -9.92
N THR A 37 -9.57 1.77 -9.25
CA THR A 37 -10.10 1.29 -7.97
C THR A 37 -9.66 2.19 -6.82
N ILE A 38 -10.60 2.96 -6.28
CA ILE A 38 -10.31 3.86 -5.17
C ILE A 38 -9.27 3.25 -4.23
N LEU A 39 -8.52 4.11 -3.56
CA LEU A 39 -7.48 3.66 -2.63
C LEU A 39 -8.10 2.95 -1.44
N LYS A 40 -9.39 3.18 -1.22
CA LYS A 40 -10.11 2.55 -0.12
C LYS A 40 -9.69 1.09 0.04
N TYR A 41 -9.56 0.40 -1.08
CA TYR A 41 -9.18 -1.01 -1.07
C TYR A 41 -7.75 -1.18 -0.54
N LEU A 42 -6.81 -0.49 -1.17
CA LEU A 42 -5.41 -0.57 -0.76
C LEU A 42 -5.24 -0.17 0.70
N LYS A 43 -6.26 0.50 1.24
CA LYS A 43 -6.23 0.94 2.64
C LYS A 43 -6.63 -0.19 3.57
N ASP A 44 -7.84 -0.71 3.38
CA ASP A 44 -8.34 -1.80 4.22
C ASP A 44 -7.35 -2.96 4.25
N HIS A 45 -6.77 -3.26 3.09
CA HIS A 45 -5.81 -4.35 2.99
C HIS A 45 -4.77 -4.26 4.11
N PHE A 46 -4.08 -3.13 4.18
CA PHE A 46 -3.06 -2.93 5.19
C PHE A 46 -3.69 -2.74 6.57
N SER A 47 -4.78 -1.98 6.62
CA SER A 47 -5.47 -1.72 7.88
C SER A 47 -5.76 -3.02 8.61
N HIS A 48 -6.58 -3.87 8.01
CA HIS A 48 -6.94 -5.15 8.61
C HIS A 48 -5.69 -5.94 8.99
N LEU A 49 -4.81 -6.15 8.01
CA LEU A 49 -3.58 -6.89 8.23
C LEU A 49 -2.87 -6.41 9.49
N LEU A 50 -2.49 -5.13 9.48
CA LEU A 50 -1.80 -4.54 10.62
C LEU A 50 -2.63 -4.70 11.90
N GLY A 51 -3.93 -4.86 11.74
CA GLY A 51 -4.81 -5.03 12.89
C GLY A 51 -5.32 -3.71 13.42
N ILE A 52 -5.10 -2.65 12.66
CA ILE A 52 -5.54 -1.31 13.06
C ILE A 52 -6.56 -0.75 12.08
N PRO A 53 -7.44 0.12 12.58
CA PRO A 53 -8.48 0.75 11.76
C PRO A 53 -7.91 1.75 10.75
N HIS A 54 -8.57 1.88 9.61
CA HIS A 54 -8.13 2.81 8.57
C HIS A 54 -8.37 4.25 8.98
N SER A 55 -9.22 4.44 9.99
CA SER A 55 -9.54 5.77 10.48
C SER A 55 -8.27 6.54 10.83
N VAL A 56 -7.46 5.95 11.72
CA VAL A 56 -6.20 6.57 12.14
C VAL A 56 -5.16 6.50 11.03
N LEU A 57 -5.08 5.35 10.38
CA LEU A 57 -4.11 5.14 9.31
C LEU A 57 -4.47 5.97 8.09
N GLN A 58 -3.48 6.66 7.52
CA GLN A 58 -3.69 7.50 6.36
C GLN A 58 -2.59 7.27 5.32
N ILE A 59 -2.71 7.95 4.18
CA ILE A 59 -1.73 7.82 3.11
C ILE A 59 -1.28 9.19 2.60
N ARG A 60 -0.03 9.28 2.17
CA ARG A 60 0.51 10.53 1.66
C ARG A 60 1.19 10.31 0.30
N TYR A 61 0.82 11.12 -0.68
CA TYR A 61 1.38 11.01 -2.02
C TYR A 61 1.49 12.39 -2.67
N SER A 62 2.59 12.61 -3.38
CA SER A 62 2.83 13.89 -4.05
C SER A 62 2.74 15.05 -3.07
N GLY A 63 3.05 14.76 -1.81
CA GLY A 63 3.01 15.80 -0.78
C GLY A 63 1.59 16.26 -0.49
N LYS A 64 0.61 15.46 -0.90
CA LYS A 64 -0.79 15.81 -0.68
C LYS A 64 -1.52 14.65 0.00
N ILE A 65 -2.35 14.98 0.99
CA ILE A 65 -3.11 13.98 1.71
C ILE A 65 -4.19 13.36 0.83
N LEU A 66 -3.96 12.12 0.40
CA LEU A 66 -4.90 11.41 -0.45
C LEU A 66 -6.19 11.11 0.31
N LYS A 67 -7.11 10.42 -0.36
CA LYS A 67 -8.39 10.07 0.25
C LYS A 67 -8.70 8.59 0.04
N ASN A 68 -9.89 8.17 0.47
CA ASN A 68 -10.29 6.78 0.33
C ASN A 68 -11.30 6.62 -0.81
N ASN A 69 -12.13 7.64 -1.00
CA ASN A 69 -13.14 7.61 -2.06
C ASN A 69 -12.59 8.22 -3.35
N GLU A 70 -11.35 8.70 -3.29
CA GLU A 70 -10.72 9.30 -4.45
C GLU A 70 -10.19 8.23 -5.40
N THR A 71 -9.49 8.67 -6.45
CA THR A 71 -8.93 7.75 -7.43
C THR A 71 -7.61 8.28 -7.99
N LEU A 72 -6.68 7.36 -8.23
CA LEU A 72 -5.37 7.74 -8.76
C LEU A 72 -5.51 8.49 -10.08
N VAL A 73 -6.36 7.97 -10.96
CA VAL A 73 -6.59 8.59 -12.26
C VAL A 73 -7.04 10.04 -12.10
N GLN A 74 -7.77 10.31 -11.03
CA GLN A 74 -8.27 11.66 -10.75
C GLN A 74 -7.13 12.60 -10.38
N HIS A 75 -6.02 12.02 -9.91
CA HIS A 75 -4.86 12.81 -9.53
C HIS A 75 -3.88 12.94 -10.69
N GLY A 76 -3.89 11.95 -11.59
CA GLY A 76 -3.00 11.97 -12.72
C GLY A 76 -2.03 10.81 -12.72
N VAL A 77 -2.56 9.60 -12.82
CA VAL A 77 -1.73 8.39 -12.84
C VAL A 77 -2.16 7.43 -13.93
N LYS A 78 -1.19 6.94 -14.70
CA LYS A 78 -1.48 6.01 -15.79
C LYS A 78 -1.19 4.57 -15.36
N PRO A 79 -1.85 3.61 -16.03
CA PRO A 79 -1.67 2.18 -15.74
C PRO A 79 -0.30 1.67 -16.14
N GLN A 80 0.19 0.67 -15.42
CA GLN A 80 1.50 0.08 -15.69
C GLN A 80 2.61 1.11 -15.49
N GLU A 81 2.45 1.95 -14.47
CA GLU A 81 3.44 2.98 -14.17
C GLU A 81 4.03 2.76 -12.78
N ILE A 82 5.15 3.45 -12.51
CA ILE A 82 5.81 3.33 -11.22
C ILE A 82 5.69 4.63 -10.42
N VAL A 83 5.27 4.50 -9.16
CA VAL A 83 5.12 5.66 -8.29
C VAL A 83 5.66 5.36 -6.89
N GLN A 84 5.63 6.38 -6.03
CA GLN A 84 6.10 6.23 -4.66
C GLN A 84 5.11 6.81 -3.66
N VAL A 85 4.70 5.99 -2.70
CA VAL A 85 3.74 6.43 -1.69
C VAL A 85 4.23 6.07 -0.29
N GLU A 86 3.85 6.88 0.69
CA GLU A 86 4.25 6.65 2.07
C GLU A 86 3.03 6.36 2.95
N ILE A 87 3.17 5.41 3.87
CA ILE A 87 2.09 5.05 4.76
C ILE A 87 2.45 5.35 6.21
N PHE A 88 1.46 5.81 6.97
CA PHE A 88 1.67 6.14 8.38
C PHE A 88 0.34 6.31 9.10
N SER A 89 0.41 6.45 10.42
CA SER A 89 -0.80 6.62 11.23
C SER A 89 -0.81 7.99 11.91
N THR A 90 -2.00 8.58 12.02
CA THR A 90 -2.15 9.89 12.64
C THR A 90 -1.87 9.82 14.13
N ASN A 91 -2.22 8.70 14.74
CA ASN A 91 -2.02 8.51 16.18
C ASN A 91 -1.35 7.16 16.45
N PRO A 92 -0.01 7.14 16.40
CA PRO A 92 0.78 5.93 16.65
C PRO A 92 0.74 5.49 18.11
N ASP A 93 0.21 6.36 18.96
CA ASP A 93 0.10 6.06 20.38
C ASP A 93 -1.02 5.07 20.66
N LEU A 94 -2.11 5.19 19.89
CA LEU A 94 -3.25 4.30 20.05
C LEU A 94 -3.16 3.11 19.10
N TYR A 95 -2.93 3.40 17.82
CA TYR A 95 -2.82 2.35 16.82
C TYR A 95 -1.53 2.51 16.00
N PRO A 96 -0.42 2.01 16.55
CA PRO A 96 0.89 2.08 15.90
C PRO A 96 0.98 1.19 14.67
N VAL A 97 1.87 1.54 13.75
CA VAL A 97 2.05 0.76 12.52
C VAL A 97 3.19 -0.23 12.67
N ARG A 98 3.04 -1.40 12.08
CA ARG A 98 4.06 -2.45 12.14
C ARG A 98 4.30 -3.04 10.75
N ARG A 99 5.41 -3.78 10.63
CA ARG A 99 5.76 -4.41 9.36
C ARG A 99 4.84 -5.61 9.08
N ILE A 100 4.68 -5.93 7.80
CA ILE A 100 3.85 -7.04 7.39
C ILE A 100 4.59 -8.37 7.50
N ASP A 101 3.90 -9.40 7.97
CA ASP A 101 4.50 -10.72 8.13
C ASP A 101 5.42 -11.04 6.94
N GLY A 102 4.86 -10.97 5.74
CA GLY A 102 5.65 -11.26 4.55
C GLY A 102 5.31 -12.60 3.94
N LEU A 103 4.02 -12.87 3.77
CA LEU A 103 3.57 -14.14 3.21
C LEU A 103 4.44 -15.30 3.68
N THR A 104 4.96 -15.17 4.89
CA THR A 104 5.81 -16.21 5.47
C THR A 104 5.25 -16.71 6.79
N ASP A 105 5.03 -18.02 6.88
CA ASP A 105 4.49 -18.62 8.09
C ASP A 105 5.48 -18.48 9.25
N VAL A 106 6.70 -18.96 9.05
CA VAL A 106 7.74 -18.89 10.07
C VAL A 106 8.02 -17.44 10.46
N SER A 107 7.95 -17.16 11.75
CA SER A 107 8.19 -15.81 12.26
C SER A 107 8.77 -15.85 13.67
N GLN A 108 9.30 -14.73 14.12
CA GLN A 108 9.90 -14.63 15.45
C GLN A 108 9.49 -13.34 16.14
N ILE A 109 9.22 -13.42 17.44
CA ILE A 109 8.83 -12.25 18.21
C ILE A 109 9.81 -11.98 19.35
N ILE A 110 9.87 -10.73 19.78
CA ILE A 110 10.77 -10.33 20.86
C ILE A 110 10.49 -8.91 21.32
N THR A 111 10.27 -8.74 22.62
CA THR A 111 10.00 -7.43 23.19
C THR A 111 11.08 -6.42 22.80
N VAL A 112 10.65 -5.28 22.26
CA VAL A 112 11.58 -4.24 21.84
C VAL A 112 12.38 -3.72 23.03
N SER A 113 13.67 -3.49 22.83
CA SER A 113 14.55 -2.99 23.88
C SER A 113 14.02 -1.67 24.43
N GLY A 114 13.37 -1.73 25.59
CA GLY A 114 12.83 -0.52 26.20
C GLY A 114 11.59 -0.80 27.03
N PRO A 115 11.45 -0.08 28.15
CA PRO A 115 10.29 -0.23 29.04
C PRO A 115 9.00 0.29 28.43
N SER A 116 8.17 -0.63 27.95
CA SER A 116 6.90 -0.27 27.33
C SER A 116 6.05 -1.51 27.08
N SER A 117 4.76 -1.41 27.43
CA SER A 117 3.83 -2.52 27.24
C SER A 117 2.72 -2.14 26.27
N GLY A 118 2.08 -3.16 25.70
CA GLY A 118 1.00 -2.91 24.76
C GLY A 118 -0.34 -2.74 25.45
N GLY A 1 -14.55 -9.37 3.52
CA GLY A 1 -14.25 -9.59 2.11
C GLY A 1 -15.21 -10.56 1.46
N SER A 2 -14.95 -11.85 1.63
CA SER A 2 -15.80 -12.88 1.05
C SER A 2 -16.06 -12.60 -0.43
N SER A 3 -15.01 -12.20 -1.15
CA SER A 3 -15.12 -11.89 -2.57
C SER A 3 -14.04 -12.62 -3.37
N GLY A 4 -14.22 -12.66 -4.68
CA GLY A 4 -13.24 -13.32 -5.54
C GLY A 4 -11.85 -12.72 -5.40
N SER A 5 -10.83 -13.53 -5.69
CA SER A 5 -9.46 -13.07 -5.60
C SER A 5 -8.99 -12.46 -6.91
N SER A 6 -9.12 -13.23 -7.99
CA SER A 6 -8.72 -12.76 -9.32
C SER A 6 -9.85 -12.94 -10.33
N GLY A 7 -9.94 -12.00 -11.27
CA GLY A 7 -10.99 -12.06 -12.27
C GLY A 7 -10.93 -13.35 -13.08
N GLN A 8 -11.67 -13.38 -14.18
CA GLN A 8 -11.70 -14.57 -15.03
C GLN A 8 -10.55 -14.56 -16.03
N GLU A 9 -10.51 -13.52 -16.86
CA GLU A 9 -9.46 -13.38 -17.87
C GLU A 9 -8.35 -12.46 -17.37
N SER A 10 -7.11 -12.98 -17.37
CA SER A 10 -5.97 -12.20 -16.92
C SER A 10 -5.75 -10.98 -17.82
N VAL A 11 -5.57 -9.82 -17.19
CA VAL A 11 -5.35 -8.59 -17.93
C VAL A 11 -4.03 -7.93 -17.52
N GLU A 12 -3.78 -7.86 -16.22
CA GLU A 12 -2.55 -7.27 -15.71
C GLU A 12 -2.12 -6.08 -16.57
N ASP A 13 -3.10 -5.26 -16.94
CA ASP A 13 -2.82 -4.08 -17.75
C ASP A 13 -3.13 -2.79 -16.99
N SER A 14 -4.38 -2.65 -16.56
CA SER A 14 -4.80 -1.47 -15.82
C SER A 14 -4.01 -1.32 -14.53
N LEU A 15 -3.49 -2.44 -14.02
CA LEU A 15 -2.71 -2.44 -12.80
C LEU A 15 -1.48 -1.56 -12.93
N ALA A 16 -1.03 -1.01 -11.81
CA ALA A 16 0.15 -0.15 -11.80
C ALA A 16 1.08 -0.48 -10.65
N THR A 17 2.38 -0.36 -10.88
CA THR A 17 3.38 -0.65 -9.85
C THR A 17 3.40 0.42 -8.78
N VAL A 18 2.59 0.24 -7.74
CA VAL A 18 2.52 1.19 -6.64
C VAL A 18 3.39 0.74 -5.47
N LYS A 19 4.51 1.43 -5.27
CA LYS A 19 5.42 1.11 -4.19
C LYS A 19 4.96 1.74 -2.87
N VAL A 20 5.22 1.05 -1.76
CA VAL A 20 4.82 1.54 -0.45
C VAL A 20 6.03 1.65 0.48
N VAL A 21 5.99 2.62 1.39
CA VAL A 21 7.08 2.82 2.33
C VAL A 21 6.55 3.06 3.74
N LEU A 22 7.11 2.34 4.70
CA LEU A 22 6.69 2.46 6.10
C LEU A 22 7.44 3.59 6.79
N ILE A 23 6.69 4.54 7.33
CA ILE A 23 7.28 5.68 8.03
C ILE A 23 7.88 5.25 9.37
N PRO A 24 7.04 4.67 10.23
CA PRO A 24 7.46 4.21 11.56
C PRO A 24 8.38 2.99 11.47
N VAL A 25 8.36 2.31 10.33
CA VAL A 25 9.18 1.13 10.12
C VAL A 25 10.34 1.43 9.17
N GLY A 26 10.00 1.84 7.95
CA GLY A 26 11.02 2.15 6.96
C GLY A 26 11.15 1.08 5.90
N GLN A 27 10.39 0.00 6.07
CA GLN A 27 10.42 -1.10 5.11
C GLN A 27 9.73 -0.72 3.81
N GLU A 28 10.14 -1.37 2.71
CA GLU A 28 9.57 -1.09 1.40
C GLU A 28 8.76 -2.29 0.90
N ILE A 29 7.54 -2.02 0.45
CA ILE A 29 6.67 -3.07 -0.06
C ILE A 29 6.09 -2.69 -1.42
N VAL A 30 6.16 -3.61 -2.37
CA VAL A 30 5.63 -3.38 -3.71
C VAL A 30 4.41 -4.26 -3.98
N ILE A 31 3.33 -3.64 -4.43
CA ILE A 31 2.10 -4.36 -4.74
C ILE A 31 1.32 -3.69 -5.85
N PRO A 32 0.86 -4.49 -6.83
CA PRO A 32 0.10 -3.98 -7.97
C PRO A 32 -1.29 -3.52 -7.57
N PHE A 33 -1.56 -2.22 -7.75
CA PHE A 33 -2.85 -1.65 -7.40
C PHE A 33 -3.56 -1.11 -8.64
N LYS A 34 -4.88 -1.06 -8.60
CA LYS A 34 -5.67 -0.57 -9.71
C LYS A 34 -5.73 0.95 -9.70
N VAL A 35 -5.49 1.56 -10.87
CA VAL A 35 -5.51 3.01 -10.99
C VAL A 35 -6.94 3.52 -11.05
N ASP A 36 -7.86 2.67 -11.51
CA ASP A 36 -9.26 3.04 -11.62
C ASP A 36 -10.05 2.51 -10.44
N THR A 37 -9.42 2.47 -9.28
CA THR A 37 -10.06 1.98 -8.06
C THR A 37 -9.72 2.85 -6.86
N ILE A 38 -10.74 3.25 -6.10
CA ILE A 38 -10.54 4.08 -4.93
C ILE A 38 -9.40 3.56 -4.07
N LEU A 39 -8.67 4.48 -3.45
CA LEU A 39 -7.54 4.11 -2.59
C LEU A 39 -8.02 3.26 -1.42
N LYS A 40 -9.33 3.23 -1.19
CA LYS A 40 -9.91 2.45 -0.11
C LYS A 40 -9.51 0.99 -0.22
N TYR A 41 -9.70 0.41 -1.41
CA TYR A 41 -9.35 -0.99 -1.65
C TYR A 41 -8.01 -1.35 -1.01
N LEU A 42 -6.97 -0.65 -1.43
CA LEU A 42 -5.63 -0.89 -0.90
C LEU A 42 -5.55 -0.50 0.57
N LYS A 43 -6.29 0.54 0.95
CA LYS A 43 -6.31 1.01 2.33
C LYS A 43 -6.68 -0.12 3.28
N ASP A 44 -7.95 -0.50 3.28
CA ASP A 44 -8.44 -1.56 4.14
C ASP A 44 -7.49 -2.75 4.12
N HIS A 45 -6.89 -3.01 2.96
CA HIS A 45 -5.95 -4.12 2.81
C HIS A 45 -4.87 -4.07 3.89
N PHE A 46 -4.16 -2.94 3.96
CA PHE A 46 -3.10 -2.76 4.94
C PHE A 46 -3.68 -2.58 6.34
N SER A 47 -4.80 -1.86 6.43
CA SER A 47 -5.45 -1.62 7.71
C SER A 47 -5.71 -2.92 8.46
N HIS A 48 -6.58 -3.76 7.90
CA HIS A 48 -6.91 -5.04 8.51
C HIS A 48 -5.65 -5.84 8.79
N LEU A 49 -4.85 -6.06 7.75
CA LEU A 49 -3.60 -6.82 7.88
C LEU A 49 -2.81 -6.36 9.10
N LEU A 50 -2.48 -5.07 9.13
CA LEU A 50 -1.71 -4.51 10.24
C LEU A 50 -2.44 -4.73 11.56
N GLY A 51 -3.75 -4.89 11.49
CA GLY A 51 -4.54 -5.11 12.69
C GLY A 51 -5.13 -3.84 13.25
N ILE A 52 -4.92 -2.73 12.53
CA ILE A 52 -5.43 -1.43 12.96
C ILE A 52 -6.43 -0.88 11.94
N PRO A 53 -7.38 -0.07 12.43
CA PRO A 53 -8.41 0.55 11.58
C PRO A 53 -7.82 1.61 10.65
N HIS A 54 -8.62 2.03 9.67
CA HIS A 54 -8.19 3.05 8.71
C HIS A 54 -8.49 4.45 9.24
N SER A 55 -9.29 4.52 10.30
CA SER A 55 -9.65 5.80 10.89
C SER A 55 -8.43 6.51 11.45
N VAL A 56 -7.34 5.76 11.64
CA VAL A 56 -6.11 6.32 12.17
C VAL A 56 -4.99 6.26 11.14
N LEU A 57 -5.15 5.39 10.15
CA LEU A 57 -4.16 5.24 9.09
C LEU A 57 -4.46 6.17 7.92
N GLN A 58 -3.40 6.65 7.27
CA GLN A 58 -3.54 7.55 6.14
C GLN A 58 -2.44 7.31 5.11
N ILE A 59 -2.54 8.00 3.98
CA ILE A 59 -1.56 7.86 2.91
C ILE A 59 -1.12 9.22 2.38
N ARG A 60 0.19 9.41 2.24
CA ARG A 60 0.73 10.67 1.75
C ARG A 60 1.33 10.49 0.36
N TYR A 61 0.88 11.32 -0.58
CA TYR A 61 1.37 11.25 -1.95
C TYR A 61 1.56 12.66 -2.53
N SER A 62 2.76 12.92 -3.02
CA SER A 62 3.08 14.22 -3.60
C SER A 62 2.98 15.32 -2.56
N GLY A 63 3.17 14.95 -1.29
CA GLY A 63 3.09 15.92 -0.21
C GLY A 63 1.66 16.20 0.21
N LYS A 64 0.70 15.67 -0.55
CA LYS A 64 -0.70 15.87 -0.25
C LYS A 64 -1.37 14.56 0.15
N ILE A 65 -2.28 14.63 1.12
CA ILE A 65 -2.99 13.45 1.59
C ILE A 65 -4.10 13.06 0.63
N LEU A 66 -4.30 11.75 0.46
CA LEU A 66 -5.34 11.23 -0.43
C LEU A 66 -6.40 10.47 0.35
N LYS A 67 -7.65 10.65 -0.04
CA LYS A 67 -8.77 9.98 0.61
C LYS A 67 -9.27 8.81 -0.23
N ASN A 68 -10.23 8.07 0.32
CA ASN A 68 -10.80 6.92 -0.38
C ASN A 68 -11.54 7.37 -1.63
N ASN A 69 -12.58 8.17 -1.45
CA ASN A 69 -13.38 8.67 -2.56
C ASN A 69 -12.48 9.06 -3.73
N GLU A 70 -11.25 9.46 -3.43
CA GLU A 70 -10.31 9.86 -4.45
C GLU A 70 -9.69 8.64 -5.13
N THR A 71 -9.47 8.74 -6.44
CA THR A 71 -8.89 7.65 -7.21
C THR A 71 -7.52 8.04 -7.76
N LEU A 72 -6.71 7.04 -8.08
CA LEU A 72 -5.37 7.27 -8.62
C LEU A 72 -5.46 8.07 -9.92
N VAL A 73 -6.37 7.70 -10.79
CA VAL A 73 -6.55 8.38 -12.07
C VAL A 73 -7.06 9.80 -11.86
N GLN A 74 -7.69 10.03 -10.71
CA GLN A 74 -8.23 11.35 -10.38
C GLN A 74 -7.12 12.29 -9.93
N HIS A 75 -6.00 11.72 -9.49
CA HIS A 75 -4.86 12.51 -9.04
C HIS A 75 -3.83 12.68 -10.14
N GLY A 76 -3.97 11.87 -11.19
CA GLY A 76 -3.04 11.95 -12.31
C GLY A 76 -2.11 10.75 -12.37
N VAL A 77 -2.70 9.56 -12.44
CA VAL A 77 -1.91 8.33 -12.51
C VAL A 77 -2.38 7.45 -13.66
N LYS A 78 -1.42 6.95 -14.45
CA LYS A 78 -1.73 6.09 -15.57
C LYS A 78 -1.36 4.65 -15.29
N PRO A 79 -1.94 3.71 -16.05
CA PRO A 79 -1.69 2.28 -15.89
C PRO A 79 -0.27 1.89 -16.31
N GLN A 80 0.26 0.85 -15.68
CA GLN A 80 1.61 0.38 -16.00
C GLN A 80 2.64 1.45 -15.71
N GLU A 81 2.48 2.14 -14.59
CA GLU A 81 3.40 3.21 -14.20
C GLU A 81 3.96 2.95 -12.80
N ILE A 82 5.08 3.60 -12.50
CA ILE A 82 5.73 3.44 -11.20
C ILE A 82 5.58 4.71 -10.36
N VAL A 83 5.16 4.54 -9.11
CA VAL A 83 4.99 5.67 -8.21
C VAL A 83 5.57 5.37 -6.83
N GLN A 84 5.49 6.35 -5.94
CA GLN A 84 6.02 6.18 -4.58
C GLN A 84 5.09 6.84 -3.56
N VAL A 85 4.60 6.04 -2.62
CA VAL A 85 3.70 6.54 -1.58
C VAL A 85 4.17 6.13 -0.19
N GLU A 86 3.85 6.94 0.80
CA GLU A 86 4.24 6.65 2.18
C GLU A 86 3.02 6.37 3.04
N ILE A 87 3.17 5.45 4.00
CA ILE A 87 2.08 5.09 4.89
C ILE A 87 2.47 5.33 6.35
N PHE A 88 1.50 5.79 7.14
CA PHE A 88 1.74 6.05 8.56
C PHE A 88 0.42 6.24 9.30
N SER A 89 0.46 6.08 10.62
CA SER A 89 -0.73 6.24 11.45
C SER A 89 -0.66 7.52 12.28
N THR A 90 -1.78 8.20 12.38
CA THR A 90 -1.86 9.44 13.14
C THR A 90 -1.73 9.18 14.64
N ASN A 91 -2.30 8.06 15.09
CA ASN A 91 -2.25 7.70 16.50
C ASN A 91 -1.42 6.44 16.70
N PRO A 92 -0.09 6.61 16.74
CA PRO A 92 0.84 5.49 16.93
C PRO A 92 0.79 4.91 18.34
N ASP A 93 0.27 5.71 19.27
CA ASP A 93 0.15 5.28 20.66
C ASP A 93 -1.02 4.33 20.84
N LEU A 94 -2.08 4.55 20.06
CA LEU A 94 -3.26 3.71 20.14
C LEU A 94 -3.22 2.60 19.09
N TYR A 95 -2.84 2.96 17.87
CA TYR A 95 -2.75 2.01 16.78
C TYR A 95 -1.42 2.14 16.03
N PRO A 96 -0.37 1.54 16.60
CA PRO A 96 0.97 1.58 16.01
C PRO A 96 1.06 0.76 14.73
N VAL A 97 2.06 1.08 13.91
CA VAL A 97 2.25 0.37 12.65
C VAL A 97 3.35 -0.70 12.78
N ARG A 98 3.18 -1.80 12.07
CA ARG A 98 4.15 -2.90 12.11
C ARG A 98 4.61 -3.26 10.71
N ARG A 99 5.73 -3.98 10.63
CA ARG A 99 6.27 -4.40 9.35
C ARG A 99 5.47 -5.57 8.77
N ILE A 100 5.55 -5.75 7.46
CA ILE A 100 4.84 -6.83 6.79
C ILE A 100 5.73 -7.53 5.77
N ASP A 101 5.87 -8.84 5.93
CA ASP A 101 6.70 -9.64 5.03
C ASP A 101 6.19 -9.54 3.59
N GLY A 102 7.11 -9.45 2.64
CA GLY A 102 6.73 -9.35 1.24
C GLY A 102 5.97 -10.57 0.77
N LEU A 103 5.60 -10.57 -0.51
CA LEU A 103 4.85 -11.67 -1.09
C LEU A 103 5.47 -12.11 -2.42
N THR A 104 5.42 -11.21 -3.40
CA THR A 104 5.98 -11.50 -4.72
C THR A 104 7.50 -11.57 -4.68
N ASP A 105 8.11 -10.63 -3.97
CA ASP A 105 9.56 -10.59 -3.84
C ASP A 105 10.21 -10.11 -5.14
N VAL A 106 9.78 -8.94 -5.61
CA VAL A 106 10.32 -8.36 -6.83
C VAL A 106 10.21 -6.85 -6.82
N SER A 107 11.09 -6.20 -7.57
CA SER A 107 11.11 -4.74 -7.65
C SER A 107 11.75 -4.26 -8.95
N GLN A 108 11.54 -2.99 -9.28
CA GLN A 108 12.11 -2.42 -10.49
C GLN A 108 12.33 -0.92 -10.33
N ILE A 109 13.03 -0.32 -11.29
CA ILE A 109 13.32 1.10 -11.26
C ILE A 109 13.78 1.62 -12.62
N ILE A 110 13.42 2.86 -12.93
CA ILE A 110 13.80 3.46 -14.20
C ILE A 110 13.82 4.98 -14.10
N THR A 111 14.69 5.61 -14.89
CA THR A 111 14.81 7.06 -14.89
C THR A 111 15.20 7.58 -16.27
N VAL A 112 15.00 8.87 -16.49
CA VAL A 112 15.34 9.49 -17.77
C VAL A 112 16.00 10.85 -17.56
N SER A 113 16.85 11.23 -18.51
CA SER A 113 17.55 12.51 -18.43
C SER A 113 18.32 12.78 -19.73
N GLY A 114 18.43 14.07 -20.08
CA GLY A 114 19.14 14.43 -21.29
C GLY A 114 19.27 15.94 -21.44
N PRO A 115 20.36 16.39 -22.07
CA PRO A 115 20.62 17.81 -22.30
C PRO A 115 19.67 18.43 -23.32
N SER A 116 19.92 19.68 -23.67
CA SER A 116 19.07 20.38 -24.63
C SER A 116 19.82 21.57 -25.24
N SER A 117 19.36 22.02 -26.40
CA SER A 117 19.98 23.15 -27.09
C SER A 117 19.35 24.46 -26.66
N GLY A 118 18.05 24.60 -26.91
CA GLY A 118 17.35 25.81 -26.54
C GLY A 118 17.27 26.00 -25.03
N GLY A 1 -6.83 -16.61 3.81
CA GLY A 1 -6.93 -15.16 3.83
C GLY A 1 -7.96 -14.66 4.82
N SER A 2 -7.71 -13.49 5.39
CA SER A 2 -8.62 -12.91 6.37
C SER A 2 -9.55 -11.88 5.70
N SER A 3 -10.85 -12.16 5.74
CA SER A 3 -11.83 -11.27 5.14
C SER A 3 -11.34 -10.73 3.79
N GLY A 4 -10.74 -11.62 3.00
CA GLY A 4 -10.23 -11.22 1.70
C GLY A 4 -10.10 -12.38 0.74
N SER A 5 -10.66 -12.23 -0.46
CA SER A 5 -10.61 -13.28 -1.46
C SER A 5 -9.84 -12.82 -2.70
N SER A 6 -9.26 -13.77 -3.41
CA SER A 6 -8.49 -13.46 -4.61
C SER A 6 -8.49 -14.65 -5.58
N GLY A 7 -8.16 -14.37 -6.84
CA GLY A 7 -8.13 -15.42 -7.85
C GLY A 7 -6.73 -15.92 -8.12
N GLN A 8 -6.59 -16.74 -9.15
CA GLN A 8 -5.28 -17.29 -9.52
C GLN A 8 -4.68 -16.52 -10.67
N GLU A 9 -5.48 -16.28 -11.71
CA GLU A 9 -5.01 -15.55 -12.88
C GLU A 9 -4.97 -14.04 -12.61
N SER A 10 -3.85 -13.42 -12.96
CA SER A 10 -3.66 -11.99 -12.74
C SER A 10 -3.71 -11.23 -14.06
N VAL A 11 -4.77 -10.45 -14.26
CA VAL A 11 -4.93 -9.68 -15.48
C VAL A 11 -4.16 -8.37 -15.41
N GLU A 12 -2.86 -8.44 -15.66
CA GLU A 12 -2.00 -7.26 -15.62
C GLU A 12 -2.20 -6.40 -16.87
N ASP A 13 -3.40 -5.84 -17.02
CA ASP A 13 -3.71 -5.01 -18.17
C ASP A 13 -3.86 -3.55 -17.75
N SER A 14 -4.36 -3.33 -16.55
CA SER A 14 -4.55 -1.97 -16.02
C SER A 14 -3.95 -1.83 -14.63
N LEU A 15 -2.95 -2.66 -14.34
CA LEU A 15 -2.30 -2.63 -13.04
C LEU A 15 -1.07 -1.73 -13.07
N ALA A 16 -1.01 -0.78 -12.14
CA ALA A 16 0.12 0.14 -12.06
C ALA A 16 0.97 -0.14 -10.83
N THR A 17 2.29 -0.19 -11.04
CA THR A 17 3.22 -0.45 -9.94
C THR A 17 3.21 0.67 -8.92
N VAL A 18 2.65 0.39 -7.75
CA VAL A 18 2.58 1.38 -6.68
C VAL A 18 3.51 1.02 -5.53
N LYS A 19 4.66 1.68 -5.47
CA LYS A 19 5.63 1.43 -4.41
C LYS A 19 5.20 2.09 -3.11
N VAL A 20 5.17 1.30 -2.04
CA VAL A 20 4.78 1.79 -0.73
C VAL A 20 5.94 1.72 0.26
N VAL A 21 5.99 2.69 1.16
CA VAL A 21 7.05 2.74 2.16
C VAL A 21 6.49 3.06 3.55
N LEU A 22 6.81 2.22 4.52
CA LEU A 22 6.33 2.41 5.88
C LEU A 22 7.11 3.51 6.58
N ILE A 23 6.39 4.47 7.15
CA ILE A 23 7.03 5.59 7.86
C ILE A 23 7.65 5.12 9.16
N PRO A 24 6.83 4.55 10.05
CA PRO A 24 7.29 4.05 11.35
C PRO A 24 8.18 2.81 11.22
N VAL A 25 7.84 1.94 10.27
CA VAL A 25 8.60 0.72 10.04
C VAL A 25 9.83 1.00 9.18
N GLY A 26 9.66 1.84 8.17
CA GLY A 26 10.76 2.17 7.28
C GLY A 26 11.02 1.11 6.25
N GLN A 27 10.17 0.08 6.23
CA GLN A 27 10.30 -1.01 5.27
C GLN A 27 9.53 -0.72 4.00
N GLU A 28 10.09 -1.12 2.87
CA GLU A 28 9.45 -0.91 1.57
C GLU A 28 8.57 -2.09 1.20
N ILE A 29 7.52 -1.82 0.44
CA ILE A 29 6.59 -2.86 0.01
C ILE A 29 6.05 -2.59 -1.39
N VAL A 30 6.18 -3.56 -2.27
CA VAL A 30 5.72 -3.43 -3.65
C VAL A 30 4.50 -4.31 -3.90
N ILE A 31 3.39 -3.67 -4.28
CA ILE A 31 2.16 -4.41 -4.55
C ILE A 31 1.36 -3.74 -5.68
N PRO A 32 0.91 -4.54 -6.65
CA PRO A 32 0.14 -4.06 -7.78
C PRO A 32 -1.26 -3.60 -7.38
N PHE A 33 -1.58 -2.35 -7.69
CA PHE A 33 -2.90 -1.80 -7.36
C PHE A 33 -3.62 -1.32 -8.61
N LYS A 34 -4.94 -1.20 -8.52
CA LYS A 34 -5.75 -0.75 -9.66
C LYS A 34 -5.90 0.77 -9.63
N VAL A 35 -5.60 1.40 -10.76
CA VAL A 35 -5.71 2.85 -10.88
C VAL A 35 -7.16 3.29 -11.00
N ASP A 36 -7.99 2.42 -11.55
CA ASP A 36 -9.41 2.71 -11.71
C ASP A 36 -10.19 2.33 -10.46
N THR A 37 -9.47 2.09 -9.36
CA THR A 37 -10.11 1.72 -8.10
C THR A 37 -9.71 2.67 -6.99
N ILE A 38 -10.69 3.09 -6.19
CA ILE A 38 -10.43 4.01 -5.09
C ILE A 38 -9.26 3.53 -4.24
N LEU A 39 -8.58 4.48 -3.59
CA LEU A 39 -7.44 4.16 -2.74
C LEU A 39 -7.88 3.35 -1.53
N LYS A 40 -9.12 3.55 -1.11
CA LYS A 40 -9.66 2.85 0.05
C LYS A 40 -9.25 1.38 0.04
N TYR A 41 -9.67 0.66 -1.00
CA TYR A 41 -9.35 -0.75 -1.14
C TYR A 41 -7.94 -1.04 -0.62
N LEU A 42 -6.95 -0.40 -1.24
CA LEU A 42 -5.56 -0.59 -0.84
C LEU A 42 -5.36 -0.28 0.65
N LYS A 43 -6.02 0.76 1.12
CA LYS A 43 -5.94 1.16 2.51
C LYS A 43 -6.42 0.04 3.43
N ASP A 44 -7.56 -0.54 3.08
CA ASP A 44 -8.14 -1.63 3.87
C ASP A 44 -7.17 -2.80 3.96
N HIS A 45 -6.71 -3.29 2.81
CA HIS A 45 -5.79 -4.41 2.76
C HIS A 45 -4.76 -4.31 3.89
N PHE A 46 -4.42 -3.08 4.26
CA PHE A 46 -3.44 -2.85 5.32
C PHE A 46 -4.13 -2.78 6.68
N SER A 47 -5.25 -2.08 6.73
CA SER A 47 -6.00 -1.93 7.98
C SER A 47 -6.21 -3.29 8.65
N HIS A 48 -6.65 -4.27 7.86
CA HIS A 48 -6.89 -5.61 8.38
C HIS A 48 -5.57 -6.27 8.80
N LEU A 49 -4.62 -6.33 7.87
CA LEU A 49 -3.33 -6.93 8.15
C LEU A 49 -2.72 -6.37 9.43
N LEU A 50 -2.47 -5.06 9.43
CA LEU A 50 -1.90 -4.40 10.59
C LEU A 50 -2.82 -4.52 11.80
N GLY A 51 -4.10 -4.75 11.55
CA GLY A 51 -5.06 -4.88 12.62
C GLY A 51 -5.71 -3.56 12.99
N ILE A 52 -5.09 -2.46 12.56
CA ILE A 52 -5.60 -1.13 12.85
C ILE A 52 -6.56 -0.67 11.76
N PRO A 53 -7.55 0.17 12.16
CA PRO A 53 -8.56 0.70 11.24
C PRO A 53 -7.95 1.70 10.25
N HIS A 54 -8.69 1.97 9.18
CA HIS A 54 -8.24 2.92 8.16
C HIS A 54 -8.44 4.35 8.62
N SER A 55 -9.31 4.54 9.62
CA SER A 55 -9.60 5.87 10.15
C SER A 55 -8.32 6.59 10.54
N VAL A 56 -7.51 5.94 11.39
CA VAL A 56 -6.25 6.52 11.84
C VAL A 56 -5.19 6.43 10.75
N LEU A 57 -5.12 5.29 10.08
CA LEU A 57 -4.14 5.08 9.01
C LEU A 57 -4.42 6.00 7.84
N GLN A 58 -3.37 6.63 7.32
CA GLN A 58 -3.51 7.54 6.19
C GLN A 58 -2.40 7.30 5.17
N ILE A 59 -2.53 7.93 4.00
CA ILE A 59 -1.54 7.78 2.94
C ILE A 59 -1.11 9.14 2.41
N ARG A 60 0.19 9.29 2.18
CA ARG A 60 0.74 10.55 1.66
C ARG A 60 1.39 10.34 0.30
N TYR A 61 0.99 11.13 -0.68
CA TYR A 61 1.53 11.04 -2.02
C TYR A 61 1.89 12.42 -2.57
N SER A 62 3.06 12.51 -3.18
CA SER A 62 3.52 13.78 -3.76
C SER A 62 3.52 14.88 -2.69
N GLY A 63 3.70 14.49 -1.44
CA GLY A 63 3.71 15.44 -0.35
C GLY A 63 2.32 15.91 0.03
N LYS A 64 1.30 15.19 -0.45
CA LYS A 64 -0.08 15.53 -0.16
C LYS A 64 -0.77 14.40 0.60
N ILE A 65 -1.98 14.67 1.07
CA ILE A 65 -2.76 13.67 1.81
C ILE A 65 -3.94 13.18 0.99
N LEU A 66 -3.81 11.99 0.42
CA LEU A 66 -4.88 11.41 -0.38
C LEU A 66 -6.04 10.94 0.50
N LYS A 67 -7.16 10.61 -0.13
CA LYS A 67 -8.33 10.13 0.59
C LYS A 67 -8.82 8.80 0.04
N ASN A 68 -9.83 8.23 0.68
CA ASN A 68 -10.38 6.95 0.25
C ASN A 68 -11.20 7.13 -1.03
N ASN A 69 -12.21 7.98 -0.97
CA ASN A 69 -13.07 8.23 -2.12
C ASN A 69 -12.24 8.63 -3.34
N GLU A 70 -11.14 9.33 -3.11
CA GLU A 70 -10.26 9.77 -4.18
C GLU A 70 -9.80 8.58 -5.01
N THR A 71 -9.09 8.87 -6.10
CA THR A 71 -8.58 7.82 -6.99
C THR A 71 -7.30 8.25 -7.67
N LEU A 72 -6.45 7.28 -7.99
CA LEU A 72 -5.18 7.55 -8.65
C LEU A 72 -5.39 8.24 -9.99
N VAL A 73 -6.31 7.70 -10.79
CA VAL A 73 -6.62 8.27 -12.10
C VAL A 73 -7.17 9.69 -11.97
N GLN A 74 -7.63 10.03 -10.77
CA GLN A 74 -8.19 11.35 -10.52
C GLN A 74 -7.07 12.36 -10.20
N HIS A 75 -5.90 11.84 -9.82
CA HIS A 75 -4.77 12.69 -9.49
C HIS A 75 -3.82 12.81 -10.67
N GLY A 76 -3.99 11.94 -11.67
CA GLY A 76 -3.15 11.96 -12.84
C GLY A 76 -2.19 10.79 -12.89
N VAL A 77 -2.74 9.58 -12.81
CA VAL A 77 -1.92 8.37 -12.84
C VAL A 77 -2.40 7.43 -13.94
N LYS A 78 -1.46 6.92 -14.73
CA LYS A 78 -1.78 6.01 -15.82
C LYS A 78 -1.49 4.56 -15.42
N PRO A 79 -2.16 3.62 -16.09
CA PRO A 79 -2.00 2.19 -15.82
C PRO A 79 -0.63 1.67 -16.27
N GLN A 80 -0.11 0.70 -15.52
CA GLN A 80 1.19 0.12 -15.84
C GLN A 80 2.31 1.15 -15.65
N GLU A 81 2.18 1.96 -14.60
CA GLU A 81 3.19 2.98 -14.31
C GLU A 81 3.79 2.77 -12.93
N ILE A 82 4.84 3.52 -12.63
CA ILE A 82 5.52 3.42 -11.34
C ILE A 82 5.32 4.69 -10.50
N VAL A 83 4.97 4.51 -9.24
CA VAL A 83 4.75 5.64 -8.34
C VAL A 83 5.37 5.37 -6.97
N GLN A 84 5.27 6.35 -6.08
CA GLN A 84 5.83 6.22 -4.74
C GLN A 84 4.89 6.86 -3.70
N VAL A 85 4.39 6.04 -2.79
CA VAL A 85 3.49 6.53 -1.75
C VAL A 85 4.03 6.20 -0.36
N GLU A 86 3.39 6.76 0.66
CA GLU A 86 3.81 6.54 2.04
C GLU A 86 2.61 6.19 2.93
N ILE A 87 2.84 5.34 3.92
CA ILE A 87 1.77 4.94 4.84
C ILE A 87 2.16 5.21 6.28
N PHE A 88 1.24 5.79 7.04
CA PHE A 88 1.50 6.11 8.44
C PHE A 88 0.18 6.33 9.19
N SER A 89 0.22 6.12 10.50
CA SER A 89 -0.96 6.29 11.33
C SER A 89 -0.89 7.60 12.13
N THR A 90 -1.98 8.36 12.11
CA THR A 90 -2.04 9.62 12.82
C THR A 90 -1.94 9.41 14.33
N ASN A 91 -2.57 8.34 14.81
CA ASN A 91 -2.55 8.02 16.23
C ASN A 91 -1.69 6.80 16.50
N PRO A 92 -0.36 6.99 16.54
CA PRO A 92 0.60 5.92 16.81
C PRO A 92 0.53 5.42 18.24
N ASP A 93 -0.01 6.24 19.13
CA ASP A 93 -0.12 5.88 20.53
C ASP A 93 -1.28 4.91 20.75
N LEU A 94 -2.34 5.09 19.97
CA LEU A 94 -3.52 4.23 20.08
C LEU A 94 -3.42 3.05 19.12
N TYR A 95 -3.04 3.33 17.88
CA TYR A 95 -2.90 2.30 16.86
C TYR A 95 -1.55 2.40 16.16
N PRO A 96 -0.51 1.89 16.82
CA PRO A 96 0.86 1.90 16.28
C PRO A 96 1.03 0.95 15.10
N VAL A 97 1.76 1.40 14.09
CA VAL A 97 2.00 0.59 12.90
C VAL A 97 3.15 -0.39 13.13
N ARG A 98 2.94 -1.64 12.72
CA ARG A 98 3.96 -2.67 12.87
C ARG A 98 4.37 -3.24 11.51
N ARG A 99 5.50 -3.96 11.49
CA ARG A 99 6.00 -4.54 10.26
C ARG A 99 5.01 -5.57 9.70
N ILE A 100 4.73 -5.47 8.41
CA ILE A 100 3.80 -6.39 7.76
C ILE A 100 4.22 -7.85 7.98
N ASP A 101 3.38 -8.60 8.67
CA ASP A 101 3.66 -10.01 8.94
C ASP A 101 3.07 -10.90 7.84
N GLY A 102 3.20 -12.21 8.03
CA GLY A 102 2.69 -13.15 7.06
C GLY A 102 3.66 -13.42 5.94
N LEU A 103 3.53 -12.67 4.85
CA LEU A 103 4.41 -12.83 3.70
C LEU A 103 5.82 -12.36 4.02
N THR A 104 6.74 -13.31 4.15
CA THR A 104 8.14 -12.99 4.46
C THR A 104 8.86 -12.45 3.22
N ASP A 105 9.93 -11.71 3.46
CA ASP A 105 10.72 -11.13 2.38
C ASP A 105 11.54 -12.20 1.66
N VAL A 106 12.32 -11.78 0.68
CA VAL A 106 13.16 -12.71 -0.08
C VAL A 106 14.57 -12.79 0.51
N SER A 107 15.10 -14.00 0.58
CA SER A 107 16.44 -14.22 1.13
C SER A 107 17.50 -14.09 0.04
N GLN A 108 17.32 -14.85 -1.04
CA GLN A 108 18.26 -14.82 -2.15
C GLN A 108 17.60 -15.30 -3.44
N ILE A 109 18.08 -14.80 -4.57
CA ILE A 109 17.53 -15.18 -5.87
C ILE A 109 18.62 -15.68 -6.80
N ILE A 110 18.25 -16.49 -7.77
CA ILE A 110 19.20 -17.03 -8.74
C ILE A 110 18.49 -17.51 -10.00
N THR A 111 19.20 -17.46 -11.13
CA THR A 111 18.64 -17.89 -12.40
C THR A 111 19.47 -19.01 -13.01
N VAL A 112 18.83 -19.81 -13.87
CA VAL A 112 19.51 -20.92 -14.52
C VAL A 112 19.30 -20.89 -16.03
N SER A 113 20.32 -21.29 -16.77
CA SER A 113 20.24 -21.30 -18.23
C SER A 113 20.65 -22.66 -18.78
N GLY A 114 20.42 -22.85 -20.08
CA GLY A 114 20.77 -24.12 -20.72
C GLY A 114 20.41 -24.14 -22.19
N PRO A 115 21.23 -24.84 -22.98
CA PRO A 115 21.01 -24.96 -24.44
C PRO A 115 19.79 -25.82 -24.76
N SER A 116 19.59 -26.09 -26.05
CA SER A 116 18.47 -26.89 -26.50
C SER A 116 18.68 -27.37 -27.94
N SER A 117 17.84 -28.31 -28.37
CA SER A 117 17.94 -28.85 -29.72
C SER A 117 16.55 -28.97 -30.36
N GLY A 118 16.53 -29.38 -31.63
CA GLY A 118 15.27 -29.52 -32.33
C GLY A 118 14.16 -30.01 -31.43
N GLY A 1 -18.32 2.48 7.66
CA GLY A 1 -17.41 1.54 8.29
C GLY A 1 -17.85 0.10 8.12
N SER A 2 -17.33 -0.56 7.09
CA SER A 2 -17.68 -1.95 6.82
C SER A 2 -16.42 -2.81 6.68
N SER A 3 -16.52 -4.07 7.11
CA SER A 3 -15.40 -4.99 7.03
C SER A 3 -15.80 -6.27 6.32
N GLY A 4 -14.83 -6.92 5.67
CA GLY A 4 -15.09 -8.15 4.96
C GLY A 4 -15.36 -7.92 3.48
N SER A 5 -14.33 -7.47 2.77
CA SER A 5 -14.45 -7.20 1.35
C SER A 5 -14.67 -8.49 0.57
N SER A 6 -15.68 -8.49 -0.29
CA SER A 6 -16.00 -9.68 -1.10
C SER A 6 -15.13 -9.72 -2.35
N GLY A 7 -14.59 -10.90 -2.65
CA GLY A 7 -13.75 -11.06 -3.81
C GLY A 7 -13.18 -12.47 -3.94
N GLN A 8 -13.25 -13.03 -5.13
CA GLN A 8 -12.75 -14.37 -5.38
C GLN A 8 -11.42 -14.33 -6.13
N GLU A 9 -11.45 -13.74 -7.32
CA GLU A 9 -10.24 -13.63 -8.14
C GLU A 9 -9.96 -12.17 -8.51
N SER A 10 -8.72 -11.90 -8.90
CA SER A 10 -8.33 -10.54 -9.28
C SER A 10 -8.60 -10.29 -10.76
N VAL A 11 -8.35 -9.06 -11.20
CA VAL A 11 -8.56 -8.68 -12.59
C VAL A 11 -7.33 -8.00 -13.16
N GLU A 12 -6.76 -8.59 -14.21
CA GLU A 12 -5.57 -8.03 -14.86
C GLU A 12 -5.96 -6.97 -15.87
N ASP A 13 -6.07 -5.72 -15.41
CA ASP A 13 -6.43 -4.61 -16.28
C ASP A 13 -6.02 -3.28 -15.67
N SER A 14 -5.45 -2.40 -16.50
CA SER A 14 -5.01 -1.10 -16.03
C SER A 14 -4.31 -1.21 -14.68
N LEU A 15 -3.31 -2.08 -14.61
CA LEU A 15 -2.57 -2.28 -13.37
C LEU A 15 -1.27 -1.48 -13.38
N ALA A 16 -1.06 -0.70 -12.33
CA ALA A 16 0.14 0.12 -12.21
C ALA A 16 0.94 -0.26 -10.97
N THR A 17 2.26 -0.14 -11.06
CA THR A 17 3.14 -0.46 -9.95
C THR A 17 3.18 0.67 -8.93
N VAL A 18 2.60 0.43 -7.76
CA VAL A 18 2.56 1.43 -6.70
C VAL A 18 3.44 1.00 -5.52
N LYS A 19 4.62 1.61 -5.43
CA LYS A 19 5.55 1.29 -4.35
C LYS A 19 5.06 1.85 -3.02
N VAL A 20 5.18 1.06 -1.96
CA VAL A 20 4.74 1.48 -0.63
C VAL A 20 5.93 1.58 0.32
N VAL A 21 5.95 2.65 1.13
CA VAL A 21 7.02 2.86 2.09
C VAL A 21 6.46 3.21 3.47
N LEU A 22 6.89 2.47 4.48
CA LEU A 22 6.43 2.70 5.84
C LEU A 22 7.18 3.87 6.48
N ILE A 23 6.43 4.83 7.01
CA ILE A 23 7.03 6.00 7.64
C ILE A 23 7.68 5.62 8.97
N PRO A 24 6.87 5.07 9.89
CA PRO A 24 7.34 4.65 11.21
C PRO A 24 8.26 3.44 11.15
N VAL A 25 7.98 2.54 10.21
CA VAL A 25 8.79 1.34 10.04
C VAL A 25 9.98 1.60 9.14
N GLY A 26 9.73 2.11 7.94
CA GLY A 26 10.79 2.40 7.01
C GLY A 26 11.07 1.25 6.07
N GLN A 27 10.19 0.25 6.07
CA GLN A 27 10.35 -0.92 5.23
C GLN A 27 9.70 -0.69 3.86
N GLU A 28 10.34 -1.22 2.81
CA GLU A 28 9.82 -1.07 1.47
C GLU A 28 8.92 -2.25 1.09
N ILE A 29 7.80 -1.96 0.43
CA ILE A 29 6.87 -2.98 0.01
C ILE A 29 6.26 -2.66 -1.35
N VAL A 30 6.25 -3.65 -2.24
CA VAL A 30 5.70 -3.47 -3.57
C VAL A 30 4.42 -4.29 -3.75
N ILE A 31 3.36 -3.63 -4.23
CA ILE A 31 2.09 -4.29 -4.44
C ILE A 31 1.32 -3.64 -5.58
N PRO A 32 0.73 -4.47 -6.46
CA PRO A 32 -0.05 -3.99 -7.61
C PRO A 32 -1.36 -3.35 -7.18
N PHE A 33 -1.86 -2.42 -8.00
CA PHE A 33 -3.11 -1.74 -7.71
C PHE A 33 -3.72 -1.16 -8.98
N LYS A 34 -5.05 -1.04 -8.99
CA LYS A 34 -5.76 -0.50 -10.14
C LYS A 34 -5.87 1.02 -10.06
N VAL A 35 -5.39 1.71 -11.09
CA VAL A 35 -5.44 3.17 -11.13
C VAL A 35 -6.88 3.66 -11.18
N ASP A 36 -7.80 2.77 -11.55
CA ASP A 36 -9.20 3.12 -11.65
C ASP A 36 -9.94 2.78 -10.35
N THR A 37 -9.28 2.00 -9.49
CA THR A 37 -9.86 1.59 -8.23
C THR A 37 -9.45 2.53 -7.10
N ILE A 38 -10.43 3.00 -6.33
CA ILE A 38 -10.16 3.91 -5.23
C ILE A 38 -9.02 3.39 -4.35
N LEU A 39 -8.49 4.26 -3.51
CA LEU A 39 -7.40 3.89 -2.61
C LEU A 39 -7.91 3.05 -1.45
N LYS A 40 -9.14 3.33 -1.01
CA LYS A 40 -9.75 2.60 0.09
C LYS A 40 -9.40 1.12 0.02
N TYR A 41 -9.77 0.47 -1.08
CA TYR A 41 -9.50 -0.94 -1.26
C TYR A 41 -8.14 -1.32 -0.66
N LEU A 42 -7.08 -0.75 -1.22
CA LEU A 42 -5.73 -1.02 -0.73
C LEU A 42 -5.62 -0.73 0.76
N LYS A 43 -6.19 0.38 1.19
CA LYS A 43 -6.15 0.77 2.59
C LYS A 43 -6.49 -0.41 3.50
N ASP A 44 -7.70 -0.94 3.34
CA ASP A 44 -8.15 -2.08 4.14
C ASP A 44 -7.07 -3.17 4.19
N HIS A 45 -6.47 -3.45 3.04
CA HIS A 45 -5.42 -4.47 2.96
C HIS A 45 -4.48 -4.36 4.15
N PHE A 46 -3.80 -3.22 4.26
CA PHE A 46 -2.87 -3.00 5.35
C PHE A 46 -3.59 -2.88 6.69
N SER A 47 -4.55 -1.96 6.75
CA SER A 47 -5.33 -1.73 7.97
C SER A 47 -5.77 -3.05 8.58
N HIS A 48 -6.67 -3.75 7.88
CA HIS A 48 -7.18 -5.03 8.35
C HIS A 48 -6.04 -5.92 8.84
N LEU A 49 -5.06 -6.13 7.98
CA LEU A 49 -3.90 -6.97 8.32
C LEU A 49 -3.32 -6.56 9.67
N LEU A 50 -2.84 -5.32 9.74
CA LEU A 50 -2.25 -4.82 10.98
C LEU A 50 -3.26 -4.88 12.12
N GLY A 51 -4.54 -4.85 11.79
CA GLY A 51 -5.57 -4.90 12.80
C GLY A 51 -6.14 -3.54 13.13
N ILE A 52 -5.44 -2.49 12.69
CA ILE A 52 -5.87 -1.13 12.95
C ILE A 52 -6.84 -0.64 11.87
N PRO A 53 -7.78 0.24 12.26
CA PRO A 53 -8.77 0.78 11.34
C PRO A 53 -8.15 1.76 10.34
N HIS A 54 -8.81 1.92 9.20
CA HIS A 54 -8.33 2.82 8.15
C HIS A 54 -8.51 4.28 8.57
N SER A 55 -9.16 4.48 9.72
CA SER A 55 -9.40 5.83 10.22
C SER A 55 -8.08 6.49 10.64
N VAL A 56 -7.39 5.87 11.59
CA VAL A 56 -6.12 6.41 12.07
C VAL A 56 -5.04 6.33 10.99
N LEU A 57 -5.17 5.36 10.10
CA LEU A 57 -4.21 5.18 9.02
C LEU A 57 -4.51 6.11 7.86
N GLN A 58 -3.46 6.61 7.21
CA GLN A 58 -3.62 7.51 6.08
C GLN A 58 -2.53 7.28 5.04
N ILE A 59 -2.62 7.99 3.92
CA ILE A 59 -1.65 7.85 2.85
C ILE A 59 -1.20 9.22 2.33
N ARG A 60 0.10 9.41 2.21
CA ARG A 60 0.66 10.67 1.73
C ARG A 60 1.33 10.49 0.38
N TYR A 61 0.91 11.28 -0.60
CA TYR A 61 1.48 11.20 -1.94
C TYR A 61 1.65 12.59 -2.55
N SER A 62 2.84 12.87 -3.07
CA SER A 62 3.13 14.16 -3.67
C SER A 62 3.05 15.28 -2.64
N GLY A 63 3.29 14.92 -1.38
CA GLY A 63 3.23 15.90 -0.31
C GLY A 63 1.81 16.20 0.12
N LYS A 64 0.85 15.58 -0.54
CA LYS A 64 -0.56 15.78 -0.21
C LYS A 64 -1.21 14.49 0.26
N ILE A 65 -2.16 14.61 1.18
CA ILE A 65 -2.86 13.44 1.71
C ILE A 65 -3.94 12.97 0.74
N LEU A 66 -3.89 11.69 0.39
CA LEU A 66 -4.87 11.12 -0.52
C LEU A 66 -6.05 10.52 0.24
N LYS A 67 -7.26 10.88 -0.18
CA LYS A 67 -8.48 10.38 0.47
C LYS A 67 -8.79 8.96 0.02
N ASN A 68 -9.58 8.25 0.82
CA ASN A 68 -9.96 6.88 0.50
C ASN A 68 -10.86 6.83 -0.73
N ASN A 69 -11.76 7.82 -0.82
CA ASN A 69 -12.67 7.89 -1.95
C ASN A 69 -12.00 8.49 -3.17
N GLU A 70 -10.75 8.92 -3.01
CA GLU A 70 -9.99 9.51 -4.10
C GLU A 70 -9.33 8.43 -4.95
N THR A 71 -9.44 8.58 -6.27
CA THR A 71 -8.86 7.62 -7.20
C THR A 71 -7.52 8.11 -7.74
N LEU A 72 -6.63 7.18 -8.06
CA LEU A 72 -5.32 7.52 -8.58
C LEU A 72 -5.44 8.38 -9.84
N VAL A 73 -6.14 7.87 -10.84
CA VAL A 73 -6.33 8.60 -12.09
C VAL A 73 -6.68 10.06 -11.83
N GLN A 74 -7.61 10.28 -10.90
CA GLN A 74 -8.03 11.63 -10.56
C GLN A 74 -6.83 12.51 -10.23
N HIS A 75 -5.84 11.92 -9.58
CA HIS A 75 -4.63 12.66 -9.20
C HIS A 75 -3.68 12.78 -10.38
N GLY A 76 -3.88 11.92 -11.39
CA GLY A 76 -3.03 11.96 -12.57
C GLY A 76 -2.05 10.81 -12.61
N VAL A 77 -2.58 9.59 -12.70
CA VAL A 77 -1.74 8.39 -12.74
C VAL A 77 -2.16 7.47 -13.88
N LYS A 78 -1.22 7.14 -14.75
CA LYS A 78 -1.50 6.26 -15.88
C LYS A 78 -1.22 4.80 -15.52
N PRO A 79 -1.84 3.88 -16.27
CA PRO A 79 -1.66 2.44 -16.05
C PRO A 79 -0.27 1.96 -16.43
N GLN A 80 0.19 0.90 -15.77
CA GLN A 80 1.51 0.33 -16.04
C GLN A 80 2.60 1.37 -15.78
N GLU A 81 2.47 2.10 -14.67
CA GLU A 81 3.44 3.11 -14.31
C GLU A 81 4.03 2.84 -12.93
N ILE A 82 5.11 3.53 -12.60
CA ILE A 82 5.76 3.36 -11.30
C ILE A 82 5.64 4.62 -10.46
N VAL A 83 5.15 4.46 -9.24
CA VAL A 83 4.98 5.59 -8.33
C VAL A 83 5.57 5.28 -6.95
N GLN A 84 5.39 6.20 -6.02
CA GLN A 84 5.90 6.02 -4.66
C GLN A 84 5.03 6.74 -3.65
N VAL A 85 4.46 5.98 -2.72
CA VAL A 85 3.59 6.54 -1.69
C VAL A 85 4.14 6.24 -0.30
N GLU A 86 3.57 6.91 0.71
CA GLU A 86 3.99 6.72 2.08
C GLU A 86 2.80 6.43 3.00
N ILE A 87 2.94 5.42 3.85
CA ILE A 87 1.87 5.06 4.77
C ILE A 87 2.27 5.32 6.20
N PHE A 88 1.41 6.03 6.94
CA PHE A 88 1.67 6.37 8.33
C PHE A 88 0.36 6.50 9.11
N SER A 89 0.47 6.45 10.44
CA SER A 89 -0.70 6.57 11.29
C SER A 89 -0.71 7.91 12.03
N THR A 90 -1.89 8.54 12.07
CA THR A 90 -2.03 9.82 12.74
C THR A 90 -1.75 9.71 14.23
N ASN A 91 -2.20 8.60 14.82
CA ASN A 91 -1.99 8.37 16.25
C ASN A 91 -1.23 7.06 16.49
N PRO A 92 0.10 7.15 16.47
CA PRO A 92 0.98 5.99 16.69
C PRO A 92 0.92 5.49 18.13
N ASP A 93 0.33 6.29 19.01
CA ASP A 93 0.22 5.92 20.41
C ASP A 93 -0.96 4.97 20.63
N LEU A 94 -1.98 5.09 19.78
CA LEU A 94 -3.17 4.25 19.89
C LEU A 94 -3.09 3.08 18.91
N TYR A 95 -2.78 3.38 17.66
CA TYR A 95 -2.67 2.36 16.62
C TYR A 95 -1.38 2.52 15.82
N PRO A 96 -0.28 1.99 16.37
CA PRO A 96 1.03 2.06 15.73
C PRO A 96 1.12 1.19 14.48
N VAL A 97 1.97 1.59 13.54
CA VAL A 97 2.14 0.85 12.30
C VAL A 97 3.30 -0.15 12.41
N ARG A 98 2.98 -1.43 12.35
CA ARG A 98 4.00 -2.48 12.44
C ARG A 98 4.38 -2.99 11.05
N ARG A 99 5.47 -3.74 10.99
CA ARG A 99 5.94 -4.29 9.72
C ARG A 99 5.13 -5.53 9.33
N ILE A 100 5.32 -5.98 8.10
CA ILE A 100 4.61 -7.16 7.60
C ILE A 100 5.52 -8.03 6.75
N ASP A 101 5.66 -9.29 7.13
CA ASP A 101 6.50 -10.24 6.40
C ASP A 101 5.92 -10.52 5.02
N GLY A 102 4.62 -10.80 4.98
CA GLY A 102 3.97 -11.08 3.71
C GLY A 102 4.82 -11.94 2.80
N LEU A 103 5.24 -11.38 1.68
CA LEU A 103 6.07 -12.10 0.72
C LEU A 103 7.55 -12.00 1.08
N THR A 104 8.18 -13.14 1.30
CA THR A 104 9.60 -13.18 1.65
C THR A 104 10.39 -12.18 0.83
N ASP A 105 11.24 -11.40 1.52
CA ASP A 105 12.06 -10.39 0.85
C ASP A 105 12.88 -11.02 -0.27
N VAL A 106 13.20 -10.21 -1.28
CA VAL A 106 13.98 -10.69 -2.41
C VAL A 106 15.38 -11.11 -1.98
N SER A 107 15.67 -12.41 -2.12
CA SER A 107 16.98 -12.93 -1.73
C SER A 107 17.21 -14.30 -2.38
N GLN A 108 18.39 -14.86 -2.15
CA GLN A 108 18.75 -16.15 -2.70
C GLN A 108 18.81 -17.22 -1.61
N ILE A 109 17.76 -18.02 -1.51
CA ILE A 109 17.69 -19.07 -0.52
C ILE A 109 17.59 -20.45 -1.17
N ILE A 110 17.99 -21.48 -0.44
CA ILE A 110 17.93 -22.85 -0.95
C ILE A 110 18.21 -23.85 0.16
N THR A 111 17.55 -25.01 0.08
CA THR A 111 17.73 -26.06 1.07
C THR A 111 19.18 -26.12 1.55
N VAL A 112 19.36 -26.26 2.87
CA VAL A 112 20.68 -26.34 3.46
C VAL A 112 21.62 -27.16 2.59
N SER A 113 22.85 -26.68 2.43
CA SER A 113 23.84 -27.38 1.62
C SER A 113 25.26 -27.03 2.08
N GLY A 114 26.22 -27.88 1.71
CA GLY A 114 27.60 -27.64 2.10
C GLY A 114 28.12 -26.31 1.62
N PRO A 115 29.38 -26.01 1.94
CA PRO A 115 30.03 -24.75 1.55
C PRO A 115 30.28 -24.67 0.05
N SER A 116 29.55 -23.80 -0.62
CA SER A 116 29.69 -23.62 -2.07
C SER A 116 29.16 -22.26 -2.51
N SER A 117 29.34 -21.95 -3.79
CA SER A 117 28.89 -20.67 -4.34
C SER A 117 27.50 -20.81 -4.93
N GLY A 118 26.64 -19.82 -4.66
CA GLY A 118 25.28 -19.85 -5.18
C GLY A 118 25.23 -19.52 -6.66
N GLY A 1 -23.47 1.11 -4.39
CA GLY A 1 -23.08 1.44 -3.02
C GLY A 1 -23.46 0.36 -2.04
N SER A 2 -23.08 -0.88 -2.33
CA SER A 2 -23.39 -2.00 -1.46
C SER A 2 -22.11 -2.69 -0.96
N SER A 3 -22.11 -3.06 0.31
CA SER A 3 -20.95 -3.71 0.90
C SER A 3 -20.92 -5.19 0.55
N GLY A 4 -19.73 -5.70 0.23
CA GLY A 4 -19.60 -7.11 -0.12
C GLY A 4 -18.21 -7.45 -0.61
N SER A 5 -17.87 -8.73 -0.57
CA SER A 5 -16.55 -9.18 -1.01
C SER A 5 -16.67 -10.44 -1.87
N SER A 6 -15.81 -10.55 -2.87
CA SER A 6 -15.82 -11.70 -3.77
C SER A 6 -14.49 -11.82 -4.51
N GLY A 7 -14.42 -12.79 -5.43
CA GLY A 7 -13.21 -12.99 -6.20
C GLY A 7 -13.47 -13.04 -7.69
N GLN A 8 -12.62 -12.37 -8.47
CA GLN A 8 -12.78 -12.34 -9.92
C GLN A 8 -11.52 -12.87 -10.61
N GLU A 9 -11.58 -12.98 -11.93
CA GLU A 9 -10.45 -13.48 -12.70
C GLU A 9 -9.39 -12.38 -12.88
N SER A 10 -8.12 -12.76 -12.72
CA SER A 10 -7.03 -11.81 -12.86
C SER A 10 -7.19 -10.97 -14.12
N VAL A 11 -6.95 -9.67 -13.99
CA VAL A 11 -7.07 -8.75 -15.12
C VAL A 11 -5.71 -8.43 -15.71
N GLU A 12 -4.81 -7.94 -14.87
CA GLU A 12 -3.46 -7.59 -15.31
C GLU A 12 -3.50 -6.82 -16.62
N ASP A 13 -4.43 -5.89 -16.73
CA ASP A 13 -4.59 -5.08 -17.94
C ASP A 13 -4.42 -3.59 -17.62
N SER A 14 -4.92 -3.19 -16.46
CA SER A 14 -4.82 -1.79 -16.05
C SER A 14 -4.27 -1.68 -14.62
N LEU A 15 -3.18 -2.39 -14.37
CA LEU A 15 -2.55 -2.39 -13.05
C LEU A 15 -1.26 -1.58 -13.07
N ALA A 16 -1.15 -0.61 -12.16
CA ALA A 16 0.03 0.23 -12.08
C ALA A 16 0.86 -0.12 -10.86
N THR A 17 2.18 -0.12 -11.01
CA THR A 17 3.09 -0.44 -9.92
C THR A 17 3.08 0.66 -8.86
N VAL A 18 2.55 0.34 -7.68
CA VAL A 18 2.49 1.29 -6.59
C VAL A 18 3.37 0.86 -5.43
N LYS A 19 4.55 1.48 -5.33
CA LYS A 19 5.50 1.16 -4.27
C LYS A 19 5.10 1.85 -2.97
N VAL A 20 4.90 1.07 -1.92
CA VAL A 20 4.52 1.61 -0.62
C VAL A 20 5.71 1.60 0.34
N VAL A 21 5.86 2.70 1.07
CA VAL A 21 6.96 2.82 2.03
C VAL A 21 6.44 3.19 3.41
N LEU A 22 6.84 2.42 4.42
CA LEU A 22 6.41 2.66 5.80
C LEU A 22 7.18 3.83 6.40
N ILE A 23 6.44 4.80 6.94
CA ILE A 23 7.04 5.97 7.56
C ILE A 23 7.71 5.61 8.89
N PRO A 24 6.91 5.07 9.82
CA PRO A 24 7.38 4.67 11.14
C PRO A 24 8.31 3.45 11.08
N VAL A 25 8.11 2.62 10.07
CA VAL A 25 8.92 1.42 9.90
C VAL A 25 10.09 1.68 8.95
N GLY A 26 9.77 2.18 7.75
CA GLY A 26 10.79 2.47 6.78
C GLY A 26 10.97 1.34 5.77
N GLN A 27 10.20 0.27 5.95
CA GLN A 27 10.28 -0.88 5.06
C GLN A 27 9.58 -0.59 3.73
N GLU A 28 10.03 -1.24 2.67
CA GLU A 28 9.46 -1.05 1.35
C GLU A 28 8.58 -2.24 0.95
N ILE A 29 7.42 -1.95 0.39
CA ILE A 29 6.49 -2.99 -0.02
C ILE A 29 5.96 -2.72 -1.43
N VAL A 30 6.10 -3.72 -2.30
CA VAL A 30 5.62 -3.59 -3.68
C VAL A 30 4.40 -4.47 -3.93
N ILE A 31 3.30 -3.84 -4.32
CA ILE A 31 2.06 -4.56 -4.59
C ILE A 31 1.33 -3.96 -5.78
N PRO A 32 0.83 -4.85 -6.66
CA PRO A 32 0.09 -4.43 -7.87
C PRO A 32 -1.27 -3.83 -7.53
N PHE A 33 -1.49 -2.59 -7.98
CA PHE A 33 -2.74 -1.90 -7.73
C PHE A 33 -3.30 -1.29 -9.02
N LYS A 34 -4.61 -1.10 -9.06
CA LYS A 34 -5.26 -0.53 -10.24
C LYS A 34 -5.39 0.98 -10.09
N VAL A 35 -5.38 1.68 -11.22
CA VAL A 35 -5.51 3.13 -11.23
C VAL A 35 -6.98 3.56 -11.29
N ASP A 36 -7.85 2.61 -11.63
CA ASP A 36 -9.27 2.89 -11.73
C ASP A 36 -9.95 2.78 -10.38
N THR A 37 -9.43 1.88 -9.53
CA THR A 37 -9.97 1.67 -8.20
C THR A 37 -9.43 2.70 -7.22
N ILE A 38 -10.30 3.20 -6.35
CA ILE A 38 -9.91 4.20 -5.35
C ILE A 38 -8.71 3.71 -4.54
N LEU A 39 -8.22 4.57 -3.65
CA LEU A 39 -7.09 4.23 -2.80
C LEU A 39 -7.53 3.49 -1.55
N LYS A 40 -8.84 3.52 -1.29
CA LYS A 40 -9.40 2.85 -0.12
C LYS A 40 -9.18 1.34 -0.20
N TYR A 41 -9.62 0.74 -1.29
CA TYR A 41 -9.47 -0.69 -1.49
C TYR A 41 -8.15 -1.19 -0.91
N LEU A 42 -7.06 -0.56 -1.33
CA LEU A 42 -5.73 -0.94 -0.86
C LEU A 42 -5.58 -0.66 0.63
N LYS A 43 -6.12 0.47 1.08
CA LYS A 43 -6.06 0.84 2.48
C LYS A 43 -6.52 -0.31 3.37
N ASP A 44 -7.68 -0.89 3.03
CA ASP A 44 -8.24 -1.98 3.80
C ASP A 44 -7.24 -3.13 3.91
N HIS A 45 -6.61 -3.48 2.78
CA HIS A 45 -5.63 -4.56 2.75
C HIS A 45 -4.68 -4.46 3.94
N PHE A 46 -4.34 -3.24 4.32
CA PHE A 46 -3.43 -3.01 5.45
C PHE A 46 -4.21 -2.88 6.75
N SER A 47 -5.18 -1.96 6.77
CA SER A 47 -5.99 -1.74 7.96
C SER A 47 -6.28 -3.04 8.68
N HIS A 48 -6.58 -4.08 7.90
CA HIS A 48 -6.87 -5.40 8.46
C HIS A 48 -5.59 -6.10 8.90
N LEU A 49 -4.64 -6.23 7.98
CA LEU A 49 -3.38 -6.89 8.28
C LEU A 49 -2.72 -6.27 9.50
N LEU A 50 -2.38 -4.99 9.40
CA LEU A 50 -1.74 -4.28 10.51
C LEU A 50 -2.57 -4.40 11.78
N GLY A 51 -3.87 -4.64 11.62
CA GLY A 51 -4.75 -4.77 12.76
C GLY A 51 -5.17 -3.42 13.33
N ILE A 52 -5.33 -2.44 12.46
CA ILE A 52 -5.73 -1.10 12.87
C ILE A 52 -6.75 -0.51 11.91
N PRO A 53 -7.62 0.37 12.44
CA PRO A 53 -8.66 1.03 11.65
C PRO A 53 -8.08 2.04 10.67
N HIS A 54 -8.53 1.97 9.41
CA HIS A 54 -8.06 2.88 8.37
C HIS A 54 -8.30 4.33 8.78
N SER A 55 -9.11 4.52 9.82
CA SER A 55 -9.41 5.86 10.30
C SER A 55 -8.14 6.62 10.68
N VAL A 56 -7.37 6.04 11.60
CA VAL A 56 -6.13 6.65 12.06
C VAL A 56 -5.05 6.56 10.98
N LEU A 57 -5.13 5.52 10.16
CA LEU A 57 -4.16 5.31 9.09
C LEU A 57 -4.48 6.20 7.89
N GLN A 58 -3.45 6.84 7.34
CA GLN A 58 -3.62 7.71 6.19
C GLN A 58 -2.49 7.51 5.17
N ILE A 59 -2.70 7.99 3.96
CA ILE A 59 -1.71 7.85 2.90
C ILE A 59 -1.31 9.22 2.37
N ARG A 60 0.01 9.43 2.21
CA ARG A 60 0.53 10.68 1.70
C ARG A 60 1.17 10.50 0.33
N TYR A 61 0.77 11.33 -0.63
CA TYR A 61 1.29 11.25 -1.98
C TYR A 61 1.77 12.62 -2.46
N SER A 62 3.00 12.68 -2.96
CA SER A 62 3.57 13.92 -3.44
C SER A 62 3.58 14.99 -2.35
N GLY A 63 3.59 14.53 -1.10
CA GLY A 63 3.61 15.45 0.03
C GLY A 63 2.21 15.85 0.46
N LYS A 64 1.22 15.53 -0.37
CA LYS A 64 -0.18 15.85 -0.06
C LYS A 64 -0.86 14.69 0.65
N ILE A 65 -2.01 14.97 1.26
CA ILE A 65 -2.76 13.94 1.98
C ILE A 65 -3.97 13.50 1.16
N LEU A 66 -3.90 12.28 0.63
CA LEU A 66 -4.98 11.72 -0.17
C LEU A 66 -6.13 11.27 0.72
N LYS A 67 -7.22 10.82 0.10
CA LYS A 67 -8.38 10.35 0.84
C LYS A 67 -8.83 8.98 0.33
N ASN A 68 -9.70 8.33 1.08
CA ASN A 68 -10.21 7.02 0.71
C ASN A 68 -11.04 7.10 -0.57
N ASN A 69 -11.62 8.26 -0.82
CA ASN A 69 -12.45 8.46 -2.01
C ASN A 69 -11.58 8.85 -3.20
N GLU A 70 -10.42 9.43 -2.92
CA GLU A 70 -9.50 9.85 -3.98
C GLU A 70 -9.02 8.64 -4.79
N THR A 71 -9.14 8.73 -6.11
CA THR A 71 -8.72 7.66 -7.00
C THR A 71 -7.39 7.98 -7.66
N LEU A 72 -6.63 6.94 -7.98
CA LEU A 72 -5.34 7.12 -8.63
C LEU A 72 -5.47 7.94 -9.90
N VAL A 73 -6.44 7.58 -10.73
CA VAL A 73 -6.68 8.30 -11.98
C VAL A 73 -7.16 9.72 -11.72
N GLN A 74 -7.84 9.91 -10.59
CA GLN A 74 -8.35 11.23 -10.23
C GLN A 74 -7.21 12.20 -9.96
N HIS A 75 -6.07 11.67 -9.55
CA HIS A 75 -4.89 12.49 -9.26
C HIS A 75 -4.00 12.61 -10.48
N GLY A 76 -4.17 11.69 -11.43
CA GLY A 76 -3.38 11.70 -12.64
C GLY A 76 -2.36 10.58 -12.67
N VAL A 77 -2.85 9.34 -12.55
CA VAL A 77 -1.97 8.17 -12.56
C VAL A 77 -2.39 7.20 -13.65
N LYS A 78 -1.48 6.90 -14.57
CA LYS A 78 -1.75 5.97 -15.66
C LYS A 78 -1.29 4.57 -15.29
N PRO A 79 -1.88 3.56 -15.96
CA PRO A 79 -1.55 2.15 -15.73
C PRO A 79 -0.16 1.80 -16.25
N GLN A 80 0.41 0.72 -15.71
CA GLN A 80 1.73 0.27 -16.12
C GLN A 80 2.79 1.32 -15.78
N GLU A 81 2.51 2.10 -14.74
CA GLU A 81 3.45 3.14 -14.31
C GLU A 81 3.98 2.84 -12.91
N ILE A 82 5.01 3.59 -12.51
CA ILE A 82 5.62 3.41 -11.20
C ILE A 82 5.52 4.68 -10.36
N VAL A 83 5.09 4.53 -9.11
CA VAL A 83 4.95 5.67 -8.21
C VAL A 83 5.54 5.36 -6.84
N GLN A 84 5.46 6.32 -5.93
CA GLN A 84 6.00 6.16 -4.59
C GLN A 84 5.09 6.82 -3.55
N VAL A 85 4.52 6.02 -2.66
CA VAL A 85 3.63 6.53 -1.62
C VAL A 85 4.13 6.15 -0.23
N GLU A 86 3.71 6.90 0.77
CA GLU A 86 4.10 6.65 2.15
C GLU A 86 2.89 6.40 3.04
N ILE A 87 3.02 5.44 3.94
CA ILE A 87 1.93 5.10 4.85
C ILE A 87 2.32 5.35 6.30
N PHE A 88 1.43 5.99 7.05
CA PHE A 88 1.68 6.29 8.46
C PHE A 88 0.39 6.39 9.24
N SER A 89 0.50 6.40 10.56
CA SER A 89 -0.68 6.49 11.43
C SER A 89 -0.73 7.83 12.15
N THR A 90 -1.86 8.52 12.02
CA THR A 90 -2.04 9.82 12.66
C THR A 90 -1.76 9.75 14.15
N ASN A 91 -2.23 8.68 14.79
CA ASN A 91 -2.03 8.48 16.22
C ASN A 91 -1.36 7.14 16.50
N PRO A 92 -0.02 7.13 16.45
CA PRO A 92 0.77 5.92 16.70
C PRO A 92 0.72 5.49 18.16
N ASP A 93 0.22 6.37 19.01
CA ASP A 93 0.12 6.07 20.45
C ASP A 93 -1.02 5.09 20.72
N LEU A 94 -2.02 5.10 19.84
CA LEU A 94 -3.16 4.21 19.99
C LEU A 94 -3.06 3.02 19.03
N TYR A 95 -2.77 3.31 17.77
CA TYR A 95 -2.65 2.27 16.75
C TYR A 95 -1.36 2.46 15.93
N PRO A 96 -0.23 2.01 16.49
CA PRO A 96 1.07 2.11 15.84
C PRO A 96 1.19 1.20 14.63
N VAL A 97 2.11 1.52 13.73
CA VAL A 97 2.32 0.73 12.53
C VAL A 97 3.49 -0.24 12.71
N ARG A 98 3.19 -1.53 12.62
CA ARG A 98 4.22 -2.56 12.78
C ARG A 98 4.58 -3.17 11.43
N ARG A 99 5.83 -3.60 11.30
CA ARG A 99 6.30 -4.22 10.05
C ARG A 99 5.47 -5.45 9.71
N ILE A 100 5.56 -5.89 8.45
CA ILE A 100 4.82 -7.05 8.00
C ILE A 100 5.74 -8.03 7.28
N ASP A 101 5.83 -9.25 7.81
CA ASP A 101 6.67 -10.28 7.22
C ASP A 101 6.40 -10.41 5.72
N GLY A 102 7.47 -10.58 4.95
CA GLY A 102 7.33 -10.71 3.51
C GLY A 102 8.65 -10.65 2.78
N LEU A 103 8.61 -10.70 1.46
CA LEU A 103 9.82 -10.66 0.64
C LEU A 103 9.47 -10.47 -0.83
N THR A 104 9.96 -9.37 -1.42
CA THR A 104 9.71 -9.08 -2.82
C THR A 104 11.01 -8.91 -3.59
N ASP A 105 11.04 -9.42 -4.81
CA ASP A 105 12.23 -9.33 -5.65
C ASP A 105 12.57 -7.88 -5.96
N VAL A 106 13.45 -7.30 -5.14
CA VAL A 106 13.85 -5.90 -5.33
C VAL A 106 15.37 -5.77 -5.30
N SER A 107 15.85 -4.54 -5.46
CA SER A 107 17.29 -4.28 -5.45
C SER A 107 17.58 -2.88 -4.90
N GLN A 108 18.23 -2.84 -3.74
CA GLN A 108 18.57 -1.57 -3.11
C GLN A 108 19.94 -1.65 -2.44
N ILE A 109 20.38 -0.53 -1.87
CA ILE A 109 21.66 -0.48 -1.19
C ILE A 109 21.84 0.85 -0.46
N ILE A 110 22.13 0.77 0.84
CA ILE A 110 22.32 1.96 1.66
C ILE A 110 22.87 1.60 3.04
N THR A 111 24.00 2.19 3.40
CA THR A 111 24.62 1.93 4.68
C THR A 111 25.06 3.23 5.35
N VAL A 112 24.62 3.44 6.60
CA VAL A 112 24.97 4.64 7.34
C VAL A 112 25.16 4.32 8.82
N SER A 113 26.08 5.05 9.46
CA SER A 113 26.36 4.85 10.88
C SER A 113 27.19 6.00 11.43
N GLY A 114 26.57 6.83 12.27
CA GLY A 114 27.28 7.95 12.85
C GLY A 114 26.94 8.14 14.32
N PRO A 115 27.67 7.41 15.19
CA PRO A 115 27.46 7.49 16.64
C PRO A 115 27.91 8.83 17.23
N SER A 116 27.92 8.91 18.55
CA SER A 116 28.33 10.13 19.23
C SER A 116 29.06 9.82 20.53
N SER A 117 29.58 10.84 21.18
CA SER A 117 30.31 10.68 22.44
C SER A 117 29.78 11.62 23.51
N GLY A 118 30.41 11.60 24.67
CA GLY A 118 29.99 12.46 25.76
C GLY A 118 28.87 11.85 26.59
N GLY A 1 -18.54 -10.86 -1.08
CA GLY A 1 -19.53 -10.14 -0.31
C GLY A 1 -19.38 -10.36 1.19
N SER A 2 -18.16 -10.23 1.69
CA SER A 2 -17.89 -10.42 3.10
C SER A 2 -16.57 -9.75 3.50
N SER A 3 -16.29 -9.76 4.80
CA SER A 3 -15.07 -9.14 5.32
C SER A 3 -13.88 -10.07 5.14
N GLY A 4 -13.61 -10.46 3.89
CA GLY A 4 -12.50 -11.35 3.62
C GLY A 4 -11.80 -11.00 2.33
N SER A 5 -11.58 -12.01 1.48
CA SER A 5 -10.91 -11.81 0.21
C SER A 5 -11.18 -12.96 -0.75
N SER A 6 -10.80 -12.79 -2.01
CA SER A 6 -11.01 -13.81 -3.02
C SER A 6 -10.23 -13.50 -4.29
N GLY A 7 -9.97 -14.52 -5.09
CA GLY A 7 -9.23 -14.34 -6.33
C GLY A 7 -10.14 -14.17 -7.52
N GLN A 8 -9.72 -13.34 -8.47
CA GLN A 8 -10.51 -13.08 -9.67
C GLN A 8 -9.64 -13.18 -10.92
N GLU A 9 -10.29 -13.27 -12.08
CA GLU A 9 -9.58 -13.37 -13.35
C GLU A 9 -8.29 -12.55 -13.32
N SER A 10 -7.23 -13.11 -13.86
CA SER A 10 -5.93 -12.45 -13.89
C SER A 10 -5.91 -11.34 -14.96
N VAL A 11 -6.12 -10.12 -14.52
CA VAL A 11 -6.13 -8.97 -15.43
C VAL A 11 -4.96 -8.04 -15.15
N GLU A 12 -4.02 -7.97 -16.08
CA GLU A 12 -2.85 -7.12 -15.93
C GLU A 12 -2.77 -6.10 -17.07
N ASP A 13 -3.71 -5.16 -17.07
CA ASP A 13 -3.75 -4.12 -18.09
C ASP A 13 -3.77 -2.74 -17.47
N SER A 14 -4.57 -2.58 -16.42
CA SER A 14 -4.70 -1.29 -15.72
C SER A 14 -3.97 -1.34 -14.38
N LEU A 15 -3.05 -2.28 -14.24
CA LEU A 15 -2.29 -2.43 -13.01
C LEU A 15 -1.06 -1.52 -13.02
N ALA A 16 -0.94 -0.68 -11.99
CA ALA A 16 0.19 0.24 -11.87
C ALA A 16 1.07 -0.14 -10.70
N THR A 17 2.38 -0.09 -10.91
CA THR A 17 3.34 -0.42 -9.85
C THR A 17 3.36 0.66 -8.77
N VAL A 18 2.75 0.36 -7.64
CA VAL A 18 2.70 1.30 -6.52
C VAL A 18 3.63 0.87 -5.39
N LYS A 19 4.72 1.61 -5.22
CA LYS A 19 5.69 1.31 -4.17
C LYS A 19 5.21 1.82 -2.82
N VAL A 20 5.20 0.93 -1.82
CA VAL A 20 4.77 1.30 -0.48
C VAL A 20 5.94 1.29 0.50
N VAL A 21 6.07 2.37 1.27
CA VAL A 21 7.14 2.48 2.24
C VAL A 21 6.60 2.86 3.62
N LEU A 22 7.03 2.11 4.64
CA LEU A 22 6.58 2.36 6.01
C LEU A 22 7.35 3.51 6.63
N ILE A 23 6.63 4.49 7.19
CA ILE A 23 7.26 5.64 7.81
C ILE A 23 7.93 5.25 9.12
N PRO A 24 7.14 4.69 10.05
CA PRO A 24 7.63 4.27 11.37
C PRO A 24 8.54 3.05 11.27
N VAL A 25 8.23 2.16 10.33
CA VAL A 25 9.02 0.95 10.14
C VAL A 25 10.20 1.21 9.22
N GLY A 26 9.95 1.91 8.12
CA GLY A 26 11.01 2.21 7.17
C GLY A 26 11.21 1.10 6.15
N GLN A 27 10.40 0.05 6.26
CA GLN A 27 10.50 -1.09 5.34
C GLN A 27 9.85 -0.76 4.01
N GLU A 28 10.34 -1.40 2.95
CA GLU A 28 9.81 -1.17 1.61
C GLU A 28 8.96 -2.35 1.16
N ILE A 29 7.89 -2.06 0.42
CA ILE A 29 6.99 -3.09 -0.06
C ILE A 29 6.50 -2.79 -1.48
N VAL A 30 6.28 -3.82 -2.26
CA VAL A 30 5.82 -3.67 -3.63
C VAL A 30 4.54 -4.45 -3.88
N ILE A 31 3.50 -3.76 -4.36
CA ILE A 31 2.22 -4.39 -4.62
C ILE A 31 1.44 -3.63 -5.70
N PRO A 32 0.96 -4.36 -6.71
CA PRO A 32 0.19 -3.77 -7.81
C PRO A 32 -1.18 -3.29 -7.38
N PHE A 33 -1.57 -2.12 -7.85
CA PHE A 33 -2.87 -1.53 -7.50
C PHE A 33 -3.56 -0.98 -8.73
N LYS A 34 -4.89 -1.02 -8.72
CA LYS A 34 -5.69 -0.53 -9.84
C LYS A 34 -5.77 1.00 -9.82
N VAL A 35 -5.66 1.61 -10.99
CA VAL A 35 -5.74 3.06 -11.10
C VAL A 35 -7.18 3.53 -11.26
N ASP A 36 -8.09 2.58 -11.38
CA ASP A 36 -9.51 2.89 -11.53
C ASP A 36 -10.29 2.47 -10.30
N THR A 37 -9.58 2.02 -9.27
CA THR A 37 -10.21 1.59 -8.03
C THR A 37 -9.86 2.53 -6.88
N ILE A 38 -10.88 2.99 -6.16
CA ILE A 38 -10.67 3.89 -5.03
C ILE A 38 -9.47 3.46 -4.20
N LEU A 39 -8.89 4.40 -3.47
CA LEU A 39 -7.74 4.12 -2.62
C LEU A 39 -8.14 3.23 -1.44
N LYS A 40 -9.41 3.31 -1.05
CA LYS A 40 -9.92 2.50 0.06
C LYS A 40 -9.41 1.08 -0.02
N TYR A 41 -9.64 0.43 -1.15
CA TYR A 41 -9.21 -0.94 -1.37
C TYR A 41 -7.84 -1.19 -0.73
N LEU A 42 -6.82 -0.54 -1.28
CA LEU A 42 -5.47 -0.68 -0.77
C LEU A 42 -5.39 -0.27 0.70
N LYS A 43 -6.14 0.76 1.06
CA LYS A 43 -6.17 1.25 2.43
C LYS A 43 -6.51 0.12 3.40
N ASP A 44 -7.70 -0.44 3.26
CA ASP A 44 -8.15 -1.53 4.12
C ASP A 44 -7.16 -2.69 4.08
N HIS A 45 -6.69 -3.02 2.89
CA HIS A 45 -5.75 -4.12 2.71
C HIS A 45 -4.73 -4.14 3.85
N PHE A 46 -4.19 -2.97 4.18
CA PHE A 46 -3.20 -2.86 5.24
C PHE A 46 -3.88 -2.79 6.61
N SER A 47 -4.68 -1.73 6.81
CA SER A 47 -5.38 -1.55 8.08
C SER A 47 -5.81 -2.89 8.66
N HIS A 48 -6.67 -3.60 7.92
CA HIS A 48 -7.17 -4.90 8.36
C HIS A 48 -6.01 -5.83 8.72
N LEU A 49 -5.08 -6.00 7.80
CA LEU A 49 -3.93 -6.87 8.02
C LEU A 49 -3.23 -6.50 9.33
N LEU A 50 -2.71 -5.28 9.40
CA LEU A 50 -2.01 -4.81 10.59
C LEU A 50 -2.91 -4.90 11.82
N GLY A 51 -4.22 -5.02 11.57
CA GLY A 51 -5.16 -5.12 12.67
C GLY A 51 -5.72 -3.76 13.06
N ILE A 52 -4.95 -2.70 12.81
CA ILE A 52 -5.38 -1.35 13.14
C ILE A 52 -6.40 -0.84 12.12
N PRO A 53 -7.28 0.06 12.58
CA PRO A 53 -8.33 0.66 11.74
C PRO A 53 -7.76 1.61 10.70
N HIS A 54 -8.48 1.80 9.61
CA HIS A 54 -8.04 2.69 8.54
C HIS A 54 -8.28 4.15 8.92
N SER A 55 -9.12 4.37 9.92
CA SER A 55 -9.43 5.72 10.38
C SER A 55 -8.17 6.50 10.69
N VAL A 56 -7.35 5.97 11.59
CA VAL A 56 -6.09 6.62 11.97
C VAL A 56 -5.09 6.55 10.84
N LEU A 57 -4.96 5.37 10.23
CA LEU A 57 -4.02 5.18 9.13
C LEU A 57 -4.42 6.02 7.92
N GLN A 58 -3.42 6.61 7.26
CA GLN A 58 -3.66 7.44 6.08
C GLN A 58 -2.57 7.22 5.03
N ILE A 59 -2.79 7.78 3.85
CA ILE A 59 -1.83 7.66 2.76
C ILE A 59 -1.37 9.02 2.27
N ARG A 60 -0.07 9.16 2.02
CA ARG A 60 0.49 10.41 1.54
C ARG A 60 1.09 10.24 0.14
N TYR A 61 0.83 11.21 -0.73
CA TYR A 61 1.34 11.16 -2.09
C TYR A 61 1.46 12.57 -2.68
N SER A 62 2.57 12.84 -3.33
CA SER A 62 2.81 14.14 -3.93
C SER A 62 2.77 15.24 -2.88
N GLY A 63 3.07 14.87 -1.64
CA GLY A 63 3.07 15.85 -0.56
C GLY A 63 1.67 16.29 -0.18
N LYS A 64 0.67 15.59 -0.70
CA LYS A 64 -0.72 15.91 -0.42
C LYS A 64 -1.45 14.71 0.16
N ILE A 65 -2.45 14.97 1.01
CA ILE A 65 -3.23 13.91 1.62
C ILE A 65 -4.38 13.48 0.72
N LEU A 66 -4.39 12.19 0.38
CA LEU A 66 -5.44 11.65 -0.48
C LEU A 66 -6.62 11.14 0.35
N LYS A 67 -7.75 10.89 -0.32
CA LYS A 67 -8.94 10.40 0.37
C LYS A 67 -9.33 9.02 -0.17
N ASN A 68 -10.33 8.41 0.47
CA ASN A 68 -10.80 7.10 0.06
C ASN A 68 -11.52 7.17 -1.29
N ASN A 69 -12.69 7.81 -1.28
CA ASN A 69 -13.48 7.95 -2.50
C ASN A 69 -12.63 8.46 -3.66
N GLU A 70 -11.48 9.04 -3.32
CA GLU A 70 -10.57 9.57 -4.32
C GLU A 70 -9.82 8.46 -5.03
N THR A 71 -9.78 8.52 -6.35
CA THR A 71 -9.10 7.50 -7.15
C THR A 71 -7.75 8.00 -7.64
N LEU A 72 -6.92 7.08 -8.12
CA LEU A 72 -5.59 7.44 -8.62
C LEU A 72 -5.70 8.24 -9.92
N VAL A 73 -6.55 7.77 -10.84
CA VAL A 73 -6.75 8.45 -12.11
C VAL A 73 -7.20 9.89 -11.90
N GLN A 74 -7.80 10.16 -10.75
CA GLN A 74 -8.28 11.50 -10.43
C GLN A 74 -7.13 12.43 -10.09
N HIS A 75 -6.10 11.88 -9.45
CA HIS A 75 -4.93 12.66 -9.06
C HIS A 75 -3.96 12.78 -10.22
N GLY A 76 -4.21 12.02 -11.29
CA GLY A 76 -3.34 12.08 -12.45
C GLY A 76 -2.39 10.90 -12.51
N VAL A 77 -2.94 9.69 -12.61
CA VAL A 77 -2.14 8.49 -12.67
C VAL A 77 -2.57 7.59 -13.83
N LYS A 78 -1.61 7.18 -14.64
CA LYS A 78 -1.89 6.32 -15.79
C LYS A 78 -1.62 4.86 -15.46
N PRO A 79 -2.25 3.95 -16.22
CA PRO A 79 -2.09 2.51 -16.02
C PRO A 79 -0.69 2.02 -16.41
N GLN A 80 -0.23 0.97 -15.73
CA GLN A 80 1.09 0.41 -16.00
C GLN A 80 2.18 1.44 -15.75
N GLU A 81 2.06 2.17 -14.64
CA GLU A 81 3.04 3.19 -14.28
C GLU A 81 3.63 2.91 -12.91
N ILE A 82 4.78 3.53 -12.63
CA ILE A 82 5.46 3.34 -11.35
C ILE A 82 5.41 4.62 -10.51
N VAL A 83 4.99 4.48 -9.26
CA VAL A 83 4.90 5.62 -8.35
C VAL A 83 5.49 5.29 -6.99
N GLN A 84 5.44 6.25 -6.08
CA GLN A 84 5.96 6.06 -4.74
C GLN A 84 5.05 6.70 -3.69
N VAL A 85 4.56 5.90 -2.76
CA VAL A 85 3.68 6.39 -1.71
C VAL A 85 4.18 5.98 -0.33
N GLU A 86 3.79 6.74 0.69
CA GLU A 86 4.20 6.46 2.06
C GLU A 86 3.00 6.15 2.94
N ILE A 87 3.20 5.32 3.95
CA ILE A 87 2.14 4.94 4.86
C ILE A 87 2.53 5.24 6.31
N PHE A 88 1.56 5.72 7.10
CA PHE A 88 1.80 6.03 8.50
C PHE A 88 0.49 6.19 9.25
N SER A 89 0.54 6.02 10.57
CA SER A 89 -0.64 6.14 11.41
C SER A 89 -0.67 7.48 12.12
N THR A 90 -1.82 8.17 12.02
CA THR A 90 -1.98 9.47 12.65
C THR A 90 -1.69 9.40 14.15
N ASN A 91 -2.10 8.30 14.77
CA ASN A 91 -1.89 8.11 16.20
C ASN A 91 -1.18 6.79 16.47
N PRO A 92 0.17 6.83 16.51
CA PRO A 92 1.00 5.66 16.76
C PRO A 92 0.87 5.16 18.20
N ASP A 93 0.52 6.07 19.11
CA ASP A 93 0.38 5.72 20.52
C ASP A 93 -0.84 4.82 20.73
N LEU A 94 -1.85 4.98 19.87
CA LEU A 94 -3.06 4.18 19.96
C LEU A 94 -3.01 2.98 19.02
N TYR A 95 -2.65 3.25 17.77
CA TYR A 95 -2.55 2.20 16.76
C TYR A 95 -1.24 2.29 16.00
N PRO A 96 -0.17 1.74 16.59
CA PRO A 96 1.16 1.75 15.98
C PRO A 96 1.25 0.83 14.77
N VAL A 97 2.09 1.21 13.80
CA VAL A 97 2.26 0.42 12.59
C VAL A 97 3.39 -0.60 12.76
N ARG A 98 3.12 -1.84 12.35
CA ARG A 98 4.12 -2.90 12.46
C ARG A 98 4.49 -3.44 11.08
N ARG A 99 5.41 -4.39 11.04
CA ARG A 99 5.85 -4.98 9.80
C ARG A 99 4.83 -5.97 9.26
N ILE A 100 5.00 -6.38 8.00
CA ILE A 100 4.07 -7.31 7.38
C ILE A 100 4.82 -8.31 6.48
N ASP A 101 4.46 -9.58 6.59
CA ASP A 101 5.10 -10.62 5.79
C ASP A 101 4.59 -10.60 4.36
N GLY A 102 5.26 -9.81 3.51
CA GLY A 102 4.85 -9.71 2.12
C GLY A 102 5.74 -10.53 1.20
N LEU A 103 6.60 -9.86 0.46
CA LEU A 103 7.51 -10.54 -0.46
C LEU A 103 8.62 -11.25 0.29
N THR A 104 8.62 -12.59 0.21
CA THR A 104 9.64 -13.39 0.89
C THR A 104 10.65 -13.94 -0.11
N ASP A 105 11.88 -13.44 -0.04
CA ASP A 105 12.94 -13.87 -0.93
C ASP A 105 13.77 -14.98 -0.28
N VAL A 106 14.25 -14.73 0.93
CA VAL A 106 15.06 -15.70 1.65
C VAL A 106 14.19 -16.58 2.55
N SER A 107 14.80 -17.58 3.16
CA SER A 107 14.08 -18.50 4.05
C SER A 107 14.80 -18.64 5.39
N GLN A 108 14.01 -18.78 6.46
CA GLN A 108 14.58 -18.92 7.79
C GLN A 108 14.17 -20.26 8.40
N ILE A 109 14.68 -20.53 9.60
CA ILE A 109 14.37 -21.78 10.30
C ILE A 109 13.58 -21.51 11.57
N ILE A 110 13.49 -20.24 11.95
CA ILE A 110 12.76 -19.85 13.15
C ILE A 110 11.27 -20.08 12.99
N THR A 111 10.58 -20.28 14.12
CA THR A 111 9.14 -20.51 14.09
C THR A 111 8.42 -19.43 13.30
N VAL A 112 7.42 -19.84 12.53
CA VAL A 112 6.64 -18.92 11.72
C VAL A 112 5.15 -19.13 11.92
N SER A 113 4.42 -18.03 12.12
CA SER A 113 2.98 -18.09 12.33
C SER A 113 2.25 -17.22 11.32
N GLY A 114 0.98 -17.54 11.07
CA GLY A 114 0.18 -16.79 10.12
C GLY A 114 -1.26 -17.23 10.10
N PRO A 115 -2.15 -16.31 9.70
CA PRO A 115 -3.59 -16.58 9.63
C PRO A 115 -3.94 -17.55 8.50
N SER A 116 -5.19 -18.00 8.48
CA SER A 116 -5.65 -18.95 7.47
C SER A 116 -7.16 -19.13 7.54
N SER A 117 -7.72 -19.83 6.56
CA SER A 117 -9.15 -20.07 6.50
C SER A 117 -9.47 -21.52 6.88
N GLY A 118 -10.76 -21.84 6.94
CA GLY A 118 -11.17 -23.19 7.28
C GLY A 118 -10.85 -24.19 6.20
N GLY A 1 -21.91 -4.88 7.98
CA GLY A 1 -21.24 -5.10 9.24
C GLY A 1 -19.95 -5.89 9.08
N SER A 2 -20.05 -7.07 8.48
CA SER A 2 -18.90 -7.93 8.28
C SER A 2 -18.04 -7.42 7.12
N SER A 3 -18.70 -7.08 6.02
CA SER A 3 -17.99 -6.58 4.84
C SER A 3 -17.04 -7.64 4.28
N GLY A 4 -17.49 -8.90 4.29
CA GLY A 4 -16.66 -9.97 3.79
C GLY A 4 -16.62 -10.01 2.27
N SER A 5 -15.58 -10.65 1.72
CA SER A 5 -15.42 -10.76 0.28
C SER A 5 -14.89 -12.13 -0.11
N SER A 6 -15.26 -12.59 -1.30
CA SER A 6 -14.83 -13.88 -1.80
C SER A 6 -15.04 -13.99 -3.30
N GLY A 7 -14.05 -14.56 -3.99
CA GLY A 7 -14.15 -14.72 -5.43
C GLY A 7 -14.35 -13.40 -6.15
N GLN A 8 -13.37 -12.50 -6.02
CA GLN A 8 -13.45 -11.20 -6.66
C GLN A 8 -12.68 -11.18 -7.97
N GLU A 9 -13.38 -10.85 -9.05
CA GLU A 9 -12.75 -10.81 -10.37
C GLU A 9 -11.51 -9.92 -10.35
N SER A 10 -10.67 -10.07 -11.38
CA SER A 10 -9.44 -9.30 -11.48
C SER A 10 -8.95 -9.25 -12.92
N VAL A 11 -8.50 -8.06 -13.34
CA VAL A 11 -8.01 -7.88 -14.70
C VAL A 11 -6.77 -6.99 -14.72
N GLU A 12 -5.71 -7.47 -15.35
CA GLU A 12 -4.46 -6.71 -15.43
C GLU A 12 -4.43 -5.85 -16.70
N ASP A 13 -5.42 -4.97 -16.82
CA ASP A 13 -5.51 -4.10 -17.98
C ASP A 13 -4.88 -2.73 -17.69
N SER A 14 -5.25 -2.15 -16.55
CA SER A 14 -4.73 -0.86 -16.15
C SER A 14 -4.10 -0.93 -14.76
N LEU A 15 -3.22 -1.90 -14.57
CA LEU A 15 -2.54 -2.08 -13.29
C LEU A 15 -1.22 -1.32 -13.26
N ALA A 16 -1.04 -0.50 -12.23
CA ALA A 16 0.18 0.29 -12.08
C ALA A 16 0.96 -0.14 -10.85
N THR A 17 2.29 -0.13 -10.96
CA THR A 17 3.15 -0.53 -9.85
C THR A 17 3.25 0.58 -8.81
N VAL A 18 2.67 0.34 -7.64
CA VAL A 18 2.69 1.32 -6.56
C VAL A 18 3.57 0.85 -5.41
N LYS A 19 4.71 1.52 -5.23
CA LYS A 19 5.63 1.16 -4.17
C LYS A 19 5.20 1.78 -2.85
N VAL A 20 5.12 0.95 -1.81
CA VAL A 20 4.72 1.41 -0.49
C VAL A 20 5.89 1.35 0.50
N VAL A 21 6.07 2.42 1.25
CA VAL A 21 7.15 2.49 2.23
C VAL A 21 6.62 2.87 3.61
N LEU A 22 6.94 2.05 4.61
CA LEU A 22 6.49 2.29 5.97
C LEU A 22 7.28 3.44 6.61
N ILE A 23 6.56 4.43 7.12
CA ILE A 23 7.19 5.57 7.76
C ILE A 23 7.84 5.18 9.09
N PRO A 24 7.02 4.64 10.01
CA PRO A 24 7.50 4.22 11.33
C PRO A 24 8.39 2.99 11.26
N VAL A 25 8.05 2.07 10.35
CA VAL A 25 8.83 0.85 10.17
C VAL A 25 10.05 1.09 9.29
N GLY A 26 9.82 1.64 8.11
CA GLY A 26 10.91 1.92 7.20
C GLY A 26 11.10 0.82 6.18
N GLN A 27 10.20 -0.16 6.18
CA GLN A 27 10.27 -1.27 5.25
C GLN A 27 9.65 -0.91 3.90
N GLU A 28 9.97 -1.69 2.87
CA GLU A 28 9.43 -1.44 1.54
C GLU A 28 8.55 -2.60 1.09
N ILE A 29 7.46 -2.28 0.40
CA ILE A 29 6.54 -3.30 -0.08
C ILE A 29 5.99 -2.93 -1.45
N VAL A 30 6.07 -3.86 -2.40
CA VAL A 30 5.58 -3.63 -3.76
C VAL A 30 4.29 -4.39 -4.00
N ILE A 31 3.23 -3.65 -4.35
CA ILE A 31 1.93 -4.26 -4.61
C ILE A 31 1.21 -3.54 -5.73
N PRO A 32 0.67 -4.31 -6.69
CA PRO A 32 -0.07 -3.75 -7.83
C PRO A 32 -1.40 -3.15 -7.43
N PHE A 33 -1.75 -2.01 -8.03
CA PHE A 33 -3.00 -1.34 -7.73
C PHE A 33 -3.60 -0.72 -8.99
N LYS A 34 -4.90 -0.91 -9.18
CA LYS A 34 -5.60 -0.37 -10.34
C LYS A 34 -5.72 1.14 -10.24
N VAL A 35 -5.53 1.82 -11.37
CA VAL A 35 -5.63 3.27 -11.41
C VAL A 35 -7.08 3.73 -11.37
N ASP A 36 -7.95 2.98 -12.04
CA ASP A 36 -9.38 3.30 -12.07
C ASP A 36 -10.11 2.71 -10.86
N THR A 37 -9.41 2.65 -9.73
CA THR A 37 -9.98 2.10 -8.51
C THR A 37 -9.65 2.98 -7.30
N ILE A 38 -10.60 3.08 -6.38
CA ILE A 38 -10.40 3.89 -5.18
C ILE A 38 -9.17 3.44 -4.41
N LEU A 39 -8.80 4.22 -3.39
CA LEU A 39 -7.64 3.89 -2.57
C LEU A 39 -8.02 2.98 -1.42
N LYS A 40 -9.23 3.15 -0.90
CA LYS A 40 -9.72 2.33 0.20
C LYS A 40 -9.22 0.90 0.09
N TYR A 41 -9.55 0.25 -1.02
CA TYR A 41 -9.13 -1.12 -1.26
C TYR A 41 -7.73 -1.37 -0.71
N LEU A 42 -6.78 -0.57 -1.15
CA LEU A 42 -5.40 -0.70 -0.71
C LEU A 42 -5.27 -0.35 0.78
N LYS A 43 -6.06 0.61 1.22
CA LYS A 43 -6.04 1.05 2.61
C LYS A 43 -6.38 -0.11 3.53
N ASP A 44 -7.59 -0.67 3.38
CA ASP A 44 -8.03 -1.78 4.20
C ASP A 44 -7.00 -2.90 4.19
N HIS A 45 -6.53 -3.26 3.00
CA HIS A 45 -5.55 -4.33 2.86
C HIS A 45 -4.58 -4.34 4.03
N PHE A 46 -4.13 -3.15 4.43
CA PHE A 46 -3.19 -3.03 5.53
C PHE A 46 -3.94 -2.83 6.85
N SER A 47 -4.81 -1.83 6.89
CA SER A 47 -5.58 -1.54 8.09
C SER A 47 -5.97 -2.83 8.81
N HIS A 48 -6.58 -3.75 8.08
CA HIS A 48 -7.01 -5.02 8.65
C HIS A 48 -5.80 -5.86 9.04
N LEU A 49 -4.91 -6.10 8.09
CA LEU A 49 -3.71 -6.90 8.34
C LEU A 49 -3.01 -6.44 9.61
N LEU A 50 -2.55 -5.19 9.62
CA LEU A 50 -1.86 -4.63 10.77
C LEU A 50 -2.70 -4.79 12.03
N GLY A 51 -4.01 -4.94 11.86
CA GLY A 51 -4.90 -5.10 12.99
C GLY A 51 -5.34 -3.78 13.58
N ILE A 52 -5.19 -2.71 12.80
CA ILE A 52 -5.58 -1.38 13.26
C ILE A 52 -6.62 -0.76 12.33
N PRO A 53 -7.45 0.13 12.88
CA PRO A 53 -8.50 0.81 12.11
C PRO A 53 -7.93 1.81 11.11
N HIS A 54 -8.60 1.94 9.97
CA HIS A 54 -8.16 2.87 8.93
C HIS A 54 -8.51 4.30 9.29
N SER A 55 -9.37 4.46 10.30
CA SER A 55 -9.79 5.79 10.74
C SER A 55 -8.59 6.63 11.16
N VAL A 56 -7.49 5.95 11.47
CA VAL A 56 -6.26 6.64 11.89
C VAL A 56 -5.18 6.51 10.82
N LEU A 57 -5.20 5.40 10.10
CA LEU A 57 -4.21 5.16 9.05
C LEU A 57 -4.55 5.95 7.79
N GLN A 58 -3.54 6.61 7.23
CA GLN A 58 -3.73 7.42 6.02
C GLN A 58 -2.54 7.28 5.09
N ILE A 59 -2.68 7.79 3.86
CA ILE A 59 -1.62 7.73 2.88
C ILE A 59 -1.21 9.12 2.43
N ARG A 60 0.08 9.28 2.09
CA ARG A 60 0.60 10.55 1.63
C ARG A 60 1.27 10.42 0.27
N TYR A 61 0.83 11.23 -0.69
CA TYR A 61 1.38 11.20 -2.03
C TYR A 61 1.51 12.60 -2.60
N SER A 62 2.65 12.88 -3.24
CA SER A 62 2.90 14.19 -3.82
C SER A 62 2.76 15.29 -2.77
N GLY A 63 2.97 14.93 -1.51
CA GLY A 63 2.86 15.89 -0.44
C GLY A 63 1.43 16.28 -0.13
N LYS A 64 0.49 15.56 -0.74
CA LYS A 64 -0.93 15.82 -0.54
C LYS A 64 -1.63 14.61 0.06
N ILE A 65 -2.73 14.85 0.77
CA ILE A 65 -3.48 13.78 1.40
C ILE A 65 -4.57 13.27 0.46
N LEU A 66 -4.46 12.01 0.07
CA LEU A 66 -5.45 11.39 -0.81
C LEU A 66 -6.71 11.01 -0.05
N LYS A 67 -7.78 10.71 -0.79
CA LYS A 67 -9.04 10.32 -0.18
C LYS A 67 -9.52 8.99 -0.73
N ASN A 68 -9.83 8.06 0.17
CA ASN A 68 -10.31 6.74 -0.22
C ASN A 68 -11.22 6.83 -1.44
N ASN A 69 -12.38 7.47 -1.26
CA ASN A 69 -13.36 7.62 -2.33
C ASN A 69 -12.68 8.12 -3.60
N GLU A 70 -11.59 8.87 -3.44
CA GLU A 70 -10.85 9.40 -4.57
C GLU A 70 -10.27 8.28 -5.42
N THR A 71 -9.69 8.65 -6.56
CA THR A 71 -9.09 7.67 -7.46
C THR A 71 -7.73 8.15 -7.96
N LEU A 72 -6.89 7.21 -8.35
CA LEU A 72 -5.56 7.52 -8.86
C LEU A 72 -5.64 8.27 -10.19
N VAL A 73 -6.60 7.87 -11.02
CA VAL A 73 -6.79 8.50 -12.32
C VAL A 73 -7.23 9.96 -12.17
N GLN A 74 -7.84 10.26 -11.03
CA GLN A 74 -8.31 11.62 -10.75
C GLN A 74 -7.16 12.53 -10.38
N HIS A 75 -6.08 11.94 -9.86
CA HIS A 75 -4.91 12.70 -9.45
C HIS A 75 -3.93 12.86 -10.60
N GLY A 76 -3.90 11.85 -11.48
CA GLY A 76 -3.00 11.89 -12.62
C GLY A 76 -2.07 10.70 -12.67
N VAL A 77 -2.65 9.51 -12.71
CA VAL A 77 -1.85 8.28 -12.76
C VAL A 77 -2.25 7.43 -13.96
N LYS A 78 -1.25 6.83 -14.61
CA LYS A 78 -1.48 5.99 -15.76
C LYS A 78 -1.23 4.52 -15.43
N PRO A 79 -1.84 3.61 -16.22
CA PRO A 79 -1.68 2.17 -16.03
C PRO A 79 -0.29 1.68 -16.39
N GLN A 80 0.22 0.72 -15.62
CA GLN A 80 1.55 0.17 -15.87
C GLN A 80 2.62 1.22 -15.64
N GLU A 81 2.52 1.93 -14.51
CA GLU A 81 3.49 2.97 -14.17
C GLU A 81 4.14 2.68 -12.82
N ILE A 82 5.06 3.55 -12.42
CA ILE A 82 5.76 3.40 -11.16
C ILE A 82 5.69 4.68 -10.33
N VAL A 83 5.28 4.54 -9.07
CA VAL A 83 5.17 5.69 -8.18
C VAL A 83 5.78 5.38 -6.82
N GLN A 84 5.76 6.37 -5.92
CA GLN A 84 6.31 6.21 -4.58
C GLN A 84 5.39 6.85 -3.54
N VAL A 85 4.93 6.04 -2.59
CA VAL A 85 4.06 6.53 -1.53
C VAL A 85 4.58 6.15 -0.15
N GLU A 86 4.02 6.76 0.88
CA GLU A 86 4.43 6.47 2.25
C GLU A 86 3.22 6.27 3.16
N ILE A 87 3.23 5.18 3.91
CA ILE A 87 2.13 4.87 4.81
C ILE A 87 2.49 5.22 6.25
N PHE A 88 1.49 5.66 7.01
CA PHE A 88 1.71 6.03 8.41
C PHE A 88 0.37 6.19 9.14
N SER A 89 0.44 6.36 10.45
CA SER A 89 -0.75 6.51 11.27
C SER A 89 -0.83 7.91 11.87
N THR A 90 -2.02 8.49 11.88
CA THR A 90 -2.22 9.83 12.42
C THR A 90 -2.12 9.82 13.94
N ASN A 91 -2.57 8.74 14.56
CA ASN A 91 -2.53 8.61 16.01
C ASN A 91 -1.84 7.32 16.42
N PRO A 92 -0.50 7.35 16.45
CA PRO A 92 0.32 6.19 16.83
C PRO A 92 0.20 5.85 18.31
N ASP A 93 -0.43 6.75 19.07
CA ASP A 93 -0.61 6.54 20.50
C ASP A 93 -1.73 5.53 20.76
N LEU A 94 -2.70 5.49 19.85
CA LEU A 94 -3.83 4.57 20.00
C LEU A 94 -3.62 3.32 19.16
N TYR A 95 -3.28 3.50 17.89
CA TYR A 95 -3.04 2.37 16.99
C TYR A 95 -1.76 2.58 16.18
N PRO A 96 -0.62 2.31 16.82
CA PRO A 96 0.70 2.46 16.19
C PRO A 96 0.94 1.41 15.12
N VAL A 97 1.72 1.78 14.10
CA VAL A 97 2.03 0.87 13.01
C VAL A 97 3.24 -0.01 13.35
N ARG A 98 3.11 -1.31 13.10
CA ARG A 98 4.19 -2.24 13.37
C ARG A 98 4.47 -3.14 12.17
N ARG A 99 5.73 -3.52 11.99
CA ARG A 99 6.12 -4.37 10.88
C ARG A 99 5.29 -5.65 10.85
N ILE A 100 4.79 -6.01 9.67
CA ILE A 100 3.98 -7.21 9.51
C ILE A 100 4.84 -8.46 9.58
N ASP A 101 4.76 -9.19 10.70
CA ASP A 101 5.54 -10.40 10.87
C ASP A 101 4.89 -11.57 10.12
N GLY A 102 3.57 -11.68 10.23
CA GLY A 102 2.86 -12.75 9.55
C GLY A 102 3.47 -13.10 8.21
N LEU A 103 3.65 -12.09 7.37
CA LEU A 103 4.24 -12.31 6.05
C LEU A 103 5.36 -13.33 6.10
N THR A 104 5.38 -14.24 5.13
CA THR A 104 6.41 -15.27 5.08
C THR A 104 7.78 -14.67 4.82
N ASP A 105 7.80 -13.53 4.14
CA ASP A 105 9.05 -12.84 3.83
C ASP A 105 9.73 -12.36 5.10
N VAL A 106 10.84 -13.00 5.46
CA VAL A 106 11.60 -12.64 6.65
C VAL A 106 12.81 -11.77 6.30
N SER A 107 13.40 -11.15 7.32
CA SER A 107 14.56 -10.30 7.13
C SER A 107 15.67 -10.64 8.11
N GLN A 108 16.88 -10.19 7.82
CA GLN A 108 18.03 -10.45 8.68
C GLN A 108 18.36 -9.24 9.53
N ILE A 109 17.32 -8.50 9.93
CA ILE A 109 17.49 -7.31 10.75
C ILE A 109 16.40 -7.21 11.81
N ILE A 110 16.79 -6.76 13.00
CA ILE A 110 15.84 -6.62 14.10
C ILE A 110 16.40 -5.71 15.20
N THR A 111 15.61 -4.72 15.61
CA THR A 111 16.03 -3.80 16.65
C THR A 111 15.96 -4.44 18.02
N VAL A 112 17.09 -4.98 18.48
CA VAL A 112 17.15 -5.63 19.79
C VAL A 112 17.29 -4.60 20.90
N SER A 113 17.11 -5.06 22.14
CA SER A 113 17.22 -4.18 23.30
C SER A 113 18.14 -4.78 24.36
N GLY A 114 18.53 -3.95 25.33
CA GLY A 114 19.41 -4.41 26.38
C GLY A 114 18.65 -4.77 27.66
N PRO A 115 19.37 -4.76 28.79
CA PRO A 115 18.79 -5.08 30.09
C PRO A 115 17.82 -4.00 30.58
N SER A 116 17.29 -4.18 31.79
CA SER A 116 16.35 -3.22 32.36
C SER A 116 16.59 -3.05 33.86
N SER A 117 15.83 -2.16 34.48
CA SER A 117 15.96 -1.91 35.91
C SER A 117 16.07 -3.21 36.69
N GLY A 118 17.17 -3.38 37.41
CA GLY A 118 17.37 -4.59 38.18
C GLY A 118 18.02 -4.32 39.52
N GLY A 1 -20.07 -0.27 8.99
CA GLY A 1 -19.75 -1.68 9.17
C GLY A 1 -18.26 -1.94 9.24
N SER A 2 -17.89 -3.10 9.76
CA SER A 2 -16.48 -3.47 9.89
C SER A 2 -16.15 -4.64 8.98
N SER A 3 -16.96 -5.69 9.04
CA SER A 3 -16.75 -6.88 8.23
C SER A 3 -16.67 -6.52 6.75
N GLY A 4 -15.68 -7.07 6.06
CA GLY A 4 -15.50 -6.80 4.65
C GLY A 4 -15.01 -8.01 3.87
N SER A 5 -14.60 -7.78 2.64
CA SER A 5 -14.11 -8.87 1.78
C SER A 5 -13.21 -8.33 0.69
N SER A 6 -12.14 -9.05 0.40
CA SER A 6 -11.19 -8.65 -0.63
C SER A 6 -11.15 -9.66 -1.76
N GLY A 7 -11.22 -9.17 -3.00
CA GLY A 7 -11.19 -10.04 -4.16
C GLY A 7 -9.79 -10.26 -4.69
N GLN A 8 -9.58 -11.39 -5.34
CA GLN A 8 -8.27 -11.72 -5.90
C GLN A 8 -7.91 -10.76 -7.04
N GLU A 9 -6.64 -10.77 -7.44
CA GLU A 9 -6.17 -9.91 -8.51
C GLU A 9 -6.28 -10.61 -9.86
N SER A 10 -7.40 -11.30 -10.07
CA SER A 10 -7.63 -12.01 -11.32
C SER A 10 -7.90 -11.05 -12.47
N VAL A 11 -8.59 -9.95 -12.16
CA VAL A 11 -8.91 -8.94 -13.16
C VAL A 11 -7.77 -7.93 -13.30
N GLU A 12 -7.09 -7.99 -14.44
CA GLU A 12 -5.98 -7.07 -14.70
C GLU A 12 -6.34 -6.09 -15.82
N ASP A 13 -6.38 -4.81 -15.47
CA ASP A 13 -6.71 -3.77 -16.44
C ASP A 13 -6.20 -2.41 -15.97
N SER A 14 -5.30 -1.82 -16.74
CA SER A 14 -4.75 -0.51 -16.41
C SER A 14 -4.03 -0.57 -15.05
N LEU A 15 -3.32 -1.66 -14.82
CA LEU A 15 -2.59 -1.84 -13.57
C LEU A 15 -1.32 -0.99 -13.56
N ALA A 16 -1.02 -0.39 -12.40
CA ALA A 16 0.17 0.44 -12.26
C ALA A 16 0.97 0.05 -11.03
N THR A 17 2.29 -0.03 -11.18
CA THR A 17 3.17 -0.39 -10.07
C THR A 17 3.18 0.69 -9.00
N VAL A 18 2.63 0.36 -7.83
CA VAL A 18 2.58 1.30 -6.72
C VAL A 18 3.45 0.82 -5.56
N LYS A 19 4.53 1.55 -5.31
CA LYS A 19 5.45 1.20 -4.23
C LYS A 19 5.01 1.86 -2.92
N VAL A 20 4.94 1.06 -1.86
CA VAL A 20 4.54 1.56 -0.54
C VAL A 20 5.73 1.62 0.41
N VAL A 21 5.82 2.71 1.16
CA VAL A 21 6.92 2.88 2.12
C VAL A 21 6.38 3.25 3.49
N LEU A 22 6.80 2.50 4.51
CA LEU A 22 6.37 2.74 5.87
C LEU A 22 7.18 3.86 6.52
N ILE A 23 6.48 4.84 7.08
CA ILE A 23 7.14 5.98 7.72
C ILE A 23 7.77 5.56 9.04
N PRO A 24 6.95 5.03 9.95
CA PRO A 24 7.39 4.58 11.28
C PRO A 24 8.26 3.33 11.20
N VAL A 25 8.17 2.63 10.07
CA VAL A 25 8.95 1.41 9.87
C VAL A 25 10.09 1.64 8.89
N GLY A 26 9.76 2.11 7.69
CA GLY A 26 10.76 2.36 6.68
C GLY A 26 10.93 1.21 5.71
N GLN A 27 10.13 0.17 5.91
CA GLN A 27 10.19 -1.01 5.05
C GLN A 27 9.48 -0.75 3.72
N GLU A 28 10.07 -1.24 2.64
CA GLU A 28 9.49 -1.08 1.30
C GLU A 28 8.61 -2.26 0.93
N ILE A 29 7.44 -1.97 0.38
CA ILE A 29 6.51 -3.02 -0.03
C ILE A 29 5.97 -2.75 -1.43
N VAL A 30 5.94 -3.80 -2.25
CA VAL A 30 5.44 -3.69 -3.62
C VAL A 30 4.13 -4.43 -3.79
N ILE A 31 3.12 -3.73 -4.31
CA ILE A 31 1.81 -4.32 -4.52
C ILE A 31 1.13 -3.72 -5.74
N PRO A 32 0.65 -4.60 -6.65
CA PRO A 32 -0.03 -4.18 -7.88
C PRO A 32 -1.41 -3.58 -7.59
N PHE A 33 -1.63 -2.36 -8.08
CA PHE A 33 -2.90 -1.67 -7.88
C PHE A 33 -3.34 -0.95 -9.15
N LYS A 34 -4.65 -0.88 -9.36
CA LYS A 34 -5.19 -0.22 -10.53
C LYS A 34 -5.16 1.29 -10.37
N VAL A 35 -5.34 2.01 -11.48
CA VAL A 35 -5.34 3.47 -11.46
C VAL A 35 -6.76 4.03 -11.49
N ASP A 36 -7.71 3.17 -11.86
CA ASP A 36 -9.11 3.58 -11.93
C ASP A 36 -9.91 2.95 -10.81
N THR A 37 -9.26 2.72 -9.68
CA THR A 37 -9.92 2.11 -8.52
C THR A 37 -9.56 2.85 -7.24
N ILE A 38 -10.56 3.08 -6.40
CA ILE A 38 -10.34 3.78 -5.13
C ILE A 38 -9.22 3.13 -4.33
N LEU A 39 -8.73 3.84 -3.33
CA LEU A 39 -7.65 3.33 -2.49
C LEU A 39 -8.22 2.55 -1.30
N LYS A 40 -9.43 2.90 -0.89
CA LYS A 40 -10.08 2.23 0.24
C LYS A 40 -9.76 0.73 0.23
N TYR A 41 -9.64 0.17 -0.96
CA TYR A 41 -9.33 -1.26 -1.10
C TYR A 41 -7.91 -1.56 -0.63
N LEU A 42 -6.96 -0.73 -1.04
CA LEU A 42 -5.57 -0.90 -0.66
C LEU A 42 -5.35 -0.53 0.79
N LYS A 43 -6.26 0.28 1.34
CA LYS A 43 -6.17 0.71 2.73
C LYS A 43 -6.70 -0.36 3.67
N ASP A 44 -7.86 -0.90 3.35
CA ASP A 44 -8.48 -1.94 4.17
C ASP A 44 -7.56 -3.15 4.27
N HIS A 45 -6.71 -3.33 3.26
CA HIS A 45 -5.79 -4.46 3.25
C HIS A 45 -4.73 -4.31 4.35
N PHE A 46 -4.11 -3.14 4.42
CA PHE A 46 -3.09 -2.87 5.42
C PHE A 46 -3.71 -2.70 6.81
N SER A 47 -4.88 -2.05 6.86
CA SER A 47 -5.57 -1.82 8.11
C SER A 47 -5.81 -3.13 8.85
N HIS A 48 -6.62 -4.00 8.25
CA HIS A 48 -6.92 -5.29 8.86
C HIS A 48 -5.65 -6.02 9.27
N LEU A 49 -4.74 -6.19 8.32
CA LEU A 49 -3.48 -6.87 8.58
C LEU A 49 -2.78 -6.28 9.80
N LEU A 50 -2.45 -4.99 9.71
CA LEU A 50 -1.77 -4.29 10.81
C LEU A 50 -2.57 -4.43 12.10
N GLY A 51 -3.88 -4.55 11.97
CA GLY A 51 -4.74 -4.69 13.14
C GLY A 51 -5.40 -3.38 13.53
N ILE A 52 -4.85 -2.27 13.05
CA ILE A 52 -5.39 -0.96 13.36
C ILE A 52 -6.36 -0.49 12.27
N PRO A 53 -7.32 0.35 12.66
CA PRO A 53 -8.33 0.88 11.73
C PRO A 53 -7.73 1.87 10.74
N HIS A 54 -8.37 1.99 9.57
CA HIS A 54 -7.89 2.90 8.53
C HIS A 54 -8.24 4.35 8.89
N SER A 55 -9.24 4.53 9.74
CA SER A 55 -9.65 5.86 10.16
C SER A 55 -8.45 6.73 10.49
N VAL A 56 -7.52 6.17 11.27
CA VAL A 56 -6.32 6.91 11.67
C VAL A 56 -5.24 6.79 10.60
N LEU A 57 -5.07 5.59 10.06
CA LEU A 57 -4.07 5.35 9.03
C LEU A 57 -4.42 6.09 7.73
N GLN A 58 -3.44 6.77 7.17
CA GLN A 58 -3.63 7.53 5.94
C GLN A 58 -2.50 7.28 4.96
N ILE A 59 -2.62 7.85 3.75
CA ILE A 59 -1.60 7.69 2.73
C ILE A 59 -1.21 9.05 2.13
N ARG A 60 0.09 9.32 2.12
CA ARG A 60 0.59 10.57 1.57
C ARG A 60 1.37 10.33 0.28
N TYR A 61 0.96 11.00 -0.79
CA TYR A 61 1.61 10.85 -2.08
C TYR A 61 1.95 12.22 -2.68
N SER A 62 3.22 12.40 -3.04
CA SER A 62 3.67 13.67 -3.62
C SER A 62 3.34 14.84 -2.70
N GLY A 63 3.38 14.58 -1.39
CA GLY A 63 3.07 15.63 -0.43
C GLY A 63 1.59 15.83 -0.24
N LYS A 64 0.78 15.09 -1.01
CA LYS A 64 -0.67 15.19 -0.93
C LYS A 64 -1.23 14.12 0.01
N ILE A 65 -2.50 14.27 0.37
CA ILE A 65 -3.16 13.31 1.25
C ILE A 65 -4.27 12.56 0.52
N LEU A 66 -3.90 11.44 -0.10
CA LEU A 66 -4.86 10.63 -0.83
C LEU A 66 -5.93 10.07 0.10
N LYS A 67 -7.19 10.18 -0.33
CA LYS A 67 -8.31 9.69 0.47
C LYS A 67 -8.81 8.35 -0.06
N ASN A 68 -9.79 7.77 0.62
CA ASN A 68 -10.36 6.49 0.21
C ASN A 68 -11.24 6.66 -1.02
N ASN A 69 -12.18 7.59 -0.97
CA ASN A 69 -13.07 7.83 -2.09
C ASN A 69 -12.31 8.45 -3.26
N GLU A 70 -11.06 8.81 -3.03
CA GLU A 70 -10.23 9.41 -4.07
C GLU A 70 -9.74 8.35 -5.05
N THR A 71 -9.16 8.80 -6.15
CA THR A 71 -8.65 7.90 -7.18
C THR A 71 -7.28 8.36 -7.69
N LEU A 72 -6.43 7.39 -8.05
CA LEU A 72 -5.11 7.69 -8.56
C LEU A 72 -5.18 8.59 -9.79
N VAL A 73 -5.93 8.14 -10.79
CA VAL A 73 -6.08 8.90 -12.03
C VAL A 73 -6.48 10.34 -11.74
N GLN A 74 -7.32 10.54 -10.73
CA GLN A 74 -7.77 11.87 -10.35
C GLN A 74 -6.59 12.73 -9.89
N HIS A 75 -5.59 12.08 -9.29
CA HIS A 75 -4.42 12.78 -8.80
C HIS A 75 -3.38 12.96 -9.91
N GLY A 76 -3.55 12.19 -11.00
CA GLY A 76 -2.63 12.28 -12.11
C GLY A 76 -1.71 11.07 -12.20
N VAL A 77 -2.30 9.90 -12.41
CA VAL A 77 -1.54 8.67 -12.52
C VAL A 77 -1.97 7.85 -13.73
N LYS A 78 -1.00 7.43 -14.53
CA LYS A 78 -1.27 6.64 -15.73
C LYS A 78 -1.06 5.15 -15.46
N PRO A 79 -1.69 4.30 -16.29
CA PRO A 79 -1.58 2.85 -16.16
C PRO A 79 -0.20 2.34 -16.52
N GLN A 80 0.23 1.27 -15.86
CA GLN A 80 1.54 0.68 -16.13
C GLN A 80 2.66 1.68 -15.81
N GLU A 81 2.48 2.43 -14.72
CA GLU A 81 3.47 3.41 -14.31
C GLU A 81 3.96 3.13 -12.90
N ILE A 82 5.12 3.68 -12.55
CA ILE A 82 5.70 3.49 -11.23
C ILE A 82 5.58 4.76 -10.39
N VAL A 83 5.23 4.60 -9.12
CA VAL A 83 5.08 5.72 -8.21
C VAL A 83 5.68 5.41 -6.84
N GLN A 84 5.55 6.35 -5.92
CA GLN A 84 6.07 6.18 -4.57
C GLN A 84 5.16 6.85 -3.54
N VAL A 85 4.56 6.04 -2.68
CA VAL A 85 3.67 6.55 -1.64
C VAL A 85 4.19 6.22 -0.25
N GLU A 86 3.63 6.87 0.76
CA GLU A 86 4.03 6.65 2.14
C GLU A 86 2.83 6.35 3.02
N ILE A 87 3.01 5.43 3.98
CA ILE A 87 1.94 5.05 4.89
C ILE A 87 2.32 5.36 6.34
N PHE A 88 1.40 5.99 7.06
CA PHE A 88 1.63 6.35 8.46
C PHE A 88 0.32 6.51 9.20
N SER A 89 0.39 6.49 10.53
CA SER A 89 -0.80 6.62 11.36
C SER A 89 -0.80 7.96 12.10
N THR A 90 -1.86 8.74 11.90
CA THR A 90 -1.98 10.04 12.54
C THR A 90 -1.88 9.92 14.05
N ASN A 91 -2.41 8.83 14.59
CA ASN A 91 -2.38 8.60 16.04
C ASN A 91 -1.51 7.38 16.36
N PRO A 92 -0.19 7.59 16.38
CA PRO A 92 0.77 6.52 16.68
C PRO A 92 0.73 6.10 18.15
N ASP A 93 0.18 6.97 18.99
CA ASP A 93 0.07 6.68 20.42
C ASP A 93 -1.09 5.73 20.70
N LEU A 94 -2.15 5.85 19.92
CA LEU A 94 -3.32 5.00 20.08
C LEU A 94 -3.23 3.78 19.17
N TYR A 95 -2.91 4.01 17.91
CA TYR A 95 -2.78 2.93 16.93
C TYR A 95 -1.50 3.06 16.13
N PRO A 96 -0.37 2.64 16.75
CA PRO A 96 0.94 2.70 16.12
C PRO A 96 1.08 1.68 14.98
N VAL A 97 1.89 2.03 13.99
CA VAL A 97 2.11 1.15 12.84
C VAL A 97 3.18 0.10 13.15
N ARG A 98 3.12 -1.02 12.44
CA ARG A 98 4.07 -2.10 12.64
C ARG A 98 4.40 -2.79 11.32
N ARG A 99 5.64 -3.24 11.18
CA ARG A 99 6.08 -3.91 9.95
C ARG A 99 5.16 -5.09 9.63
N ILE A 100 5.36 -5.68 8.45
CA ILE A 100 4.55 -6.81 8.03
C ILE A 100 5.43 -7.93 7.48
N ASP A 101 5.20 -9.15 7.97
CA ASP A 101 5.97 -10.31 7.54
C ASP A 101 5.35 -10.92 6.27
N GLY A 102 6.22 -11.34 5.34
CA GLY A 102 5.74 -11.93 4.11
C GLY A 102 6.30 -11.23 2.89
N LEU A 103 7.60 -11.38 2.66
CA LEU A 103 8.24 -10.76 1.51
C LEU A 103 9.63 -11.37 1.28
N THR A 104 10.14 -11.22 0.06
CA THR A 104 11.44 -11.75 -0.30
C THR A 104 12.48 -11.41 0.77
N ASP A 105 12.87 -12.41 1.54
CA ASP A 105 13.86 -12.21 2.60
C ASP A 105 14.23 -13.54 3.25
N VAL A 106 15.32 -13.54 4.02
CA VAL A 106 15.78 -14.74 4.71
C VAL A 106 14.59 -15.60 5.14
N SER A 107 14.62 -16.88 4.76
CA SER A 107 13.55 -17.81 5.11
C SER A 107 14.13 -19.14 5.60
N GLN A 108 13.24 -20.08 5.90
CA GLN A 108 13.66 -21.40 6.38
C GLN A 108 13.26 -22.48 5.39
N ILE A 109 13.93 -23.63 5.48
CA ILE A 109 13.65 -24.75 4.60
C ILE A 109 12.81 -25.81 5.30
N ILE A 110 12.02 -26.56 4.53
CA ILE A 110 11.17 -27.60 5.08
C ILE A 110 10.48 -28.37 3.97
N THR A 111 9.90 -29.52 4.33
CA THR A 111 9.20 -30.36 3.37
C THR A 111 8.31 -29.52 2.45
N VAL A 112 8.81 -29.22 1.27
CA VAL A 112 8.07 -28.42 0.30
C VAL A 112 8.45 -28.78 -1.13
N SER A 113 7.45 -29.04 -1.96
CA SER A 113 7.68 -29.40 -3.35
C SER A 113 8.30 -28.24 -4.12
N GLY A 114 8.82 -28.53 -5.31
CA GLY A 114 9.42 -27.49 -6.12
C GLY A 114 10.89 -27.28 -5.79
N PRO A 115 11.72 -28.29 -6.10
CA PRO A 115 13.17 -28.23 -5.84
C PRO A 115 13.87 -27.22 -6.73
N SER A 116 13.42 -27.10 -7.97
CA SER A 116 14.01 -26.17 -8.93
C SER A 116 13.77 -24.72 -8.51
N SER A 117 14.43 -23.80 -9.20
CA SER A 117 14.28 -22.37 -8.89
C SER A 117 15.04 -21.54 -9.91
N GLY A 118 14.34 -20.57 -10.50
CA GLY A 118 14.95 -19.70 -11.49
C GLY A 118 14.44 -18.27 -11.41
N GLY A 1 -21.47 0.53 10.53
CA GLY A 1 -21.35 -0.59 9.61
C GLY A 1 -20.20 -0.42 8.65
N SER A 2 -19.60 -1.53 8.24
CA SER A 2 -18.47 -1.51 7.32
C SER A 2 -18.15 -2.92 6.82
N SER A 3 -17.64 -2.99 5.58
CA SER A 3 -17.30 -4.28 4.98
C SER A 3 -16.24 -4.10 3.90
N GLY A 4 -15.62 -5.21 3.50
CA GLY A 4 -14.59 -5.15 2.48
C GLY A 4 -14.17 -6.53 2.01
N SER A 5 -13.50 -6.58 0.85
CA SER A 5 -13.05 -7.84 0.29
C SER A 5 -12.02 -7.61 -0.80
N SER A 6 -10.78 -8.05 -0.53
CA SER A 6 -9.69 -7.87 -1.49
C SER A 6 -8.69 -9.02 -1.37
N GLY A 7 -8.21 -9.50 -2.51
CA GLY A 7 -7.25 -10.59 -2.51
C GLY A 7 -6.84 -11.00 -3.92
N GLN A 8 -7.22 -12.22 -4.30
CA GLN A 8 -6.90 -12.74 -5.63
C GLN A 8 -7.77 -12.09 -6.70
N GLU A 9 -7.23 -11.06 -7.34
CA GLU A 9 -7.96 -10.35 -8.39
C GLU A 9 -7.95 -11.14 -9.69
N SER A 10 -6.76 -11.40 -10.21
CA SER A 10 -6.61 -12.15 -11.46
C SER A 10 -7.23 -11.38 -12.62
N VAL A 11 -7.12 -10.06 -12.58
CA VAL A 11 -7.67 -9.21 -13.63
C VAL A 11 -6.62 -8.89 -14.69
N GLU A 12 -5.58 -8.18 -14.29
CA GLU A 12 -4.50 -7.81 -15.20
C GLU A 12 -4.98 -6.78 -16.23
N ASP A 13 -5.63 -5.73 -15.73
CA ASP A 13 -6.14 -4.67 -16.60
C ASP A 13 -5.87 -3.29 -16.00
N SER A 14 -5.04 -2.51 -16.68
CA SER A 14 -4.69 -1.18 -16.22
C SER A 14 -4.05 -1.23 -14.84
N LEU A 15 -3.03 -2.09 -14.70
CA LEU A 15 -2.32 -2.24 -13.44
C LEU A 15 -1.11 -1.30 -13.37
N ALA A 16 -0.98 -0.60 -12.26
CA ALA A 16 0.13 0.33 -12.07
C ALA A 16 0.97 -0.06 -10.86
N THR A 17 2.29 -0.14 -11.04
CA THR A 17 3.20 -0.50 -9.96
C THR A 17 3.25 0.60 -8.90
N VAL A 18 2.63 0.34 -7.75
CA VAL A 18 2.61 1.30 -6.66
C VAL A 18 3.50 0.84 -5.51
N LYS A 19 4.64 1.51 -5.33
CA LYS A 19 5.57 1.18 -4.26
C LYS A 19 5.10 1.76 -2.93
N VAL A 20 5.07 0.92 -1.91
CA VAL A 20 4.65 1.35 -0.58
C VAL A 20 5.85 1.47 0.37
N VAL A 21 5.83 2.48 1.21
CA VAL A 21 6.91 2.71 2.17
C VAL A 21 6.35 3.04 3.55
N LEU A 22 6.82 2.32 4.56
CA LEU A 22 6.38 2.54 5.94
C LEU A 22 7.15 3.69 6.58
N ILE A 23 6.42 4.63 7.18
CA ILE A 23 7.04 5.77 7.83
C ILE A 23 7.76 5.35 9.11
N PRO A 24 7.00 4.75 10.05
CA PRO A 24 7.54 4.29 11.33
C PRO A 24 8.46 3.09 11.16
N VAL A 25 8.13 2.21 10.23
CA VAL A 25 8.93 1.02 9.98
C VAL A 25 10.09 1.33 9.03
N GLY A 26 9.80 2.08 7.97
CA GLY A 26 10.84 2.43 7.02
C GLY A 26 11.08 1.34 5.99
N GLN A 27 10.32 0.26 6.10
CA GLN A 27 10.46 -0.86 5.18
C GLN A 27 9.83 -0.53 3.83
N GLU A 28 10.08 -1.39 2.84
CA GLU A 28 9.54 -1.19 1.50
C GLU A 28 8.69 -2.38 1.08
N ILE A 29 7.51 -2.10 0.53
CA ILE A 29 6.60 -3.14 0.08
C ILE A 29 6.03 -2.83 -1.30
N VAL A 30 6.12 -3.78 -2.21
CA VAL A 30 5.61 -3.61 -3.57
C VAL A 30 4.33 -4.40 -3.78
N ILE A 31 3.28 -3.72 -4.24
CA ILE A 31 2.01 -4.36 -4.49
C ILE A 31 1.25 -3.67 -5.62
N PRO A 32 0.74 -4.46 -6.57
CA PRO A 32 -0.01 -3.94 -7.72
C PRO A 32 -1.38 -3.39 -7.32
N PHE A 33 -1.80 -2.32 -7.97
CA PHE A 33 -3.08 -1.70 -7.69
C PHE A 33 -3.71 -1.13 -8.96
N LYS A 34 -5.04 -1.11 -9.00
CA LYS A 34 -5.77 -0.60 -10.16
C LYS A 34 -5.90 0.92 -10.08
N VAL A 35 -5.30 1.61 -11.05
CA VAL A 35 -5.36 3.07 -11.10
C VAL A 35 -6.79 3.57 -11.03
N ASP A 36 -7.73 2.73 -11.45
CA ASP A 36 -9.14 3.08 -11.45
C ASP A 36 -9.75 2.84 -10.07
N THR A 37 -9.36 1.73 -9.45
CA THR A 37 -9.88 1.37 -8.13
C THR A 37 -9.44 2.38 -7.08
N ILE A 38 -10.41 2.93 -6.35
CA ILE A 38 -10.12 3.90 -5.31
C ILE A 38 -8.96 3.44 -4.43
N LEU A 39 -8.53 4.32 -3.53
CA LEU A 39 -7.42 4.00 -2.63
C LEU A 39 -7.92 3.16 -1.45
N LYS A 40 -9.16 3.40 -1.04
CA LYS A 40 -9.74 2.66 0.07
C LYS A 40 -9.44 1.17 -0.04
N TYR A 41 -9.84 0.57 -1.16
CA TYR A 41 -9.62 -0.85 -1.40
C TYR A 41 -8.28 -1.28 -0.83
N LEU A 42 -7.21 -0.61 -1.25
CA LEU A 42 -5.86 -0.94 -0.78
C LEU A 42 -5.72 -0.63 0.70
N LYS A 43 -6.32 0.48 1.13
CA LYS A 43 -6.26 0.89 2.54
C LYS A 43 -6.57 -0.29 3.45
N ASP A 44 -7.70 -0.94 3.21
CA ASP A 44 -8.12 -2.09 4.01
C ASP A 44 -7.07 -3.19 3.98
N HIS A 45 -6.50 -3.42 2.80
CA HIS A 45 -5.47 -4.46 2.64
C HIS A 45 -4.48 -4.41 3.79
N PHE A 46 -4.14 -3.21 4.23
CA PHE A 46 -3.19 -3.03 5.33
C PHE A 46 -3.92 -2.95 6.67
N SER A 47 -4.86 -2.01 6.76
CA SER A 47 -5.64 -1.82 7.99
C SER A 47 -5.87 -3.15 8.70
N HIS A 48 -6.56 -4.06 8.01
CA HIS A 48 -6.85 -5.38 8.58
C HIS A 48 -5.56 -6.09 8.99
N LEU A 49 -4.63 -6.20 8.05
CA LEU A 49 -3.36 -6.87 8.32
C LEU A 49 -2.73 -6.35 9.61
N LEU A 50 -2.45 -5.05 9.65
CA LEU A 50 -1.86 -4.43 10.82
C LEU A 50 -2.75 -4.61 12.04
N GLY A 51 -4.06 -4.67 11.81
CA GLY A 51 -4.99 -4.84 12.90
C GLY A 51 -5.41 -3.53 13.53
N ILE A 52 -5.60 -2.52 12.69
CA ILE A 52 -6.00 -1.19 13.17
C ILE A 52 -7.01 -0.55 12.23
N PRO A 53 -7.85 0.33 12.78
CA PRO A 53 -8.88 1.04 12.00
C PRO A 53 -8.28 2.06 11.03
N HIS A 54 -8.30 1.73 9.75
CA HIS A 54 -7.75 2.61 8.73
C HIS A 54 -8.04 4.07 9.07
N SER A 55 -9.17 4.31 9.73
CA SER A 55 -9.55 5.67 10.11
C SER A 55 -8.35 6.45 10.61
N VAL A 56 -7.56 5.82 11.47
CA VAL A 56 -6.37 6.45 12.02
C VAL A 56 -5.23 6.49 11.01
N LEU A 57 -5.18 5.48 10.15
CA LEU A 57 -4.14 5.39 9.14
C LEU A 57 -4.45 6.32 7.97
N GLN A 58 -3.41 6.73 7.25
CA GLN A 58 -3.57 7.62 6.10
C GLN A 58 -2.53 7.32 5.03
N ILE A 59 -2.61 8.05 3.91
CA ILE A 59 -1.67 7.85 2.82
C ILE A 59 -1.18 9.20 2.29
N ARG A 60 0.14 9.30 2.10
CA ARG A 60 0.74 10.53 1.60
C ARG A 60 1.38 10.30 0.23
N TYR A 61 0.98 11.13 -0.74
CA TYR A 61 1.51 11.01 -2.10
C TYR A 61 2.04 12.37 -2.59
N SER A 62 3.29 12.37 -3.05
CA SER A 62 3.91 13.59 -3.54
C SER A 62 3.74 14.74 -2.54
N GLY A 63 3.57 14.38 -1.27
CA GLY A 63 3.41 15.38 -0.24
C GLY A 63 1.98 15.88 -0.14
N LYS A 64 1.03 15.06 -0.59
CA LYS A 64 -0.39 15.42 -0.55
C LYS A 64 -1.19 14.37 0.22
N ILE A 65 -2.32 14.79 0.77
CA ILE A 65 -3.18 13.89 1.52
C ILE A 65 -4.31 13.35 0.64
N LEU A 66 -4.30 12.04 0.41
CA LEU A 66 -5.31 11.39 -0.41
C LEU A 66 -6.50 10.96 0.45
N LYS A 67 -7.65 10.76 -0.21
CA LYS A 67 -8.85 10.35 0.49
C LYS A 67 -9.30 8.97 0.01
N ASN A 68 -10.19 8.34 0.79
CA ASN A 68 -10.69 7.01 0.44
C ASN A 68 -11.34 7.03 -0.95
N ASN A 69 -12.40 7.81 -1.09
CA ASN A 69 -13.11 7.91 -2.37
C ASN A 69 -12.17 8.34 -3.48
N GLU A 70 -11.12 9.07 -3.11
CA GLU A 70 -10.14 9.55 -4.08
C GLU A 70 -9.67 8.41 -4.98
N THR A 71 -9.13 8.77 -6.15
CA THR A 71 -8.64 7.79 -7.10
C THR A 71 -7.32 8.23 -7.71
N LEU A 72 -6.43 7.25 -7.95
CA LEU A 72 -5.14 7.54 -8.53
C LEU A 72 -5.28 8.28 -9.86
N VAL A 73 -6.27 7.87 -10.66
CA VAL A 73 -6.52 8.50 -11.95
C VAL A 73 -7.03 9.92 -11.77
N GLN A 74 -7.80 10.15 -10.73
CA GLN A 74 -8.36 11.47 -10.44
C GLN A 74 -7.24 12.49 -10.25
N HIS A 75 -6.13 12.05 -9.65
CA HIS A 75 -4.99 12.93 -9.41
C HIS A 75 -4.11 13.04 -10.64
N GLY A 76 -4.17 12.03 -11.49
CA GLY A 76 -3.38 12.03 -12.71
C GLY A 76 -2.39 10.88 -12.76
N VAL A 77 -2.89 9.67 -12.62
CA VAL A 77 -2.05 8.47 -12.66
C VAL A 77 -2.44 7.55 -13.81
N LYS A 78 -1.44 7.11 -14.57
CA LYS A 78 -1.68 6.22 -15.70
C LYS A 78 -1.35 4.77 -15.34
N PRO A 79 -1.99 3.83 -16.04
CA PRO A 79 -1.79 2.39 -15.81
C PRO A 79 -0.41 1.93 -16.25
N GLN A 80 0.11 0.91 -15.58
CA GLN A 80 1.43 0.37 -15.90
C GLN A 80 2.52 1.40 -15.63
N GLU A 81 2.33 2.21 -14.59
CA GLU A 81 3.29 3.23 -14.23
C GLU A 81 3.93 2.94 -12.87
N ILE A 82 4.93 3.74 -12.51
CA ILE A 82 5.62 3.55 -11.24
C ILE A 82 5.51 4.81 -10.37
N VAL A 83 5.16 4.62 -9.10
CA VAL A 83 5.02 5.74 -8.17
C VAL A 83 5.62 5.39 -6.81
N GLN A 84 5.55 6.34 -5.88
CA GLN A 84 6.08 6.14 -4.55
C GLN A 84 5.25 6.88 -3.51
N VAL A 85 4.57 6.13 -2.64
CA VAL A 85 3.74 6.72 -1.61
C VAL A 85 4.23 6.31 -0.22
N GLU A 86 3.79 7.07 0.79
CA GLU A 86 4.19 6.78 2.16
C GLU A 86 2.96 6.47 3.02
N ILE A 87 3.12 5.51 3.93
CA ILE A 87 2.03 5.11 4.81
C ILE A 87 2.38 5.37 6.28
N PHE A 88 1.42 5.87 7.04
CA PHE A 88 1.63 6.16 8.46
C PHE A 88 0.30 6.28 9.19
N SER A 89 0.37 6.49 10.50
CA SER A 89 -0.82 6.61 11.32
C SER A 89 -0.90 8.00 11.96
N THR A 90 -2.09 8.59 11.92
CA THR A 90 -2.31 9.92 12.49
C THR A 90 -2.13 9.90 14.00
N ASN A 91 -2.59 8.83 14.63
CA ASN A 91 -2.50 8.68 16.08
C ASN A 91 -1.79 7.38 16.45
N PRO A 92 -0.45 7.41 16.44
CA PRO A 92 0.35 6.22 16.77
C PRO A 92 0.28 5.87 18.25
N ASP A 93 -0.16 6.84 19.06
CA ASP A 93 -0.28 6.63 20.50
C ASP A 93 -1.44 5.70 20.82
N LEU A 94 -2.36 5.56 19.86
CA LEU A 94 -3.53 4.70 20.05
C LEU A 94 -3.48 3.51 19.11
N TYR A 95 -3.10 3.75 17.85
CA TYR A 95 -3.01 2.69 16.87
C TYR A 95 -1.72 2.81 16.06
N PRO A 96 -0.62 2.29 16.63
CA PRO A 96 0.69 2.32 15.98
C PRO A 96 0.76 1.40 14.77
N VAL A 97 1.74 1.65 13.90
CA VAL A 97 1.92 0.85 12.70
C VAL A 97 3.14 -0.06 12.83
N ARG A 98 3.01 -1.28 12.29
CA ARG A 98 4.11 -2.25 12.34
C ARG A 98 4.38 -2.83 10.96
N ARG A 99 5.58 -3.37 10.78
CA ARG A 99 5.97 -3.96 9.50
C ARG A 99 4.97 -5.05 9.09
N ILE A 100 5.28 -5.72 7.99
CA ILE A 100 4.41 -6.78 7.48
C ILE A 100 5.19 -8.08 7.27
N ASP A 101 4.64 -9.17 7.78
CA ASP A 101 5.28 -10.48 7.65
C ASP A 101 5.91 -10.64 6.26
N GLY A 102 7.16 -11.09 6.24
CA GLY A 102 7.86 -11.28 4.98
C GLY A 102 8.82 -12.44 5.02
N LEU A 103 10.11 -12.13 5.17
CA LEU A 103 11.14 -13.16 5.22
C LEU A 103 10.99 -14.02 6.48
N THR A 104 11.31 -15.30 6.36
CA THR A 104 11.21 -16.22 7.48
C THR A 104 12.39 -17.19 7.50
N ASP A 105 12.86 -17.52 8.70
CA ASP A 105 13.99 -18.43 8.85
C ASP A 105 13.88 -19.59 7.86
N VAL A 106 15.03 -20.18 7.53
CA VAL A 106 15.07 -21.30 6.59
C VAL A 106 13.82 -22.17 6.72
N SER A 107 13.22 -22.49 5.58
CA SER A 107 12.02 -23.32 5.56
C SER A 107 12.07 -24.33 4.42
N GLN A 108 11.47 -25.50 4.65
CA GLN A 108 11.44 -26.55 3.64
C GLN A 108 10.02 -26.99 3.33
N ILE A 109 9.83 -27.61 2.18
CA ILE A 109 8.50 -28.08 1.77
C ILE A 109 8.46 -29.59 1.72
N ILE A 110 7.24 -30.15 1.75
CA ILE A 110 7.05 -31.59 1.70
C ILE A 110 5.57 -31.95 1.55
N THR A 111 5.30 -33.01 0.81
CA THR A 111 3.93 -33.45 0.59
C THR A 111 3.56 -34.57 1.55
N VAL A 112 2.29 -34.63 1.93
CA VAL A 112 1.81 -35.65 2.85
C VAL A 112 1.07 -36.75 2.10
N SER A 113 1.34 -38.00 2.48
CA SER A 113 0.70 -39.15 1.85
C SER A 113 -0.64 -39.46 2.49
N GLY A 114 -1.32 -40.48 1.97
CA GLY A 114 -2.62 -40.85 2.50
C GLY A 114 -2.64 -42.28 3.01
N PRO A 115 -3.42 -42.52 4.09
CA PRO A 115 -3.54 -43.84 4.69
C PRO A 115 -4.29 -44.83 3.81
N SER A 116 -4.59 -46.00 4.35
CA SER A 116 -5.30 -47.03 3.60
C SER A 116 -6.00 -48.00 4.55
N SER A 117 -6.72 -48.96 3.98
CA SER A 117 -7.45 -49.95 4.77
C SER A 117 -7.31 -51.34 4.15
N GLY A 118 -7.38 -52.36 5.00
CA GLY A 118 -7.26 -53.73 4.52
C GLY A 118 -7.88 -54.74 5.48
N GLY A 1 -12.74 -14.70 0.13
CA GLY A 1 -12.03 -13.92 1.13
C GLY A 1 -10.67 -13.44 0.62
N SER A 2 -9.61 -13.82 1.32
CA SER A 2 -8.26 -13.43 0.95
C SER A 2 -7.75 -14.27 -0.22
N SER A 3 -7.16 -13.60 -1.20
CA SER A 3 -6.63 -14.29 -2.38
C SER A 3 -7.51 -15.47 -2.76
N GLY A 4 -8.82 -15.25 -2.70
CA GLY A 4 -9.75 -16.31 -3.05
C GLY A 4 -10.72 -15.89 -4.16
N SER A 5 -10.19 -15.70 -5.36
CA SER A 5 -11.01 -15.30 -6.50
C SER A 5 -12.08 -16.34 -6.79
N SER A 6 -12.94 -16.03 -7.76
CA SER A 6 -14.03 -16.94 -8.13
C SER A 6 -13.80 -17.49 -9.53
N GLY A 7 -13.46 -16.61 -10.47
CA GLY A 7 -13.23 -17.04 -11.84
C GLY A 7 -12.66 -15.92 -12.70
N GLN A 8 -11.46 -15.47 -12.36
CA GLN A 8 -10.80 -14.41 -13.10
C GLN A 8 -9.36 -14.78 -13.43
N GLU A 9 -9.00 -14.66 -14.71
CA GLU A 9 -7.65 -14.98 -15.15
C GLU A 9 -6.64 -14.00 -14.58
N SER A 10 -5.35 -14.32 -14.72
CA SER A 10 -4.29 -13.47 -14.22
C SER A 10 -3.97 -12.35 -15.21
N VAL A 11 -4.63 -11.22 -15.06
CA VAL A 11 -4.42 -10.08 -15.94
C VAL A 11 -3.81 -8.90 -15.18
N GLU A 12 -2.69 -8.40 -15.69
CA GLU A 12 -2.01 -7.27 -15.06
C GLU A 12 -1.80 -6.13 -16.05
N ASP A 13 -2.87 -5.80 -16.79
CA ASP A 13 -2.80 -4.74 -17.77
C ASP A 13 -3.14 -3.39 -17.13
N SER A 14 -4.20 -3.36 -16.34
CA SER A 14 -4.63 -2.14 -15.67
C SER A 14 -3.78 -1.87 -14.43
N LEU A 15 -3.62 -2.90 -13.60
CA LEU A 15 -2.83 -2.78 -12.37
C LEU A 15 -1.56 -1.97 -12.62
N ALA A 16 -1.17 -1.18 -11.62
CA ALA A 16 0.03 -0.36 -11.73
C ALA A 16 0.98 -0.62 -10.57
N THR A 17 2.27 -0.46 -10.83
CA THR A 17 3.29 -0.69 -9.81
C THR A 17 3.30 0.43 -8.78
N VAL A 18 2.64 0.19 -7.65
CA VAL A 18 2.58 1.18 -6.58
C VAL A 18 3.48 0.81 -5.42
N LYS A 19 4.57 1.55 -5.24
CA LYS A 19 5.52 1.30 -4.17
C LYS A 19 4.98 1.83 -2.84
N VAL A 20 5.05 0.98 -1.81
CA VAL A 20 4.58 1.36 -0.48
C VAL A 20 5.70 1.32 0.54
N VAL A 21 6.00 2.46 1.14
CA VAL A 21 7.06 2.54 2.14
C VAL A 21 6.50 2.91 3.50
N LEU A 22 6.87 2.14 4.52
CA LEU A 22 6.40 2.38 5.88
C LEU A 22 7.19 3.52 6.53
N ILE A 23 6.47 4.52 7.04
CA ILE A 23 7.09 5.66 7.69
C ILE A 23 7.73 5.26 9.02
N PRO A 24 6.92 4.71 9.92
CA PRO A 24 7.38 4.26 11.25
C PRO A 24 8.27 3.03 11.16
N VAL A 25 7.96 2.14 10.24
CA VAL A 25 8.73 0.92 10.05
C VAL A 25 9.94 1.17 9.16
N GLY A 26 9.71 1.83 8.03
CA GLY A 26 10.79 2.12 7.10
C GLY A 26 10.96 1.03 6.06
N GLN A 27 10.22 -0.05 6.21
CA GLN A 27 10.29 -1.18 5.28
C GLN A 27 9.50 -0.87 4.00
N GLU A 28 10.03 -1.32 2.87
CA GLU A 28 9.37 -1.09 1.58
C GLU A 28 8.49 -2.27 1.22
N ILE A 29 7.46 -2.01 0.42
CA ILE A 29 6.53 -3.04 0.00
C ILE A 29 6.01 -2.77 -1.42
N VAL A 30 6.15 -3.77 -2.28
CA VAL A 30 5.69 -3.64 -3.66
C VAL A 30 4.42 -4.46 -3.90
N ILE A 31 3.34 -3.77 -4.27
CA ILE A 31 2.07 -4.43 -4.54
C ILE A 31 1.30 -3.72 -5.64
N PRO A 32 0.82 -4.50 -6.62
CA PRO A 32 0.05 -3.96 -7.76
C PRO A 32 -1.33 -3.46 -7.34
N PHE A 33 -1.55 -2.16 -7.49
CA PHE A 33 -2.83 -1.56 -7.13
C PHE A 33 -3.57 -1.06 -8.38
N LYS A 34 -4.89 -1.17 -8.37
CA LYS A 34 -5.71 -0.74 -9.49
C LYS A 34 -5.85 0.78 -9.50
N VAL A 35 -5.49 1.40 -10.62
CA VAL A 35 -5.58 2.85 -10.76
C VAL A 35 -7.02 3.32 -10.72
N ASP A 36 -7.92 2.51 -11.27
CA ASP A 36 -9.35 2.84 -11.29
C ASP A 36 -9.95 2.75 -9.90
N THR A 37 -9.41 1.84 -9.09
CA THR A 37 -9.91 1.64 -7.73
C THR A 37 -9.42 2.76 -6.81
N ILE A 38 -10.35 3.31 -6.04
CA ILE A 38 -10.02 4.39 -5.10
C ILE A 38 -8.77 4.05 -4.30
N LEU A 39 -8.30 5.02 -3.52
CA LEU A 39 -7.11 4.83 -2.69
C LEU A 39 -7.43 3.98 -1.47
N LYS A 40 -8.68 4.05 -1.01
CA LYS A 40 -9.11 3.28 0.16
C LYS A 40 -8.70 1.81 0.02
N TYR A 41 -9.21 1.16 -1.01
CA TYR A 41 -8.89 -0.25 -1.25
C TYR A 41 -7.45 -0.56 -0.85
N LEU A 42 -6.54 0.34 -1.21
CA LEU A 42 -5.13 0.17 -0.89
C LEU A 42 -4.90 0.19 0.61
N LYS A 43 -5.49 1.18 1.28
CA LYS A 43 -5.36 1.32 2.72
C LYS A 43 -6.15 0.24 3.45
N ASP A 44 -7.12 -0.34 2.76
CA ASP A 44 -7.95 -1.39 3.34
C ASP A 44 -7.21 -2.72 3.38
N HIS A 45 -6.26 -2.88 2.47
CA HIS A 45 -5.46 -4.11 2.40
C HIS A 45 -4.49 -4.19 3.57
N PHE A 46 -4.07 -3.03 4.07
CA PHE A 46 -3.15 -2.97 5.20
C PHE A 46 -3.90 -2.85 6.51
N SER A 47 -5.06 -2.20 6.48
CA SER A 47 -5.87 -2.02 7.67
C SER A 47 -6.28 -3.37 8.27
N HIS A 48 -6.42 -4.36 7.41
CA HIS A 48 -6.80 -5.70 7.86
C HIS A 48 -5.58 -6.50 8.29
N LEU A 49 -4.60 -6.60 7.42
CA LEU A 49 -3.38 -7.33 7.71
C LEU A 49 -2.78 -6.88 9.04
N LEU A 50 -2.52 -5.58 9.16
CA LEU A 50 -1.96 -5.02 10.38
C LEU A 50 -2.90 -5.21 11.56
N GLY A 51 -4.20 -5.16 11.29
CA GLY A 51 -5.19 -5.33 12.33
C GLY A 51 -5.76 -4.03 12.82
N ILE A 52 -5.10 -2.92 12.45
CA ILE A 52 -5.54 -1.60 12.85
C ILE A 52 -6.53 -1.01 11.85
N PRO A 53 -7.44 -0.17 12.34
CA PRO A 53 -8.46 0.47 11.51
C PRO A 53 -7.86 1.52 10.56
N HIS A 54 -8.64 1.91 9.56
CA HIS A 54 -8.18 2.91 8.59
C HIS A 54 -8.43 4.31 9.09
N SER A 55 -9.24 4.43 10.15
CA SER A 55 -9.57 5.72 10.73
C SER A 55 -8.30 6.46 11.16
N VAL A 56 -7.39 5.73 11.80
CA VAL A 56 -6.14 6.33 12.27
C VAL A 56 -5.09 6.31 11.17
N LEU A 57 -5.14 5.29 10.32
CA LEU A 57 -4.19 5.17 9.21
C LEU A 57 -4.56 6.10 8.06
N GLN A 58 -3.55 6.52 7.32
CA GLN A 58 -3.78 7.42 6.18
C GLN A 58 -2.73 7.18 5.09
N ILE A 59 -2.85 7.92 3.99
CA ILE A 59 -1.91 7.79 2.88
C ILE A 59 -1.37 9.16 2.47
N ARG A 60 -0.09 9.20 2.12
CA ARG A 60 0.55 10.44 1.69
C ARG A 60 1.11 10.31 0.28
N TYR A 61 0.68 11.21 -0.60
CA TYR A 61 1.13 11.20 -1.99
C TYR A 61 1.38 12.62 -2.50
N SER A 62 2.52 12.82 -3.15
CA SER A 62 2.87 14.13 -3.68
C SER A 62 2.81 15.20 -2.58
N GLY A 63 3.08 14.78 -1.35
CA GLY A 63 3.05 15.71 -0.23
C GLY A 63 1.66 16.25 0.04
N LYS A 64 0.65 15.62 -0.56
CA LYS A 64 -0.73 16.06 -0.37
C LYS A 64 -1.58 14.92 0.17
N ILE A 65 -2.34 15.20 1.23
CA ILE A 65 -3.21 14.20 1.84
C ILE A 65 -4.35 13.81 0.91
N LEU A 66 -4.41 12.53 0.57
CA LEU A 66 -5.45 12.02 -0.31
C LEU A 66 -6.62 11.44 0.49
N LYS A 67 -7.80 11.43 -0.12
CA LYS A 67 -8.98 10.90 0.54
C LYS A 67 -9.45 9.60 -0.13
N ASN A 68 -10.33 8.88 0.54
CA ASN A 68 -10.85 7.62 0.01
C ASN A 68 -11.57 7.85 -1.32
N ASN A 69 -12.41 8.89 -1.36
CA ASN A 69 -13.16 9.22 -2.56
C ASN A 69 -12.21 9.50 -3.73
N GLU A 70 -11.02 9.97 -3.42
CA GLU A 70 -10.02 10.29 -4.44
C GLU A 70 -9.48 9.01 -5.07
N THR A 71 -9.30 9.04 -6.39
CA THR A 71 -8.79 7.88 -7.11
C THR A 71 -7.49 8.21 -7.83
N LEU A 72 -6.61 7.22 -7.95
CA LEU A 72 -5.33 7.41 -8.63
C LEU A 72 -5.52 8.08 -9.98
N VAL A 73 -6.33 7.47 -10.83
CA VAL A 73 -6.59 8.01 -12.16
C VAL A 73 -7.03 9.46 -12.09
N GLN A 74 -7.86 9.77 -11.09
CA GLN A 74 -8.34 11.14 -10.90
C GLN A 74 -7.20 12.10 -10.66
N HIS A 75 -6.12 11.60 -10.06
CA HIS A 75 -4.95 12.41 -9.76
C HIS A 75 -4.03 12.51 -10.98
N GLY A 76 -4.23 11.60 -11.93
CA GLY A 76 -3.42 11.60 -13.13
C GLY A 76 -2.41 10.47 -13.13
N VAL A 77 -2.88 9.26 -12.89
CA VAL A 77 -2.00 8.08 -12.86
C VAL A 77 -2.46 7.04 -13.88
N LYS A 78 -1.57 6.67 -14.78
CA LYS A 78 -1.87 5.68 -15.80
C LYS A 78 -1.43 4.29 -15.36
N PRO A 79 -2.06 3.25 -15.93
CA PRO A 79 -1.76 1.86 -15.60
C PRO A 79 -0.39 1.44 -16.13
N GLN A 80 0.21 0.43 -15.48
CA GLN A 80 1.52 -0.07 -15.88
C GLN A 80 2.59 0.97 -15.62
N GLU A 81 2.35 1.84 -14.63
CA GLU A 81 3.31 2.88 -14.28
C GLU A 81 3.84 2.68 -12.86
N ILE A 82 4.91 3.39 -12.53
CA ILE A 82 5.51 3.28 -11.21
C ILE A 82 5.30 4.56 -10.40
N VAL A 83 4.97 4.40 -9.13
CA VAL A 83 4.74 5.54 -8.25
C VAL A 83 5.38 5.32 -6.89
N GLN A 84 5.19 6.28 -5.98
CA GLN A 84 5.75 6.19 -4.63
C GLN A 84 4.81 6.83 -3.61
N VAL A 85 4.34 6.02 -2.68
CA VAL A 85 3.44 6.51 -1.64
C VAL A 85 3.93 6.12 -0.25
N GLU A 86 3.67 6.97 0.73
CA GLU A 86 4.09 6.71 2.10
C GLU A 86 2.89 6.47 3.01
N ILE A 87 3.01 5.49 3.89
CA ILE A 87 1.93 5.16 4.81
C ILE A 87 2.34 5.40 6.26
N PHE A 88 1.39 5.83 7.08
CA PHE A 88 1.67 6.10 8.49
C PHE A 88 0.36 6.25 9.27
N SER A 89 0.44 6.07 10.58
CA SER A 89 -0.73 6.19 11.45
C SER A 89 -0.72 7.52 12.19
N THR A 90 -1.87 8.20 12.19
CA THR A 90 -2.00 9.48 12.87
C THR A 90 -1.71 9.35 14.36
N ASN A 91 -2.22 8.28 14.97
CA ASN A 91 -2.03 8.04 16.39
C ASN A 91 -1.37 6.67 16.62
N PRO A 92 -0.04 6.65 16.60
CA PRO A 92 0.74 5.42 16.81
C PRO A 92 0.65 4.92 18.24
N ASP A 93 0.23 5.79 19.15
CA ASP A 93 0.10 5.45 20.56
C ASP A 93 -1.04 4.45 20.77
N LEU A 94 -2.08 4.57 19.95
CA LEU A 94 -3.23 3.68 20.04
C LEU A 94 -3.15 2.57 19.00
N TYR A 95 -2.88 2.95 17.76
CA TYR A 95 -2.78 1.98 16.68
C TYR A 95 -1.45 2.14 15.94
N PRO A 96 -0.38 1.57 16.51
CA PRO A 96 0.96 1.64 15.92
C PRO A 96 1.08 0.80 14.65
N VAL A 97 2.01 1.18 13.78
CA VAL A 97 2.22 0.46 12.53
C VAL A 97 3.35 -0.56 12.66
N ARG A 98 3.01 -1.83 12.48
CA ARG A 98 4.00 -2.91 12.58
C ARG A 98 4.59 -3.23 11.21
N ARG A 99 5.51 -4.19 11.19
CA ARG A 99 6.15 -4.60 9.94
C ARG A 99 5.48 -5.85 9.36
N ILE A 100 5.43 -5.93 8.04
CA ILE A 100 4.82 -7.07 7.37
C ILE A 100 5.84 -7.82 6.51
N ASP A 101 6.38 -8.90 7.07
CA ASP A 101 7.37 -9.71 6.36
C ASP A 101 7.01 -9.83 4.89
N GLY A 102 5.78 -10.24 4.60
CA GLY A 102 5.35 -10.39 3.22
C GLY A 102 6.04 -11.54 2.52
N LEU A 103 5.86 -11.62 1.20
CA LEU A 103 6.46 -12.68 0.40
C LEU A 103 7.96 -12.77 0.67
N THR A 104 8.40 -13.91 1.19
CA THR A 104 9.81 -14.14 1.50
C THR A 104 10.71 -13.45 0.48
N ASP A 105 11.87 -13.00 0.93
CA ASP A 105 12.82 -12.32 0.05
C ASP A 105 13.06 -13.12 -1.22
N VAL A 106 13.82 -12.55 -2.15
CA VAL A 106 14.12 -13.21 -3.42
C VAL A 106 14.83 -14.55 -3.18
N SER A 107 14.21 -15.63 -3.66
CA SER A 107 14.78 -16.96 -3.50
C SER A 107 14.88 -17.67 -4.85
N GLN A 108 15.30 -18.93 -4.82
CA GLN A 108 15.44 -19.73 -6.03
C GLN A 108 14.73 -21.06 -5.89
N ILE A 109 13.58 -21.18 -6.56
CA ILE A 109 12.79 -22.41 -6.50
C ILE A 109 12.21 -22.73 -7.88
N ILE A 110 11.86 -24.01 -8.08
CA ILE A 110 11.28 -24.45 -9.34
C ILE A 110 10.57 -25.79 -9.18
N THR A 111 9.57 -26.03 -10.03
CA THR A 111 8.81 -27.27 -9.98
C THR A 111 8.25 -27.62 -11.36
N VAL A 112 7.79 -28.86 -11.51
CA VAL A 112 7.22 -29.32 -12.76
C VAL A 112 6.45 -28.21 -13.46
N SER A 113 6.98 -27.75 -14.59
CA SER A 113 6.34 -26.68 -15.35
C SER A 113 5.23 -27.24 -16.24
N GLY A 114 4.54 -26.34 -16.94
CA GLY A 114 3.46 -26.76 -17.82
C GLY A 114 3.97 -27.28 -19.15
N PRO A 115 3.09 -27.26 -20.17
CA PRO A 115 3.43 -27.72 -21.52
C PRO A 115 4.43 -26.80 -22.22
N SER A 116 4.73 -27.10 -23.47
CA SER A 116 5.67 -26.29 -24.25
C SER A 116 5.22 -26.19 -25.70
N SER A 117 5.07 -24.95 -26.18
CA SER A 117 4.64 -24.71 -27.56
C SER A 117 5.65 -25.28 -28.55
N GLY A 118 5.27 -25.32 -29.82
CA GLY A 118 6.15 -25.84 -30.85
C GLY A 118 7.06 -24.77 -31.42
N GLY A 1 -13.95 -9.35 9.25
CA GLY A 1 -14.29 -10.46 8.39
C GLY A 1 -13.88 -10.21 6.94
N SER A 2 -14.46 -10.99 6.03
CA SER A 2 -14.15 -10.85 4.61
C SER A 2 -15.24 -11.51 3.75
N SER A 3 -15.24 -11.19 2.47
CA SER A 3 -16.23 -11.74 1.54
C SER A 3 -15.65 -12.94 0.81
N GLY A 4 -14.41 -12.81 0.33
CA GLY A 4 -13.77 -13.90 -0.38
C GLY A 4 -13.38 -13.50 -1.79
N SER A 5 -12.30 -12.75 -1.92
CA SER A 5 -11.83 -12.30 -3.22
C SER A 5 -11.90 -13.44 -4.24
N SER A 6 -12.55 -13.18 -5.37
CA SER A 6 -12.70 -14.17 -6.42
C SER A 6 -11.95 -13.74 -7.69
N GLY A 7 -11.11 -14.63 -8.20
CA GLY A 7 -10.34 -14.32 -9.40
C GLY A 7 -9.31 -15.38 -9.71
N GLN A 8 -9.45 -16.02 -10.87
CA GLN A 8 -8.52 -17.06 -11.28
C GLN A 8 -7.50 -16.52 -12.27
N GLU A 9 -7.96 -15.69 -13.20
CA GLU A 9 -7.08 -15.10 -14.20
C GLU A 9 -6.97 -13.59 -14.01
N SER A 10 -5.80 -13.14 -13.56
CA SER A 10 -5.57 -11.73 -13.32
C SER A 10 -4.81 -11.10 -14.49
N VAL A 11 -5.28 -9.93 -14.93
CA VAL A 11 -4.65 -9.23 -16.05
C VAL A 11 -3.77 -8.10 -15.55
N GLU A 12 -2.74 -7.77 -16.33
CA GLU A 12 -1.82 -6.70 -15.97
C GLU A 12 -1.82 -5.59 -17.02
N ASP A 13 -2.95 -4.89 -17.12
CA ASP A 13 -3.09 -3.81 -18.09
C ASP A 13 -3.37 -2.48 -17.38
N SER A 14 -4.30 -2.51 -16.43
CA SER A 14 -4.66 -1.31 -15.68
C SER A 14 -3.98 -1.30 -14.32
N LEU A 15 -3.07 -2.23 -14.11
CA LEU A 15 -2.36 -2.34 -12.84
C LEU A 15 -1.09 -1.48 -12.86
N ALA A 16 -0.98 -0.59 -11.89
CA ALA A 16 0.19 0.28 -11.79
C ALA A 16 1.05 -0.06 -10.58
N THR A 17 2.35 -0.17 -10.80
CA THR A 17 3.28 -0.50 -9.73
C THR A 17 3.32 0.59 -8.67
N VAL A 18 2.57 0.39 -7.60
CA VAL A 18 2.51 1.37 -6.51
C VAL A 18 3.40 0.95 -5.35
N LYS A 19 4.51 1.65 -5.15
CA LYS A 19 5.43 1.35 -4.07
C LYS A 19 4.92 1.89 -2.74
N VAL A 20 5.16 1.13 -1.67
CA VAL A 20 4.72 1.53 -0.34
C VAL A 20 5.88 1.53 0.64
N VAL A 21 6.10 2.66 1.29
CA VAL A 21 7.18 2.79 2.27
C VAL A 21 6.64 3.15 3.65
N LEU A 22 7.01 2.37 4.65
CA LEU A 22 6.57 2.60 6.02
C LEU A 22 7.35 3.74 6.65
N ILE A 23 6.63 4.70 7.21
CA ILE A 23 7.25 5.85 7.86
C ILE A 23 7.91 5.45 9.17
N PRO A 24 7.10 4.90 10.09
CA PRO A 24 7.58 4.46 11.41
C PRO A 24 8.47 3.23 11.31
N VAL A 25 8.15 2.34 10.38
CA VAL A 25 8.93 1.11 10.18
C VAL A 25 10.13 1.37 9.27
N GLY A 26 9.86 1.93 8.10
CA GLY A 26 10.93 2.21 7.15
C GLY A 26 11.13 1.09 6.15
N GLN A 27 10.28 0.07 6.22
CA GLN A 27 10.37 -1.07 5.32
C GLN A 27 9.68 -0.78 4.00
N GLU A 28 10.25 -1.28 2.91
CA GLU A 28 9.69 -1.07 1.58
C GLU A 28 8.79 -2.24 1.18
N ILE A 29 7.68 -1.93 0.52
CA ILE A 29 6.73 -2.94 0.08
C ILE A 29 6.21 -2.63 -1.32
N VAL A 30 6.02 -3.68 -2.12
CA VAL A 30 5.53 -3.53 -3.48
C VAL A 30 4.27 -4.35 -3.69
N ILE A 31 3.23 -3.72 -4.24
CA ILE A 31 1.97 -4.40 -4.51
C ILE A 31 1.23 -3.76 -5.68
N PRO A 32 0.76 -4.60 -6.62
CA PRO A 32 0.03 -4.14 -7.79
C PRO A 32 -1.35 -3.60 -7.44
N PHE A 33 -1.63 -2.37 -7.88
CA PHE A 33 -2.91 -1.74 -7.60
C PHE A 33 -3.55 -1.24 -8.90
N LYS A 34 -4.85 -0.93 -8.84
CA LYS A 34 -5.58 -0.44 -10.00
C LYS A 34 -5.74 1.07 -9.94
N VAL A 35 -5.42 1.74 -11.04
CA VAL A 35 -5.53 3.19 -11.11
C VAL A 35 -6.98 3.62 -11.22
N ASP A 36 -7.84 2.70 -11.65
CA ASP A 36 -9.27 2.99 -11.79
C ASP A 36 -10.04 2.49 -10.58
N THR A 37 -9.35 2.31 -9.46
CA THR A 37 -9.97 1.83 -8.24
C THR A 37 -9.59 2.71 -7.04
N ILE A 38 -10.59 3.15 -6.30
CA ILE A 38 -10.36 3.99 -5.14
C ILE A 38 -9.20 3.47 -4.30
N LEU A 39 -8.58 4.36 -3.53
CA LEU A 39 -7.46 3.98 -2.68
C LEU A 39 -7.92 3.13 -1.51
N LYS A 40 -9.18 3.32 -1.10
CA LYS A 40 -9.74 2.56 0.01
C LYS A 40 -9.32 1.11 -0.05
N TYR A 41 -9.66 0.44 -1.15
CA TYR A 41 -9.31 -0.97 -1.34
C TYR A 41 -7.96 -1.28 -0.71
N LEU A 42 -6.92 -0.62 -1.19
CA LEU A 42 -5.57 -0.83 -0.67
C LEU A 42 -5.50 -0.52 0.82
N LYS A 43 -6.19 0.55 1.22
CA LYS A 43 -6.21 0.95 2.62
C LYS A 43 -6.69 -0.19 3.51
N ASP A 44 -7.93 -0.62 3.31
CA ASP A 44 -8.51 -1.70 4.09
C ASP A 44 -7.59 -2.93 4.08
N HIS A 45 -6.84 -3.09 2.99
CA HIS A 45 -5.92 -4.22 2.85
C HIS A 45 -4.88 -4.20 3.97
N PHE A 46 -4.39 -3.01 4.30
CA PHE A 46 -3.39 -2.86 5.34
C PHE A 46 -4.04 -2.75 6.71
N SER A 47 -5.22 -2.14 6.77
CA SER A 47 -5.95 -1.98 8.02
C SER A 47 -6.23 -3.32 8.66
N HIS A 48 -6.53 -4.32 7.83
CA HIS A 48 -6.82 -5.66 8.32
C HIS A 48 -5.54 -6.40 8.68
N LEU A 49 -4.61 -6.48 7.73
CA LEU A 49 -3.34 -7.16 7.95
C LEU A 49 -2.63 -6.60 9.18
N LEU A 50 -2.29 -5.32 9.14
CA LEU A 50 -1.61 -4.66 10.25
C LEU A 50 -2.38 -4.85 11.54
N GLY A 51 -3.72 -4.80 11.44
CA GLY A 51 -4.55 -4.96 12.62
C GLY A 51 -5.13 -3.65 13.10
N ILE A 52 -4.73 -2.55 12.47
CA ILE A 52 -5.22 -1.24 12.84
C ILE A 52 -6.32 -0.76 11.89
N PRO A 53 -7.27 0.01 12.43
CA PRO A 53 -8.38 0.55 11.63
C PRO A 53 -7.93 1.62 10.64
N HIS A 54 -8.76 1.87 9.63
CA HIS A 54 -8.45 2.86 8.62
C HIS A 54 -8.83 4.26 9.09
N SER A 55 -9.18 4.38 10.37
CA SER A 55 -9.57 5.65 10.94
C SER A 55 -8.35 6.42 11.46
N VAL A 56 -7.20 5.75 11.45
CA VAL A 56 -5.96 6.37 11.92
C VAL A 56 -4.88 6.30 10.84
N LEU A 57 -5.01 5.32 9.95
CA LEU A 57 -4.04 5.15 8.86
C LEU A 57 -4.39 6.05 7.68
N GLN A 58 -3.39 6.77 7.17
CA GLN A 58 -3.58 7.66 6.05
C GLN A 58 -2.46 7.52 5.03
N ILE A 59 -2.75 7.85 3.78
CA ILE A 59 -1.76 7.75 2.71
C ILE A 59 -1.27 9.13 2.29
N ARG A 60 -0.01 9.20 1.87
CA ARG A 60 0.59 10.46 1.44
C ARG A 60 1.22 10.32 0.06
N TYR A 61 0.83 11.20 -0.86
CA TYR A 61 1.36 11.17 -2.21
C TYR A 61 1.69 12.58 -2.70
N SER A 62 2.86 12.72 -3.33
CA SER A 62 3.29 14.01 -3.84
C SER A 62 3.34 15.04 -2.72
N GLY A 63 3.52 14.57 -1.50
CA GLY A 63 3.59 15.47 -0.36
C GLY A 63 2.22 15.99 0.06
N LYS A 64 1.17 15.42 -0.53
CA LYS A 64 -0.19 15.82 -0.22
C LYS A 64 -1.03 14.62 0.21
N ILE A 65 -1.98 14.87 1.11
CA ILE A 65 -2.85 13.82 1.61
C ILE A 65 -3.96 13.50 0.61
N LEU A 66 -4.30 12.22 0.50
CA LEU A 66 -5.35 11.79 -0.42
C LEU A 66 -6.50 11.15 0.33
N LYS A 67 -7.68 11.18 -0.27
CA LYS A 67 -8.88 10.60 0.35
C LYS A 67 -9.15 9.21 -0.22
N ASN A 68 -9.93 8.42 0.52
CA ASN A 68 -10.28 7.07 0.10
C ASN A 68 -11.24 7.10 -1.08
N ASN A 69 -12.26 7.96 -0.99
CA ASN A 69 -13.26 8.08 -2.04
C ASN A 69 -12.60 8.49 -3.36
N GLU A 70 -11.45 9.15 -3.27
CA GLU A 70 -10.73 9.59 -4.45
C GLU A 70 -10.10 8.40 -5.18
N THR A 71 -9.38 8.69 -6.25
CA THR A 71 -8.73 7.65 -7.05
C THR A 71 -7.40 8.14 -7.60
N LEU A 72 -6.58 7.20 -8.05
CA LEU A 72 -5.27 7.54 -8.61
C LEU A 72 -5.42 8.26 -9.94
N VAL A 73 -6.42 7.88 -10.71
CA VAL A 73 -6.68 8.50 -12.01
C VAL A 73 -7.18 9.93 -11.86
N GLN A 74 -7.62 10.27 -10.64
CA GLN A 74 -8.12 11.60 -10.35
C GLN A 74 -6.98 12.55 -10.03
N HIS A 75 -5.81 11.99 -9.72
CA HIS A 75 -4.64 12.80 -9.39
C HIS A 75 -3.66 12.85 -10.57
N GLY A 76 -3.90 11.99 -11.56
CA GLY A 76 -3.05 11.96 -12.72
C GLY A 76 -2.12 10.75 -12.73
N VAL A 77 -2.71 9.56 -12.72
CA VAL A 77 -1.93 8.33 -12.72
C VAL A 77 -2.40 7.39 -13.83
N LYS A 78 -1.48 7.04 -14.73
CA LYS A 78 -1.81 6.15 -15.84
C LYS A 78 -1.53 4.70 -15.46
N PRO A 79 -2.19 3.77 -16.17
CA PRO A 79 -2.04 2.33 -15.94
C PRO A 79 -0.67 1.81 -16.35
N GLN A 80 -0.17 0.82 -15.63
CA GLN A 80 1.14 0.23 -15.93
C GLN A 80 2.25 1.25 -15.71
N GLU A 81 2.20 1.94 -14.57
CA GLU A 81 3.21 2.94 -14.26
C GLU A 81 3.76 2.73 -12.85
N ILE A 82 4.91 3.34 -12.56
CA ILE A 82 5.54 3.22 -11.26
C ILE A 82 5.37 4.50 -10.45
N VAL A 83 4.97 4.35 -9.19
CA VAL A 83 4.77 5.50 -8.31
C VAL A 83 5.36 5.23 -6.93
N GLN A 84 5.49 6.29 -6.14
CA GLN A 84 6.03 6.17 -4.79
C GLN A 84 5.14 6.87 -3.77
N VAL A 85 4.55 6.09 -2.87
CA VAL A 85 3.68 6.64 -1.84
C VAL A 85 4.18 6.28 -0.45
N GLU A 86 3.67 7.00 0.55
CA GLU A 86 4.06 6.76 1.93
C GLU A 86 2.85 6.39 2.79
N ILE A 87 3.10 5.63 3.85
CA ILE A 87 2.03 5.20 4.75
C ILE A 87 2.41 5.45 6.21
N PHE A 88 1.45 5.91 7.00
CA PHE A 88 1.68 6.19 8.41
C PHE A 88 0.36 6.30 9.16
N SER A 89 0.44 6.33 10.49
CA SER A 89 -0.74 6.43 11.33
C SER A 89 -0.77 7.76 12.08
N THR A 90 -1.85 8.52 11.88
CA THR A 90 -2.00 9.81 12.53
C THR A 90 -1.66 9.72 14.02
N ASN A 91 -2.07 8.62 14.64
CA ASN A 91 -1.83 8.41 16.06
C ASN A 91 -1.17 7.05 16.31
N PRO A 92 0.17 7.02 16.20
CA PRO A 92 0.95 5.80 16.41
C PRO A 92 0.95 5.35 17.87
N ASP A 93 0.48 6.21 18.75
CA ASP A 93 0.42 5.90 20.17
C ASP A 93 -0.70 4.92 20.47
N LEU A 94 -1.76 4.98 19.67
CA LEU A 94 -2.90 4.08 19.86
C LEU A 94 -2.81 2.89 18.91
N TYR A 95 -2.58 3.16 17.64
CA TYR A 95 -2.47 2.11 16.64
C TYR A 95 -1.19 2.27 15.81
N PRO A 96 -0.06 1.81 16.38
CA PRO A 96 1.24 1.89 15.71
C PRO A 96 1.33 0.96 14.51
N VAL A 97 1.95 1.44 13.43
CA VAL A 97 2.10 0.65 12.21
C VAL A 97 3.22 -0.38 12.38
N ARG A 98 2.87 -1.65 12.22
CA ARG A 98 3.84 -2.73 12.34
C ARG A 98 4.32 -3.19 10.97
N ARG A 99 5.41 -3.95 10.96
CA ARG A 99 5.97 -4.46 9.71
C ARG A 99 5.24 -5.72 9.25
N ILE A 100 5.30 -5.99 7.96
CA ILE A 100 4.63 -7.16 7.40
C ILE A 100 5.64 -8.07 6.69
N ASP A 101 5.97 -9.19 7.32
CA ASP A 101 6.92 -10.13 6.74
C ASP A 101 6.49 -10.54 5.33
N GLY A 102 7.41 -10.38 4.38
CA GLY A 102 7.10 -10.74 3.00
C GLY A 102 8.35 -10.96 2.17
N LEU A 103 8.27 -11.87 1.21
CA LEU A 103 9.41 -12.16 0.34
C LEU A 103 9.05 -11.92 -1.12
N THR A 104 9.41 -10.75 -1.63
CA THR A 104 9.13 -10.40 -3.02
C THR A 104 9.79 -9.07 -3.39
N ASP A 105 10.19 -8.95 -4.65
CA ASP A 105 10.85 -7.74 -5.13
C ASP A 105 11.06 -7.80 -6.64
N VAL A 106 10.38 -6.93 -7.37
CA VAL A 106 10.51 -6.88 -8.83
C VAL A 106 10.34 -5.46 -9.34
N SER A 107 11.35 -4.98 -10.08
CA SER A 107 11.32 -3.64 -10.63
C SER A 107 12.39 -3.47 -11.71
N GLN A 108 12.47 -2.27 -12.27
CA GLN A 108 13.46 -1.98 -13.31
C GLN A 108 14.02 -0.57 -13.14
N ILE A 109 15.14 -0.31 -13.80
CA ILE A 109 15.79 1.00 -13.73
C ILE A 109 15.76 1.70 -15.09
N ILE A 110 14.85 2.65 -15.23
CA ILE A 110 14.72 3.40 -16.49
C ILE A 110 14.18 4.80 -16.23
N THR A 111 14.63 5.76 -17.04
CA THR A 111 14.20 7.14 -16.90
C THR A 111 14.48 7.93 -18.17
N VAL A 112 13.47 8.65 -18.66
CA VAL A 112 13.61 9.45 -19.87
C VAL A 112 14.13 10.85 -19.54
N SER A 113 15.05 11.34 -20.37
CA SER A 113 15.63 12.66 -20.17
C SER A 113 14.84 13.73 -20.92
N GLY A 114 15.20 14.99 -20.70
CA GLY A 114 14.51 16.08 -21.35
C GLY A 114 15.40 17.29 -21.57
N PRO A 115 15.15 18.02 -22.67
CA PRO A 115 15.93 19.21 -23.01
C PRO A 115 15.67 20.37 -22.06
N SER A 116 16.41 21.46 -22.25
CA SER A 116 16.27 22.64 -21.39
C SER A 116 16.58 23.91 -22.17
N SER A 117 16.29 25.05 -21.56
CA SER A 117 16.53 26.35 -22.20
C SER A 117 16.88 27.41 -21.16
N GLY A 118 17.22 28.60 -21.63
CA GLY A 118 17.56 29.68 -20.73
C GLY A 118 18.99 30.16 -20.91
N GLY A 1 -14.17 -11.64 -3.90
CA GLY A 1 -12.89 -12.30 -3.73
C GLY A 1 -12.62 -12.70 -2.29
N SER A 2 -12.30 -11.73 -1.46
CA SER A 2 -12.01 -11.99 -0.04
C SER A 2 -11.33 -13.34 0.12
N SER A 3 -10.38 -13.63 -0.76
CA SER A 3 -9.65 -14.90 -0.72
C SER A 3 -8.14 -14.65 -0.65
N GLY A 4 -7.39 -15.71 -0.41
CA GLY A 4 -5.95 -15.60 -0.32
C GLY A 4 -5.23 -16.57 -1.23
N SER A 5 -5.64 -16.62 -2.49
CA SER A 5 -5.03 -17.53 -3.45
C SER A 5 -4.40 -16.75 -4.61
N SER A 6 -3.34 -17.31 -5.18
CA SER A 6 -2.65 -16.66 -6.29
C SER A 6 -3.63 -16.26 -7.39
N GLY A 7 -3.75 -14.95 -7.62
CA GLY A 7 -4.65 -14.46 -8.65
C GLY A 7 -4.12 -14.70 -10.04
N GLN A 8 -3.56 -13.66 -10.65
CA GLN A 8 -3.02 -13.76 -12.00
C GLN A 8 -4.05 -14.37 -12.95
N GLU A 9 -5.28 -13.85 -12.90
CA GLU A 9 -6.34 -14.34 -13.76
C GLU A 9 -6.91 -13.22 -14.63
N SER A 10 -7.06 -12.04 -14.04
CA SER A 10 -7.59 -10.89 -14.76
C SER A 10 -6.48 -10.16 -15.52
N VAL A 11 -6.87 -9.43 -16.55
CA VAL A 11 -5.90 -8.68 -17.36
C VAL A 11 -5.10 -7.71 -16.50
N GLU A 12 -3.78 -7.88 -16.50
CA GLU A 12 -2.90 -7.01 -15.72
C GLU A 12 -2.34 -5.89 -16.59
N ASP A 13 -3.20 -5.28 -17.41
CA ASP A 13 -2.78 -4.20 -18.27
C ASP A 13 -3.07 -2.84 -17.63
N SER A 14 -4.13 -2.79 -16.83
CA SER A 14 -4.51 -1.55 -16.16
C SER A 14 -3.77 -1.39 -14.83
N LEU A 15 -3.56 -2.51 -14.14
CA LEU A 15 -2.87 -2.50 -12.86
C LEU A 15 -1.54 -1.76 -12.97
N ALA A 16 -1.26 -0.90 -12.00
CA ALA A 16 -0.02 -0.14 -11.97
C ALA A 16 0.82 -0.49 -10.75
N THR A 17 2.14 -0.31 -10.88
CA THR A 17 3.06 -0.61 -9.79
C THR A 17 3.12 0.54 -8.80
N VAL A 18 2.56 0.33 -7.61
CA VAL A 18 2.55 1.35 -6.56
C VAL A 18 3.45 0.94 -5.40
N LYS A 19 4.57 1.63 -5.25
CA LYS A 19 5.50 1.34 -4.17
C LYS A 19 5.02 1.95 -2.85
N VAL A 20 4.87 1.10 -1.84
CA VAL A 20 4.41 1.55 -0.53
C VAL A 20 5.58 1.68 0.44
N VAL A 21 5.71 2.86 1.04
CA VAL A 21 6.79 3.12 2.00
C VAL A 21 6.23 3.39 3.39
N LEU A 22 6.83 2.75 4.40
CA LEU A 22 6.40 2.93 5.78
C LEU A 22 7.11 4.10 6.43
N ILE A 23 6.34 5.02 7.01
CA ILE A 23 6.90 6.18 7.67
C ILE A 23 7.57 5.81 8.98
N PRO A 24 6.80 5.20 9.89
CA PRO A 24 7.30 4.77 11.20
C PRO A 24 8.26 3.59 11.10
N VAL A 25 8.08 2.79 10.05
CA VAL A 25 8.93 1.62 9.83
C VAL A 25 10.09 1.96 8.90
N GLY A 26 9.76 2.48 7.72
CA GLY A 26 10.77 2.84 6.75
C GLY A 26 11.00 1.75 5.71
N GLN A 27 10.29 0.64 5.87
CA GLN A 27 10.41 -0.48 4.94
C GLN A 27 9.66 -0.20 3.65
N GLU A 28 10.08 -0.86 2.57
CA GLU A 28 9.44 -0.68 1.27
C GLU A 28 8.70 -1.95 0.84
N ILE A 29 7.47 -1.77 0.38
CA ILE A 29 6.66 -2.89 -0.07
C ILE A 29 5.98 -2.60 -1.40
N VAL A 30 6.18 -3.50 -2.36
CA VAL A 30 5.59 -3.34 -3.68
C VAL A 30 4.34 -4.19 -3.84
N ILE A 31 3.20 -3.52 -4.02
CA ILE A 31 1.93 -4.21 -4.19
C ILE A 31 1.19 -3.72 -5.43
N PRO A 32 0.67 -4.67 -6.23
CA PRO A 32 -0.07 -4.35 -7.45
C PRO A 32 -1.42 -3.72 -7.16
N PHE A 33 -1.58 -2.46 -7.53
CA PHE A 33 -2.83 -1.74 -7.31
C PHE A 33 -3.34 -1.12 -8.61
N LYS A 34 -4.65 -0.89 -8.68
CA LYS A 34 -5.26 -0.30 -9.86
C LYS A 34 -5.25 1.22 -9.78
N VAL A 35 -5.44 1.86 -10.93
CA VAL A 35 -5.46 3.32 -11.00
C VAL A 35 -6.88 3.86 -11.02
N ASP A 36 -7.79 3.08 -11.59
CA ASP A 36 -9.19 3.48 -11.67
C ASP A 36 -9.97 2.97 -10.46
N THR A 37 -9.27 2.76 -9.36
CA THR A 37 -9.89 2.28 -8.13
C THR A 37 -9.51 3.14 -6.93
N ILE A 38 -10.48 3.42 -6.07
CA ILE A 38 -10.24 4.24 -4.89
C ILE A 38 -9.13 3.65 -4.03
N LEU A 39 -8.41 4.51 -3.32
CA LEU A 39 -7.33 4.07 -2.46
C LEU A 39 -7.85 3.21 -1.31
N LYS A 40 -9.14 3.36 -1.01
CA LYS A 40 -9.77 2.60 0.06
C LYS A 40 -9.44 1.12 -0.06
N TYR A 41 -9.63 0.56 -1.25
CA TYR A 41 -9.35 -0.85 -1.50
C TYR A 41 -8.00 -1.25 -0.94
N LEU A 42 -6.96 -0.55 -1.37
CA LEU A 42 -5.61 -0.82 -0.90
C LEU A 42 -5.48 -0.59 0.59
N LYS A 43 -6.23 0.38 1.11
CA LYS A 43 -6.21 0.70 2.53
C LYS A 43 -6.59 -0.52 3.37
N ASP A 44 -7.85 -0.92 3.30
CA ASP A 44 -8.34 -2.06 4.04
C ASP A 44 -7.31 -3.18 4.04
N HIS A 45 -6.60 -3.34 2.93
CA HIS A 45 -5.58 -4.37 2.80
C HIS A 45 -4.60 -4.31 3.98
N PHE A 46 -3.95 -3.18 4.14
CA PHE A 46 -2.98 -2.99 5.22
C PHE A 46 -3.70 -2.78 6.55
N SER A 47 -4.83 -2.07 6.50
CA SER A 47 -5.61 -1.79 7.71
C SER A 47 -5.95 -3.09 8.45
N HIS A 48 -6.46 -4.06 7.72
CA HIS A 48 -6.83 -5.34 8.31
C HIS A 48 -5.60 -6.11 8.75
N LEU A 49 -4.66 -6.32 7.83
CA LEU A 49 -3.43 -7.04 8.13
C LEU A 49 -2.76 -6.47 9.38
N LEU A 50 -2.41 -5.19 9.32
CA LEU A 50 -1.76 -4.53 10.45
C LEU A 50 -2.60 -4.66 11.72
N GLY A 51 -3.91 -4.80 11.54
CA GLY A 51 -4.80 -4.94 12.68
C GLY A 51 -5.29 -3.60 13.20
N ILE A 52 -5.30 -2.59 12.33
CA ILE A 52 -5.74 -1.27 12.70
C ILE A 52 -6.76 -0.73 11.71
N PRO A 53 -7.67 0.13 12.19
CA PRO A 53 -8.72 0.75 11.35
C PRO A 53 -8.14 1.76 10.36
N HIS A 54 -8.64 1.72 9.13
CA HIS A 54 -8.19 2.63 8.09
C HIS A 54 -8.38 4.08 8.52
N SER A 55 -9.25 4.30 9.50
CA SER A 55 -9.52 5.64 10.00
C SER A 55 -8.23 6.33 10.42
N VAL A 56 -7.52 5.72 11.38
CA VAL A 56 -6.28 6.29 11.87
C VAL A 56 -5.18 6.21 10.82
N LEU A 57 -5.28 5.22 9.94
CA LEU A 57 -4.30 5.03 8.88
C LEU A 57 -4.58 5.95 7.70
N GLN A 58 -3.52 6.47 7.08
CA GLN A 58 -3.66 7.36 5.95
C GLN A 58 -2.55 7.12 4.93
N ILE A 59 -2.67 7.76 3.76
CA ILE A 59 -1.68 7.62 2.71
C ILE A 59 -1.25 8.98 2.18
N ARG A 60 0.07 9.14 2.01
CA ARG A 60 0.62 10.40 1.51
C ARG A 60 1.27 10.20 0.15
N TYR A 61 1.03 11.13 -0.77
CA TYR A 61 1.59 11.05 -2.11
C TYR A 61 1.94 12.44 -2.63
N SER A 62 3.19 12.61 -3.04
CA SER A 62 3.65 13.90 -3.57
C SER A 62 3.59 14.98 -2.49
N GLY A 63 3.68 14.56 -1.23
CA GLY A 63 3.63 15.50 -0.13
C GLY A 63 2.21 15.82 0.29
N LYS A 64 1.24 15.39 -0.51
CA LYS A 64 -0.16 15.64 -0.22
C LYS A 64 -0.78 14.48 0.55
N ILE A 65 -1.91 14.73 1.19
CA ILE A 65 -2.61 13.70 1.96
C ILE A 65 -3.80 13.15 1.19
N LEU A 66 -3.60 11.99 0.57
CA LEU A 66 -4.67 11.35 -0.20
C LEU A 66 -5.78 10.84 0.72
N LYS A 67 -6.94 10.56 0.13
CA LYS A 67 -8.07 10.05 0.89
C LYS A 67 -8.65 8.80 0.25
N ASN A 68 -9.50 8.10 1.00
CA ASN A 68 -10.14 6.89 0.50
C ASN A 68 -10.95 7.17 -0.76
N ASN A 69 -12.00 7.96 -0.60
CA ASN A 69 -12.88 8.30 -1.72
C ASN A 69 -12.05 8.70 -2.95
N GLU A 70 -10.96 9.43 -2.71
CA GLU A 70 -10.10 9.87 -3.80
C GLU A 70 -9.61 8.68 -4.63
N THR A 71 -9.16 8.96 -5.84
CA THR A 71 -8.66 7.91 -6.73
C THR A 71 -7.30 8.27 -7.30
N LEU A 72 -6.50 7.26 -7.59
CA LEU A 72 -5.17 7.46 -8.14
C LEU A 72 -5.23 8.32 -9.41
N VAL A 73 -6.02 7.87 -10.38
CA VAL A 73 -6.17 8.60 -11.63
C VAL A 73 -6.46 10.07 -11.38
N GLN A 74 -7.39 10.35 -10.47
CA GLN A 74 -7.76 11.72 -10.14
C GLN A 74 -6.52 12.56 -9.85
N HIS A 75 -5.48 11.91 -9.31
CA HIS A 75 -4.24 12.60 -8.99
C HIS A 75 -3.33 12.69 -10.20
N GLY A 76 -3.46 11.72 -11.11
CA GLY A 76 -2.64 11.71 -12.30
C GLY A 76 -1.72 10.51 -12.36
N VAL A 77 -2.28 9.32 -12.31
CA VAL A 77 -1.50 8.09 -12.35
C VAL A 77 -1.92 7.21 -13.52
N LYS A 78 -0.97 6.90 -14.40
CA LYS A 78 -1.24 6.05 -15.55
C LYS A 78 -1.12 4.58 -15.20
N PRO A 79 -1.80 3.73 -15.97
CA PRO A 79 -1.77 2.27 -15.76
C PRO A 79 -0.43 1.66 -16.11
N GLN A 80 -0.01 0.67 -15.33
CA GLN A 80 1.27 0.00 -15.55
C GLN A 80 2.42 0.98 -15.41
N GLU A 81 2.33 1.87 -14.42
CA GLU A 81 3.38 2.85 -14.17
C GLU A 81 3.99 2.66 -12.80
N ILE A 82 5.16 3.27 -12.58
CA ILE A 82 5.84 3.18 -11.30
C ILE A 82 5.75 4.49 -10.53
N VAL A 83 5.14 4.45 -9.36
CA VAL A 83 5.00 5.63 -8.52
C VAL A 83 5.59 5.40 -7.13
N GLN A 84 5.42 6.38 -6.25
CA GLN A 84 5.94 6.29 -4.89
C GLN A 84 4.98 6.92 -3.90
N VAL A 85 4.53 6.14 -2.92
CA VAL A 85 3.60 6.62 -1.91
C VAL A 85 4.12 6.32 -0.51
N GLU A 86 3.44 6.86 0.50
CA GLU A 86 3.83 6.64 1.89
C GLU A 86 2.62 6.28 2.75
N ILE A 87 2.86 5.56 3.83
CA ILE A 87 1.79 5.14 4.73
C ILE A 87 2.13 5.47 6.18
N PHE A 88 1.15 5.99 6.91
CA PHE A 88 1.35 6.34 8.31
C PHE A 88 0.01 6.52 9.02
N SER A 89 0.06 6.58 10.35
CA SER A 89 -1.15 6.74 11.14
C SER A 89 -1.15 8.09 11.87
N THR A 90 -2.32 8.71 11.96
CA THR A 90 -2.46 9.99 12.62
C THR A 90 -2.21 9.87 14.12
N ASN A 91 -2.54 8.71 14.68
CA ASN A 91 -2.36 8.47 16.11
C ASN A 91 -1.68 7.12 16.34
N PRO A 92 -0.34 7.11 16.28
CA PRO A 92 0.45 5.90 16.48
C PRO A 92 0.41 5.41 17.94
N ASP A 93 -0.11 6.26 18.82
CA ASP A 93 -0.20 5.92 20.24
C ASP A 93 -1.32 4.91 20.47
N LEU A 94 -2.36 4.98 19.66
CA LEU A 94 -3.50 4.07 19.79
C LEU A 94 -3.38 2.90 18.82
N TYR A 95 -3.15 3.22 17.54
CA TYR A 95 -3.01 2.20 16.52
C TYR A 95 -1.72 2.39 15.73
N PRO A 96 -0.61 1.91 16.31
CA PRO A 96 0.71 2.01 15.67
C PRO A 96 0.84 1.11 14.45
N VAL A 97 1.72 1.50 13.53
CA VAL A 97 1.93 0.73 12.31
C VAL A 97 3.14 -0.20 12.46
N ARG A 98 3.03 -1.40 11.90
CA ARG A 98 4.10 -2.38 11.96
C ARG A 98 4.37 -2.98 10.59
N ARG A 99 5.46 -3.73 10.48
CA ARG A 99 5.83 -4.37 9.22
C ARG A 99 4.80 -5.43 8.83
N ILE A 100 4.84 -5.84 7.56
CA ILE A 100 3.92 -6.86 7.07
C ILE A 100 4.54 -8.25 7.14
N ASP A 101 3.97 -9.10 8.00
CA ASP A 101 4.46 -10.46 8.16
C ASP A 101 4.83 -11.07 6.81
N GLY A 102 5.64 -12.12 6.85
CA GLY A 102 6.05 -12.79 5.62
C GLY A 102 7.46 -12.39 5.20
N LEU A 103 8.07 -13.22 4.38
CA LEU A 103 9.42 -12.95 3.89
C LEU A 103 9.39 -12.11 2.62
N THR A 104 10.12 -11.00 2.64
CA THR A 104 10.18 -10.10 1.49
C THR A 104 11.31 -10.49 0.54
N ASP A 105 11.39 -9.80 -0.59
CA ASP A 105 12.41 -10.07 -1.59
C ASP A 105 13.46 -8.97 -1.61
N VAL A 106 13.00 -7.72 -1.70
CA VAL A 106 13.89 -6.57 -1.73
C VAL A 106 13.47 -5.52 -0.72
N SER A 107 14.44 -5.02 0.04
CA SER A 107 14.16 -4.00 1.05
C SER A 107 15.45 -3.48 1.66
N GLN A 108 15.34 -2.36 2.39
CA GLN A 108 16.52 -1.76 3.02
C GLN A 108 16.09 -0.81 4.13
N ILE A 109 16.88 -0.77 5.20
CA ILE A 109 16.59 0.10 6.34
C ILE A 109 17.87 0.63 6.97
N ILE A 110 17.85 1.89 7.37
CA ILE A 110 19.01 2.53 7.99
C ILE A 110 18.60 3.39 9.17
N THR A 111 19.52 3.57 10.12
CA THR A 111 19.25 4.36 11.30
C THR A 111 18.96 5.82 10.93
N VAL A 112 17.76 6.27 11.26
CA VAL A 112 17.34 7.64 10.97
C VAL A 112 16.77 8.33 12.20
N SER A 113 16.97 9.64 12.29
CA SER A 113 16.47 10.41 13.43
C SER A 113 15.02 10.04 13.74
N GLY A 114 14.59 10.37 14.95
CA GLY A 114 13.22 10.07 15.35
C GLY A 114 12.81 10.83 16.60
N PRO A 115 11.56 10.61 17.04
CA PRO A 115 11.02 11.27 18.23
C PRO A 115 11.66 10.76 19.51
N SER A 116 11.57 11.58 20.57
CA SER A 116 12.16 11.22 21.86
C SER A 116 11.15 11.41 22.98
N SER A 117 11.49 10.92 24.18
CA SER A 117 10.62 11.04 25.33
C SER A 117 10.82 12.36 26.05
N GLY A 118 10.04 12.59 27.10
CA GLY A 118 10.16 13.82 27.86
C GLY A 118 8.90 14.68 27.76
N GLY A 1 -10.83 -8.68 -19.34
CA GLY A 1 -12.17 -8.89 -19.84
C GLY A 1 -13.23 -8.54 -18.81
N SER A 2 -14.48 -8.89 -19.12
CA SER A 2 -15.59 -8.61 -18.20
C SER A 2 -15.90 -9.82 -17.34
N SER A 3 -15.37 -9.81 -16.11
CA SER A 3 -15.58 -10.92 -15.19
C SER A 3 -16.07 -10.40 -13.83
N GLY A 4 -17.06 -11.10 -13.26
CA GLY A 4 -17.60 -10.69 -11.97
C GLY A 4 -16.52 -10.59 -10.90
N SER A 5 -16.93 -10.21 -9.69
CA SER A 5 -16.00 -10.06 -8.59
C SER A 5 -15.63 -11.42 -8.00
N SER A 6 -14.69 -12.10 -8.64
CA SER A 6 -14.25 -13.42 -8.18
C SER A 6 -13.02 -13.89 -8.95
N GLY A 7 -12.01 -14.35 -8.23
CA GLY A 7 -10.79 -14.81 -8.87
C GLY A 7 -9.61 -13.91 -8.60
N GLN A 8 -8.40 -14.43 -8.81
CA GLN A 8 -7.19 -13.67 -8.58
C GLN A 8 -6.53 -13.29 -9.91
N GLU A 9 -6.26 -14.29 -10.74
CA GLU A 9 -5.63 -14.05 -12.04
C GLU A 9 -6.33 -12.93 -12.79
N SER A 10 -5.54 -12.06 -13.41
CA SER A 10 -6.07 -10.94 -14.15
C SER A 10 -4.98 -10.24 -14.97
N VAL A 11 -5.39 -9.36 -15.88
CA VAL A 11 -4.44 -8.64 -16.72
C VAL A 11 -3.74 -7.52 -15.93
N GLU A 12 -2.58 -7.12 -16.41
CA GLU A 12 -1.81 -6.06 -15.75
C GLU A 12 -1.73 -4.82 -16.63
N ASP A 13 -2.66 -4.71 -17.57
CA ASP A 13 -2.69 -3.56 -18.49
C ASP A 13 -2.97 -2.27 -17.72
N SER A 14 -4.00 -2.30 -16.88
CA SER A 14 -4.37 -1.13 -16.09
C SER A 14 -3.56 -1.05 -14.80
N LEU A 15 -3.44 -2.18 -14.11
CA LEU A 15 -2.68 -2.25 -12.87
C LEU A 15 -1.41 -1.40 -12.96
N ALA A 16 -1.09 -0.71 -11.87
CA ALA A 16 0.11 0.13 -11.83
C ALA A 16 1.00 -0.25 -10.65
N THR A 17 2.30 -0.24 -10.87
CA THR A 17 3.26 -0.58 -9.83
C THR A 17 3.34 0.53 -8.78
N VAL A 18 2.63 0.35 -7.68
CA VAL A 18 2.63 1.34 -6.61
C VAL A 18 3.52 0.89 -5.44
N LYS A 19 4.63 1.59 -5.24
CA LYS A 19 5.56 1.26 -4.17
C LYS A 19 5.05 1.80 -2.84
N VAL A 20 5.00 0.92 -1.83
CA VAL A 20 4.54 1.31 -0.50
C VAL A 20 5.68 1.29 0.50
N VAL A 21 5.91 2.43 1.15
CA VAL A 21 6.97 2.55 2.14
C VAL A 21 6.42 2.94 3.51
N LEU A 22 6.79 2.18 4.53
CA LEU A 22 6.33 2.45 5.89
C LEU A 22 7.14 3.58 6.53
N ILE A 23 6.45 4.59 7.03
CA ILE A 23 7.10 5.72 7.68
C ILE A 23 7.71 5.32 9.01
N PRO A 24 6.86 4.81 9.93
CA PRO A 24 7.30 4.38 11.26
C PRO A 24 8.14 3.11 11.21
N VAL A 25 7.82 2.23 10.27
CA VAL A 25 8.55 0.98 10.12
C VAL A 25 9.78 1.16 9.22
N GLY A 26 9.58 1.84 8.10
CA GLY A 26 10.68 2.07 7.17
C GLY A 26 10.82 0.97 6.14
N GLN A 27 10.02 -0.09 6.30
CA GLN A 27 10.07 -1.21 5.38
C GLN A 27 9.50 -0.83 4.02
N GLU A 28 9.95 -1.53 2.97
CA GLU A 28 9.48 -1.25 1.62
C GLU A 28 8.63 -2.41 1.09
N ILE A 29 7.57 -2.08 0.38
CA ILE A 29 6.68 -3.08 -0.18
C ILE A 29 6.31 -2.75 -1.63
N VAL A 30 5.99 -3.78 -2.41
CA VAL A 30 5.62 -3.60 -3.80
C VAL A 30 4.36 -4.40 -4.14
N ILE A 31 3.28 -3.68 -4.44
CA ILE A 31 2.02 -4.32 -4.78
C ILE A 31 1.30 -3.55 -5.88
N PRO A 32 0.89 -4.27 -6.95
CA PRO A 32 0.18 -3.68 -8.08
C PRO A 32 -1.23 -3.24 -7.72
N PHE A 33 -1.54 -1.97 -7.96
CA PHE A 33 -2.86 -1.42 -7.66
C PHE A 33 -3.46 -0.76 -8.89
N LYS A 34 -4.75 -1.03 -9.13
CA LYS A 34 -5.45 -0.45 -10.27
C LYS A 34 -5.50 1.07 -10.17
N VAL A 35 -5.19 1.74 -11.26
CA VAL A 35 -5.22 3.20 -11.30
C VAL A 35 -6.64 3.72 -11.32
N ASP A 36 -7.52 3.03 -12.04
CA ASP A 36 -8.91 3.43 -12.14
C ASP A 36 -9.73 2.83 -11.01
N THR A 37 -9.12 2.72 -9.83
CA THR A 37 -9.80 2.16 -8.67
C THR A 37 -9.51 2.99 -7.41
N ILE A 38 -10.53 3.19 -6.59
CA ILE A 38 -10.38 3.95 -5.36
C ILE A 38 -9.21 3.44 -4.53
N LEU A 39 -8.84 4.21 -3.50
CA LEU A 39 -7.74 3.83 -2.63
C LEU A 39 -8.23 3.01 -1.44
N LYS A 40 -9.47 3.24 -1.05
CA LYS A 40 -10.07 2.51 0.06
C LYS A 40 -9.53 1.09 0.14
N TYR A 41 -9.92 0.24 -0.81
CA TYR A 41 -9.48 -1.14 -0.85
C TYR A 41 -8.02 -1.25 -0.39
N LEU A 42 -7.12 -0.65 -1.16
CA LEU A 42 -5.70 -0.68 -0.84
C LEU A 42 -5.46 -0.33 0.62
N LYS A 43 -6.27 0.60 1.13
CA LYS A 43 -6.14 1.03 2.53
C LYS A 43 -6.56 -0.08 3.47
N ASP A 44 -7.81 -0.52 3.36
CA ASP A 44 -8.34 -1.58 4.20
C ASP A 44 -7.45 -2.82 4.15
N HIS A 45 -6.72 -2.97 3.04
CA HIS A 45 -5.83 -4.10 2.87
C HIS A 45 -4.72 -4.10 3.91
N PHE A 46 -4.23 -2.90 4.24
CA PHE A 46 -3.16 -2.76 5.23
C PHE A 46 -3.75 -2.60 6.63
N SER A 47 -4.91 -1.96 6.71
CA SER A 47 -5.57 -1.74 8.00
C SER A 47 -5.85 -3.06 8.70
N HIS A 48 -6.62 -3.93 8.03
CA HIS A 48 -6.96 -5.23 8.59
C HIS A 48 -5.70 -6.03 8.92
N LEU A 49 -4.84 -6.18 7.93
CA LEU A 49 -3.59 -6.93 8.11
C LEU A 49 -2.83 -6.42 9.33
N LEU A 50 -2.50 -5.14 9.32
CA LEU A 50 -1.76 -4.53 10.43
C LEU A 50 -2.53 -4.70 11.74
N GLY A 51 -3.83 -4.95 11.64
CA GLY A 51 -4.65 -5.12 12.82
C GLY A 51 -5.21 -3.82 13.34
N ILE A 52 -4.98 -2.74 12.60
CA ILE A 52 -5.47 -1.42 12.99
C ILE A 52 -6.46 -0.88 11.97
N PRO A 53 -7.39 -0.04 12.44
CA PRO A 53 -8.41 0.57 11.59
C PRO A 53 -7.83 1.59 10.63
N HIS A 54 -8.55 1.87 9.55
CA HIS A 54 -8.11 2.84 8.55
C HIS A 54 -8.36 4.27 9.03
N SER A 55 -9.27 4.40 10.01
CA SER A 55 -9.61 5.72 10.54
C SER A 55 -8.36 6.46 10.99
N VAL A 56 -7.41 5.72 11.57
CA VAL A 56 -6.16 6.32 12.04
C VAL A 56 -5.10 6.30 10.94
N LEU A 57 -4.97 5.16 10.28
CA LEU A 57 -3.98 5.01 9.21
C LEU A 57 -4.33 5.90 8.02
N GLN A 58 -3.32 6.50 7.42
CA GLN A 58 -3.53 7.38 6.26
C GLN A 58 -2.40 7.19 5.25
N ILE A 59 -2.58 7.81 4.08
CA ILE A 59 -1.57 7.72 3.02
C ILE A 59 -1.19 9.11 2.51
N ARG A 60 0.07 9.26 2.10
CA ARG A 60 0.56 10.53 1.59
C ARG A 60 1.12 10.37 0.18
N TYR A 61 0.83 11.35 -0.68
CA TYR A 61 1.30 11.31 -2.07
C TYR A 61 1.40 12.71 -2.64
N SER A 62 2.54 13.01 -3.24
CA SER A 62 2.76 14.33 -3.83
C SER A 62 2.61 15.43 -2.80
N GLY A 63 2.83 15.08 -1.54
CA GLY A 63 2.71 16.05 -0.45
C GLY A 63 1.27 16.37 -0.13
N LYS A 64 0.34 15.67 -0.77
CA LYS A 64 -1.08 15.89 -0.55
C LYS A 64 -1.75 14.63 -0.01
N ILE A 65 -2.65 14.80 0.95
CA ILE A 65 -3.37 13.68 1.55
C ILE A 65 -4.50 13.20 0.64
N LEU A 66 -4.37 11.98 0.16
CA LEU A 66 -5.39 11.39 -0.72
C LEU A 66 -6.60 10.92 0.08
N LYS A 67 -7.72 10.73 -0.61
CA LYS A 67 -8.95 10.28 0.04
C LYS A 67 -9.31 8.87 -0.42
N ASN A 68 -10.23 8.23 0.30
CA ASN A 68 -10.67 6.88 -0.04
C ASN A 68 -11.53 6.90 -1.30
N ASN A 69 -12.52 7.78 -1.32
CA ASN A 69 -13.41 7.90 -2.47
C ASN A 69 -12.68 8.47 -3.69
N GLU A 70 -11.41 8.81 -3.48
CA GLU A 70 -10.60 9.37 -4.56
C GLU A 70 -10.00 8.26 -5.43
N THR A 71 -9.60 8.62 -6.64
CA THR A 71 -9.01 7.66 -7.56
C THR A 71 -7.62 8.10 -8.00
N LEU A 72 -6.75 7.12 -8.25
CA LEU A 72 -5.39 7.41 -8.68
C LEU A 72 -5.37 8.22 -9.98
N VAL A 73 -6.21 7.82 -10.93
CA VAL A 73 -6.30 8.52 -12.21
C VAL A 73 -6.85 9.93 -12.02
N GLN A 74 -7.63 10.12 -10.96
CA GLN A 74 -8.21 11.43 -10.68
C GLN A 74 -7.14 12.42 -10.25
N HIS A 75 -6.06 11.91 -9.69
CA HIS A 75 -4.95 12.75 -9.23
C HIS A 75 -3.91 12.93 -10.33
N GLY A 76 -3.64 11.85 -11.06
CA GLY A 76 -2.66 11.91 -12.14
C GLY A 76 -1.75 10.69 -12.16
N VAL A 77 -2.35 9.53 -12.37
CA VAL A 77 -1.60 8.27 -12.42
C VAL A 77 -1.98 7.46 -13.65
N LYS A 78 -0.97 6.95 -14.35
CA LYS A 78 -1.20 6.14 -15.54
C LYS A 78 -0.99 4.65 -15.24
N PRO A 79 -1.59 3.79 -16.07
CA PRO A 79 -1.48 2.33 -15.91
C PRO A 79 -0.09 1.83 -16.24
N GLN A 80 0.32 0.76 -15.55
CA GLN A 80 1.64 0.17 -15.76
C GLN A 80 2.74 1.19 -15.52
N GLU A 81 2.61 1.95 -14.44
CA GLU A 81 3.59 2.97 -14.09
C GLU A 81 4.19 2.69 -12.71
N ILE A 82 5.27 3.42 -12.38
CA ILE A 82 5.93 3.25 -11.10
C ILE A 82 5.86 4.54 -10.28
N VAL A 83 5.33 4.43 -9.06
CA VAL A 83 5.21 5.58 -8.17
C VAL A 83 5.82 5.27 -6.80
N GLN A 84 5.69 6.23 -5.89
CA GLN A 84 6.22 6.08 -4.55
C GLN A 84 5.32 6.77 -3.52
N VAL A 85 4.73 5.97 -2.64
CA VAL A 85 3.85 6.50 -1.60
C VAL A 85 4.30 6.06 -0.21
N GLU A 86 4.10 6.93 0.78
CA GLU A 86 4.48 6.64 2.15
C GLU A 86 3.25 6.39 3.02
N ILE A 87 3.34 5.39 3.89
CA ILE A 87 2.24 5.05 4.77
C ILE A 87 2.58 5.38 6.22
N PHE A 88 1.59 5.86 6.97
CA PHE A 88 1.79 6.21 8.38
C PHE A 88 0.44 6.35 9.09
N SER A 89 0.49 6.33 10.42
CA SER A 89 -0.72 6.45 11.22
C SER A 89 -0.70 7.75 12.04
N THR A 90 -1.86 8.37 12.18
CA THR A 90 -1.98 9.61 12.93
C THR A 90 -1.88 9.37 14.42
N ASN A 91 -2.45 8.25 14.88
CA ASN A 91 -2.42 7.89 16.29
C ASN A 91 -1.54 6.67 16.52
N PRO A 92 -0.23 6.89 16.59
CA PRO A 92 0.75 5.81 16.81
C PRO A 92 0.68 5.25 18.22
N ASP A 93 0.42 6.12 19.19
CA ASP A 93 0.32 5.70 20.59
C ASP A 93 -0.82 4.71 20.77
N LEU A 94 -1.93 4.95 20.09
CA LEU A 94 -3.10 4.09 20.18
C LEU A 94 -3.01 2.93 19.18
N TYR A 95 -2.75 3.27 17.93
CA TYR A 95 -2.64 2.26 16.87
C TYR A 95 -1.31 2.41 16.13
N PRO A 96 -0.24 1.86 16.72
CA PRO A 96 1.10 1.91 16.13
C PRO A 96 1.21 1.03 14.89
N VAL A 97 1.83 1.57 13.84
CA VAL A 97 2.01 0.85 12.60
C VAL A 97 3.12 -0.20 12.73
N ARG A 98 2.74 -1.47 12.55
CA ARG A 98 3.70 -2.57 12.66
C ARG A 98 4.21 -2.96 11.28
N ARG A 99 5.12 -3.93 11.26
CA ARG A 99 5.71 -4.40 10.00
C ARG A 99 4.96 -5.63 9.49
N ILE A 100 5.31 -6.06 8.27
CA ILE A 100 4.66 -7.21 7.67
C ILE A 100 5.67 -8.05 6.89
N ASP A 101 5.52 -9.37 6.97
CA ASP A 101 6.42 -10.28 6.26
C ASP A 101 6.30 -10.11 4.75
N GLY A 102 7.10 -10.87 4.01
CA GLY A 102 7.07 -10.78 2.57
C GLY A 102 8.45 -10.90 1.94
N LEU A 103 8.50 -10.99 0.62
CA LEU A 103 9.76 -11.11 -0.09
C LEU A 103 10.25 -9.75 -0.58
N THR A 104 11.26 -9.21 0.09
CA THR A 104 11.81 -7.92 -0.26
C THR A 104 13.30 -8.02 -0.57
N ASP A 105 13.87 -6.96 -1.13
CA ASP A 105 15.28 -6.93 -1.47
C ASP A 105 15.63 -8.03 -2.46
N VAL A 106 14.74 -8.25 -3.43
CA VAL A 106 14.94 -9.27 -4.44
C VAL A 106 16.19 -8.98 -5.27
N SER A 107 17.15 -9.90 -5.22
CA SER A 107 18.39 -9.75 -5.97
C SER A 107 18.72 -11.01 -6.76
N GLN A 108 19.34 -10.82 -7.93
CA GLN A 108 19.69 -11.94 -8.78
C GLN A 108 21.21 -12.17 -8.78
N ILE A 109 21.80 -12.09 -7.60
CA ILE A 109 23.23 -12.28 -7.45
C ILE A 109 23.60 -13.76 -7.52
N ILE A 110 22.71 -14.60 -6.99
CA ILE A 110 22.94 -16.05 -7.00
C ILE A 110 23.30 -16.54 -8.39
N THR A 111 23.99 -17.68 -8.44
CA THR A 111 24.39 -18.26 -9.71
C THR A 111 23.26 -18.23 -10.73
N VAL A 112 23.29 -17.26 -11.62
CA VAL A 112 22.26 -17.12 -12.64
C VAL A 112 22.88 -16.82 -14.02
N SER A 113 22.27 -17.36 -15.06
CA SER A 113 22.77 -17.16 -16.42
C SER A 113 23.34 -15.76 -16.59
N GLY A 114 24.59 -15.68 -17.04
CA GLY A 114 25.22 -14.40 -17.24
C GLY A 114 25.27 -13.98 -18.69
N PRO A 115 25.66 -12.72 -18.94
CA PRO A 115 25.75 -12.17 -20.30
C PRO A 115 26.89 -12.80 -21.10
N SER A 116 27.21 -12.19 -22.24
CA SER A 116 28.28 -12.68 -23.09
C SER A 116 28.55 -11.72 -24.24
N SER A 117 29.75 -11.78 -24.80
CA SER A 117 30.14 -10.91 -25.90
C SER A 117 31.48 -11.35 -26.49
N GLY A 118 31.60 -11.22 -27.82
CA GLY A 118 32.82 -11.60 -28.49
C GLY A 118 32.58 -12.11 -29.90
N GLY A 1 -11.01 -3.65 -14.40
CA GLY A 1 -10.94 -4.80 -13.52
C GLY A 1 -12.26 -5.54 -13.44
N SER A 2 -13.02 -5.29 -12.36
CA SER A 2 -14.30 -5.93 -12.16
C SER A 2 -14.16 -7.45 -12.26
N SER A 3 -13.10 -7.99 -11.66
CA SER A 3 -12.85 -9.42 -11.67
C SER A 3 -13.24 -10.05 -10.34
N GLY A 4 -13.80 -11.26 -10.41
CA GLY A 4 -14.22 -11.95 -9.20
C GLY A 4 -13.55 -13.31 -9.07
N SER A 5 -14.08 -14.30 -9.78
CA SER A 5 -13.54 -15.65 -9.73
C SER A 5 -12.80 -15.99 -11.02
N SER A 6 -11.50 -15.71 -11.05
CA SER A 6 -10.69 -15.99 -12.23
C SER A 6 -9.29 -16.44 -11.83
N GLY A 7 -8.85 -17.56 -12.41
CA GLY A 7 -7.53 -18.09 -12.10
C GLY A 7 -6.51 -16.99 -11.86
N GLN A 8 -5.92 -16.48 -12.93
CA GLN A 8 -4.92 -15.43 -12.83
C GLN A 8 -4.59 -14.86 -14.20
N GLU A 9 -4.95 -13.60 -14.42
CA GLU A 9 -4.70 -12.94 -15.69
C GLU A 9 -3.30 -12.30 -15.70
N SER A 10 -2.58 -12.51 -16.80
CA SER A 10 -1.24 -11.96 -16.94
C SER A 10 -1.24 -10.69 -17.77
N VAL A 11 -2.23 -9.82 -17.50
CA VAL A 11 -2.35 -8.56 -18.23
C VAL A 11 -2.47 -7.39 -17.25
N GLU A 12 -1.68 -6.36 -17.50
CA GLU A 12 -1.70 -5.16 -16.65
C GLU A 12 -1.96 -3.91 -17.48
N ASP A 13 -2.86 -4.02 -18.44
CA ASP A 13 -3.20 -2.90 -19.30
C ASP A 13 -3.39 -1.62 -18.49
N SER A 14 -4.09 -1.74 -17.36
CA SER A 14 -4.34 -0.59 -16.50
C SER A 14 -3.50 -0.69 -15.23
N LEU A 15 -3.40 -1.88 -14.68
CA LEU A 15 -2.62 -2.11 -13.46
C LEU A 15 -1.33 -1.29 -13.49
N ALA A 16 -0.90 -0.83 -12.31
CA ALA A 16 0.31 -0.04 -12.20
C ALA A 16 1.10 -0.43 -10.95
N THR A 17 2.41 -0.16 -10.97
CA THR A 17 3.28 -0.49 -9.85
C THR A 17 3.27 0.63 -8.81
N VAL A 18 2.65 0.36 -7.67
CA VAL A 18 2.57 1.34 -6.59
C VAL A 18 3.44 0.92 -5.41
N LYS A 19 4.62 1.54 -5.31
CA LYS A 19 5.54 1.24 -4.21
C LYS A 19 5.06 1.84 -2.91
N VAL A 20 5.02 1.02 -1.86
CA VAL A 20 4.58 1.49 -0.55
C VAL A 20 5.74 1.53 0.44
N VAL A 21 5.87 2.65 1.14
CA VAL A 21 6.94 2.82 2.12
C VAL A 21 6.38 3.14 3.49
N LEU A 22 6.86 2.43 4.51
CA LEU A 22 6.40 2.65 5.87
C LEU A 22 7.18 3.79 6.53
N ILE A 23 6.44 4.75 7.08
CA ILE A 23 7.07 5.90 7.75
C ILE A 23 7.67 5.50 9.09
N PRO A 24 6.83 4.95 9.97
CA PRO A 24 7.26 4.52 11.30
C PRO A 24 8.15 3.28 11.25
N VAL A 25 8.04 2.52 10.15
CA VAL A 25 8.83 1.32 9.98
C VAL A 25 10.01 1.57 9.04
N GLY A 26 9.70 2.01 7.82
CA GLY A 26 10.74 2.27 6.84
C GLY A 26 10.93 1.13 5.86
N GLN A 27 10.05 0.14 5.94
CA GLN A 27 10.12 -1.01 5.04
C GLN A 27 9.49 -0.70 3.70
N GLU A 28 10.01 -1.32 2.64
CA GLU A 28 9.50 -1.10 1.30
C GLU A 28 8.69 -2.30 0.82
N ILE A 29 7.50 -2.04 0.30
CA ILE A 29 6.63 -3.10 -0.20
C ILE A 29 6.17 -2.82 -1.63
N VAL A 30 5.92 -3.88 -2.38
CA VAL A 30 5.47 -3.74 -3.76
C VAL A 30 4.23 -4.60 -4.02
N ILE A 31 3.19 -3.96 -4.54
CA ILE A 31 1.94 -4.65 -4.84
C ILE A 31 1.19 -3.95 -5.96
N PRO A 32 0.65 -4.75 -6.90
CA PRO A 32 -0.11 -4.23 -8.04
C PRO A 32 -1.46 -3.66 -7.63
N PHE A 33 -1.84 -2.55 -8.24
CA PHE A 33 -3.11 -1.91 -7.95
C PHE A 33 -3.68 -1.21 -9.16
N LYS A 34 -4.99 -1.05 -9.20
CA LYS A 34 -5.67 -0.39 -10.32
C LYS A 34 -5.58 1.13 -10.20
N VAL A 35 -5.32 1.80 -11.31
CA VAL A 35 -5.21 3.25 -11.33
C VAL A 35 -6.59 3.90 -11.45
N ASP A 36 -7.55 3.14 -11.97
CA ASP A 36 -8.91 3.64 -12.13
C ASP A 36 -9.80 3.18 -10.99
N THR A 37 -9.19 2.61 -9.96
CA THR A 37 -9.92 2.12 -8.80
C THR A 37 -9.54 2.88 -7.54
N ILE A 38 -10.53 3.18 -6.71
CA ILE A 38 -10.30 3.91 -5.47
C ILE A 38 -9.12 3.34 -4.70
N LEU A 39 -8.71 4.02 -3.63
CA LEU A 39 -7.60 3.57 -2.81
C LEU A 39 -8.08 2.69 -1.67
N LYS A 40 -9.31 2.94 -1.22
CA LYS A 40 -9.90 2.17 -0.13
C LYS A 40 -9.39 0.72 -0.14
N TYR A 41 -9.84 -0.04 -1.13
CA TYR A 41 -9.43 -1.43 -1.25
C TYR A 41 -8.00 -1.63 -0.79
N LEU A 42 -7.11 -0.73 -1.23
CA LEU A 42 -5.70 -0.81 -0.87
C LEU A 42 -5.50 -0.44 0.60
N LYS A 43 -6.19 0.60 1.05
CA LYS A 43 -6.09 1.05 2.43
C LYS A 43 -6.37 -0.10 3.40
N ASP A 44 -7.61 -0.58 3.39
CA ASP A 44 -8.01 -1.68 4.27
C ASP A 44 -7.00 -2.83 4.18
N HIS A 45 -6.67 -3.22 2.95
CA HIS A 45 -5.72 -4.31 2.74
C HIS A 45 -4.64 -4.31 3.81
N PHE A 46 -4.19 -3.12 4.19
CA PHE A 46 -3.15 -2.97 5.20
C PHE A 46 -3.76 -2.85 6.59
N SER A 47 -4.65 -1.88 6.76
CA SER A 47 -5.31 -1.65 8.04
C SER A 47 -5.60 -2.97 8.74
N HIS A 48 -6.55 -3.73 8.20
CA HIS A 48 -6.92 -5.01 8.77
C HIS A 48 -5.68 -5.83 9.12
N LEU A 49 -4.81 -6.02 8.15
CA LEU A 49 -3.58 -6.79 8.34
C LEU A 49 -2.86 -6.33 9.61
N LEU A 50 -2.43 -5.07 9.61
CA LEU A 50 -1.73 -4.50 10.75
C LEU A 50 -2.55 -4.66 12.03
N GLY A 51 -3.87 -4.72 11.88
CA GLY A 51 -4.74 -4.87 13.02
C GLY A 51 -5.21 -3.54 13.58
N ILE A 52 -5.07 -2.48 12.78
CA ILE A 52 -5.48 -1.15 13.19
C ILE A 52 -6.51 -0.57 12.22
N PRO A 53 -7.38 0.32 12.75
CA PRO A 53 -8.42 0.97 11.94
C PRO A 53 -7.84 1.97 10.95
N HIS A 54 -8.44 2.02 9.76
CA HIS A 54 -8.00 2.94 8.72
C HIS A 54 -8.25 4.38 9.11
N SER A 55 -9.03 4.57 10.17
CA SER A 55 -9.36 5.91 10.66
C SER A 55 -8.08 6.68 11.00
N VAL A 56 -7.27 6.11 11.88
CA VAL A 56 -6.02 6.74 12.29
C VAL A 56 -4.98 6.67 11.19
N LEU A 57 -4.96 5.57 10.45
CA LEU A 57 -4.03 5.38 9.36
C LEU A 57 -4.34 6.30 8.19
N GLN A 58 -3.31 6.86 7.59
CA GLN A 58 -3.47 7.77 6.46
C GLN A 58 -2.45 7.47 5.36
N ILE A 59 -2.64 8.07 4.20
CA ILE A 59 -1.74 7.88 3.07
C ILE A 59 -1.33 9.21 2.46
N ARG A 60 -0.03 9.45 2.38
CA ARG A 60 0.49 10.69 1.81
C ARG A 60 1.17 10.42 0.48
N TYR A 61 0.83 11.23 -0.52
CA TYR A 61 1.41 11.08 -1.86
C TYR A 61 1.72 12.44 -2.46
N SER A 62 2.97 12.62 -2.88
CA SER A 62 3.41 13.87 -3.48
C SER A 62 3.12 15.05 -2.55
N GLY A 63 3.13 14.78 -1.25
CA GLY A 63 2.86 15.83 -0.27
C GLY A 63 1.39 16.15 -0.16
N LYS A 64 0.55 15.28 -0.69
CA LYS A 64 -0.89 15.47 -0.65
C LYS A 64 -1.58 14.38 0.16
N ILE A 65 -2.76 14.68 0.69
CA ILE A 65 -3.51 13.71 1.49
C ILE A 65 -4.56 13.01 0.64
N LEU A 66 -4.26 11.78 0.24
CA LEU A 66 -5.18 10.99 -0.57
C LEU A 66 -6.41 10.58 0.24
N LYS A 67 -7.29 9.81 -0.39
CA LYS A 67 -8.50 9.34 0.27
C LYS A 67 -9.15 8.21 -0.51
N ASN A 68 -10.25 7.69 0.01
CA ASN A 68 -10.97 6.59 -0.65
C ASN A 68 -11.63 7.07 -1.93
N ASN A 69 -12.67 7.87 -1.79
CA ASN A 69 -13.41 8.40 -2.94
C ASN A 69 -12.43 8.88 -4.02
N GLU A 70 -11.23 9.26 -3.59
CA GLU A 70 -10.22 9.74 -4.52
C GLU A 70 -9.56 8.58 -5.26
N THR A 71 -9.15 8.83 -6.50
CA THR A 71 -8.50 7.80 -7.31
C THR A 71 -7.10 8.23 -7.73
N LEU A 72 -6.29 7.26 -8.14
CA LEU A 72 -4.92 7.54 -8.57
C LEU A 72 -4.91 8.41 -9.82
N VAL A 73 -5.76 8.07 -10.78
CA VAL A 73 -5.86 8.80 -12.03
C VAL A 73 -6.40 10.21 -11.80
N GLN A 74 -7.09 10.39 -10.68
CA GLN A 74 -7.67 11.69 -10.33
C GLN A 74 -6.59 12.63 -9.82
N HIS A 75 -5.52 12.07 -9.25
CA HIS A 75 -4.42 12.86 -8.73
C HIS A 75 -3.35 13.09 -9.79
N GLY A 76 -3.33 12.23 -10.80
CA GLY A 76 -2.36 12.36 -11.87
C GLY A 76 -1.52 11.11 -12.04
N VAL A 77 -2.19 9.96 -12.17
CA VAL A 77 -1.50 8.69 -12.34
C VAL A 77 -1.99 7.97 -13.59
N LYS A 78 -1.05 7.42 -14.35
CA LYS A 78 -1.37 6.69 -15.58
C LYS A 78 -1.17 5.19 -15.39
N PRO A 79 -1.80 4.40 -16.26
CA PRO A 79 -1.71 2.93 -16.22
C PRO A 79 -0.32 2.43 -16.61
N GLN A 80 0.11 1.34 -15.99
CA GLN A 80 1.42 0.76 -16.27
C GLN A 80 2.54 1.73 -15.92
N GLU A 81 2.38 2.41 -14.78
CA GLU A 81 3.38 3.37 -14.33
C GLU A 81 3.84 3.04 -12.91
N ILE A 82 4.99 3.59 -12.53
CA ILE A 82 5.54 3.36 -11.19
C ILE A 82 5.50 4.64 -10.36
N VAL A 83 5.04 4.50 -9.11
CA VAL A 83 4.97 5.63 -8.20
C VAL A 83 5.50 5.28 -6.82
N GLN A 84 5.42 6.23 -5.90
CA GLN A 84 5.90 6.01 -4.54
C GLN A 84 5.02 6.73 -3.53
N VAL A 85 4.43 5.96 -2.62
CA VAL A 85 3.54 6.51 -1.60
C VAL A 85 4.09 6.23 -0.19
N GLU A 86 3.60 6.99 0.78
CA GLU A 86 4.03 6.82 2.16
C GLU A 86 2.86 6.49 3.07
N ILE A 87 3.08 5.57 4.02
CA ILE A 87 2.03 5.17 4.95
C ILE A 87 2.42 5.50 6.39
N PHE A 88 1.44 5.95 7.17
CA PHE A 88 1.69 6.30 8.57
C PHE A 88 0.37 6.40 9.33
N SER A 89 0.47 6.57 10.65
CA SER A 89 -0.71 6.67 11.50
C SER A 89 -0.74 8.01 12.22
N THR A 90 -1.92 8.63 12.24
CA THR A 90 -2.09 9.92 12.90
C THR A 90 -1.84 9.82 14.40
N ASN A 91 -2.24 8.70 14.99
CA ASN A 91 -2.06 8.48 16.42
C ASN A 91 -1.38 7.13 16.67
N PRO A 92 -0.04 7.13 16.65
CA PRO A 92 0.76 5.93 16.88
C PRO A 92 0.69 5.45 18.32
N ASP A 93 0.25 6.34 19.22
CA ASP A 93 0.14 6.01 20.63
C ASP A 93 -0.98 5.00 20.86
N LEU A 94 -2.06 5.13 20.11
CA LEU A 94 -3.20 4.22 20.24
C LEU A 94 -3.06 3.04 19.29
N TYR A 95 -2.84 3.33 18.01
CA TYR A 95 -2.68 2.28 17.01
C TYR A 95 -1.39 2.48 16.22
N PRO A 96 -0.26 2.09 16.82
CA PRO A 96 1.06 2.21 16.19
C PRO A 96 1.23 1.25 15.02
N VAL A 97 1.89 1.72 13.97
CA VAL A 97 2.12 0.90 12.78
C VAL A 97 3.25 -0.09 13.01
N ARG A 98 3.10 -1.29 12.47
CA ARG A 98 4.12 -2.33 12.62
C ARG A 98 4.63 -2.78 11.26
N ARG A 99 5.51 -3.78 11.26
CA ARG A 99 6.08 -4.31 10.03
C ARG A 99 5.41 -5.62 9.63
N ILE A 100 5.30 -5.85 8.33
CA ILE A 100 4.68 -7.08 7.82
C ILE A 100 5.70 -7.96 7.11
N ASP A 101 5.64 -9.26 7.39
CA ASP A 101 6.55 -10.21 6.78
C ASP A 101 5.98 -10.73 5.46
N GLY A 102 6.83 -11.42 4.69
CA GLY A 102 6.40 -11.97 3.42
C GLY A 102 6.57 -13.48 3.34
N LEU A 103 5.77 -14.12 2.50
CA LEU A 103 5.83 -15.56 2.34
C LEU A 103 7.21 -16.00 1.85
N THR A 104 8.01 -15.02 1.42
CA THR A 104 9.36 -15.30 0.92
C THR A 104 10.25 -15.86 2.03
N ASP A 105 10.18 -15.25 3.21
CA ASP A 105 10.97 -15.68 4.35
C ASP A 105 10.19 -16.65 5.22
N VAL A 106 10.81 -17.77 5.57
CA VAL A 106 10.16 -18.78 6.41
C VAL A 106 10.47 -18.55 7.89
N SER A 107 9.45 -18.66 8.73
CA SER A 107 9.62 -18.46 10.16
C SER A 107 9.03 -19.63 10.94
N GLN A 108 9.87 -20.60 11.26
CA GLN A 108 9.43 -21.78 12.01
C GLN A 108 9.92 -21.72 13.45
N ILE A 109 11.20 -21.38 13.62
CA ILE A 109 11.80 -21.29 14.95
C ILE A 109 12.57 -19.98 15.12
N ILE A 110 11.85 -18.94 15.50
CA ILE A 110 12.46 -17.62 15.70
C ILE A 110 11.71 -16.81 16.74
N THR A 111 12.44 -16.09 17.58
CA THR A 111 11.83 -15.27 18.62
C THR A 111 11.46 -13.89 18.08
N VAL A 112 10.17 -13.60 18.05
CA VAL A 112 9.68 -12.31 17.56
C VAL A 112 9.40 -11.36 18.72
N SER A 113 9.70 -10.08 18.52
CA SER A 113 9.49 -9.07 19.54
C SER A 113 8.22 -9.37 20.34
N GLY A 114 8.30 -9.17 21.66
CA GLY A 114 7.16 -9.43 22.51
C GLY A 114 6.53 -8.15 23.04
N PRO A 115 5.85 -7.42 22.15
CA PRO A 115 5.17 -6.16 22.50
C PRO A 115 3.97 -6.38 23.41
N SER A 116 3.54 -7.63 23.52
CA SER A 116 2.39 -7.98 24.34
C SER A 116 1.16 -7.17 23.93
N SER A 117 0.88 -7.15 22.64
CA SER A 117 -0.26 -6.41 22.12
C SER A 117 -1.47 -7.33 21.93
N GLY A 118 -2.60 -6.92 22.48
CA GLY A 118 -3.81 -7.72 22.36
C GLY A 118 -4.71 -7.25 21.23
#